data_2HUJ
# 
_entry.id   2HUJ 
# 
_audit_conform.dict_name       mmcif_pdbx.dic 
_audit_conform.dict_version    5.398 
_audit_conform.dict_location   http://mmcif.pdb.org/dictionaries/ascii/mmcif_pdbx.dic 
# 
loop_
_database_2.database_id 
_database_2.database_code 
_database_2.pdbx_database_accession 
_database_2.pdbx_DOI 
PDB   2HUJ         pdb_00002huj 10.2210/pdb2huj/pdb 
RCSB  RCSB038777   ?            ?                   
WWPDB D_1000038777 ?            ?                   
# 
loop_
_pdbx_audit_revision_history.ordinal 
_pdbx_audit_revision_history.data_content_type 
_pdbx_audit_revision_history.major_revision 
_pdbx_audit_revision_history.minor_revision 
_pdbx_audit_revision_history.revision_date 
1 'Structure model' 1 0 2006-08-08 
2 'Structure model' 1 1 2008-05-01 
3 'Structure model' 1 2 2011-07-13 
4 'Structure model' 1 3 2017-10-18 
5 'Structure model' 1 4 2023-01-25 
6 'Structure model' 1 5 2024-11-13 
# 
_pdbx_audit_revision_details.ordinal             1 
_pdbx_audit_revision_details.revision_ordinal    1 
_pdbx_audit_revision_details.data_content_type   'Structure model' 
_pdbx_audit_revision_details.provider            repository 
_pdbx_audit_revision_details.type                'Initial release' 
_pdbx_audit_revision_details.description         ? 
_pdbx_audit_revision_details.details             ? 
# 
loop_
_pdbx_audit_revision_group.ordinal 
_pdbx_audit_revision_group.revision_ordinal 
_pdbx_audit_revision_group.data_content_type 
_pdbx_audit_revision_group.group 
1 2 'Structure model' 'Version format compliance' 
2 3 'Structure model' Advisory                    
3 3 'Structure model' 'Version format compliance' 
4 4 'Structure model' 'Refinement description'    
5 5 'Structure model' 'Database references'       
6 5 'Structure model' 'Derived calculations'      
7 6 'Structure model' 'Data collection'           
8 6 'Structure model' 'Structure summary'         
# 
loop_
_pdbx_audit_revision_category.ordinal 
_pdbx_audit_revision_category.revision_ordinal 
_pdbx_audit_revision_category.data_content_type 
_pdbx_audit_revision_category.category 
1 4 'Structure model' software                  
2 5 'Structure model' database_2                
3 5 'Structure model' struct_conn               
4 5 'Structure model' struct_ref_seq_dif        
5 6 'Structure model' chem_comp_atom            
6 6 'Structure model' chem_comp_bond            
7 6 'Structure model' pdbx_entry_details        
8 6 'Structure model' pdbx_modification_feature 
# 
loop_
_pdbx_audit_revision_item.ordinal 
_pdbx_audit_revision_item.revision_ordinal 
_pdbx_audit_revision_item.data_content_type 
_pdbx_audit_revision_item.item 
1 4 'Structure model' '_software.classification'            
2 4 'Structure model' '_software.name'                      
3 5 'Structure model' '_database_2.pdbx_DOI'                
4 5 'Structure model' '_database_2.pdbx_database_accession' 
5 5 'Structure model' '_struct_conn.pdbx_leaving_atom_flag' 
6 5 'Structure model' '_struct_ref_seq_dif.details'         
# 
_pdbx_database_status.SG_entry                        Y 
_pdbx_database_status.entry_id                        2HUJ 
_pdbx_database_status.deposit_site                    RCSB 
_pdbx_database_status.process_site                    RCSB 
_pdbx_database_status.recvd_initial_deposition_date   2006-07-26 
_pdbx_database_status.status_code                     REL 
_pdbx_database_status.status_code_sf                  REL 
_pdbx_database_status.status_code_mr                  ? 
_pdbx_database_status.pdb_format_compatible           Y 
_pdbx_database_status.status_code_cs                  ? 
_pdbx_database_status.methods_development_category    ? 
_pdbx_database_status.status_code_nmr_data            ? 
# 
_pdbx_database_related.db_name        TargetDB 
_pdbx_database_related.db_id          367190 
_pdbx_database_related.details        . 
_pdbx_database_related.content_type   unspecified 
# 
_audit_author.name           'Joint Center for Structural Genomics (JCSG)' 
_audit_author.pdbx_ordinal   1 
# 
_citation.id                        primary 
_citation.title                     
'Crystal structures of MW1337R and lin2004: representatives of a novel protein family that adopt a four-helical bundle fold.' 
_citation.journal_abbrev            Proteins 
_citation.journal_volume            71 
_citation.page_first                1589 
_citation.page_last                 1596 
_citation.year                      2008 
_citation.journal_id_ASTM           PSFGEY 
_citation.country                   US 
_citation.journal_id_ISSN           0887-3585 
_citation.journal_id_CSD            0867 
_citation.book_publisher            ? 
_citation.pdbx_database_id_PubMed   18324683 
_citation.pdbx_database_id_DOI      10.1002/prot.22020 
# 
loop_
_citation_author.citation_id 
_citation_author.name 
_citation_author.ordinal 
_citation_author.identifier_ORCID 
primary 'Kozbial, P.'       1  ? 
primary 'Xu, Q.'            2  ? 
primary 'Chiu, H.J.'        3  ? 
primary 'McMullan, D.'      4  ? 
primary 'Krishna, S.S.'     5  ? 
primary 'Miller, M.D.'      6  ? 
primary 'Abdubek, P.'       7  ? 
primary 'Acosta, C.'        8  ? 
primary 'Astakhova, T.'     9  ? 
primary 'Axelrod, H.L.'     10 ? 
primary 'Carlton, D.'       11 ? 
primary 'Clayton, T.'       12 ? 
primary 'Deller, M.'        13 ? 
primary 'Duan, L.'          14 ? 
primary 'Elias, Y.'         15 ? 
primary 'Elsliger, M.A.'    16 ? 
primary 'Feuerhelm, J.'     17 ? 
primary 'Grzechnik, S.K.'   18 ? 
primary 'Hale, J.'          19 ? 
primary 'Han, G.W.'         20 ? 
primary 'Jaroszewski, L.'   21 ? 
primary 'Jin, K.K.'         22 ? 
primary 'Klock, H.E.'       23 ? 
primary 'Knuth, M.W.'       24 ? 
primary 'Koesema, E.'       25 ? 
primary 'Kumar, A.'         26 ? 
primary 'Marciano, D.'      27 ? 
primary 'Morse, A.T.'       28 ? 
primary 'Murphy, K.D.'      29 ? 
primary 'Nigoghossian, E.'  30 ? 
primary 'Okach, L.'         31 ? 
primary 'Oommachen, S.'     32 ? 
primary 'Reyes, R.'         33 ? 
primary 'Rife, C.L.'        34 ? 
primary 'Spraggon, G.'      35 ? 
primary 'Trout, C.V.'       36 ? 
primary 'van den Bedem, H.' 37 ? 
primary 'Weekes, D.'        38 ? 
primary 'White, A.'         39 ? 
primary 'Wolf, G.'          40 ? 
primary 'Zubieta, C.'       41 ? 
primary 'Hodgson, K.O.'     42 ? 
primary 'Wooley, J.'        43 ? 
primary 'Deacon, A.M.'      44 ? 
primary 'Godzik, A.'        45 ? 
primary 'Lesley, S.A.'      46 ? 
primary 'Wilson, I.A.'      47 ? 
# 
loop_
_entity.id 
_entity.type 
_entity.src_method 
_entity.pdbx_description 
_entity.formula_weight 
_entity.pdbx_number_of_molecules 
_entity.pdbx_ec 
_entity.pdbx_mutation 
_entity.pdbx_fragment 
_entity.details 
1 polymer man 'Lin2004 protein' 17219.670 1  ? ? ? ? 
2 water   nat water             18.015    97 ? ? ? ? 
# 
_entity_poly.entity_id                      1 
_entity_poly.type                           'polypeptide(L)' 
_entity_poly.nstd_linkage                   no 
_entity_poly.nstd_monomer                   yes 
_entity_poly.pdbx_seq_one_letter_code       
;(MSE)GSDKIHHHHHHENLYFQG(MSE)ELLIRTEQLLLQNEKNWELYLSNREEEKPFDFYKD(MSE)KPFVDEAKRCAD
DFLELAIPWVNTERPPYLGELQLRQACDNVQ(MSE)TAVSAFNGRSFYKHFLDHYQSTKYTLTRVRDFLKRKEES(MSE)
;
_entity_poly.pdbx_seq_one_letter_code_can   
;MGSDKIHHHHHHENLYFQGMELLIRTEQLLLQNEKNWELYLSNREEEKPFDFYKDMKPFVDEAKRCADDFLELAIPWVNT
ERPPYLGELQLRQACDNVQMTAVSAFNGRSFYKHFLDHYQSTKYTLTRVRDFLKRKEESM
;
_entity_poly.pdbx_strand_id                 A 
_entity_poly.pdbx_target_identifier         367190 
# 
_pdbx_entity_nonpoly.entity_id   2 
_pdbx_entity_nonpoly.name        water 
_pdbx_entity_nonpoly.comp_id     HOH 
# 
loop_
_entity_poly_seq.entity_id 
_entity_poly_seq.num 
_entity_poly_seq.mon_id 
_entity_poly_seq.hetero 
1 1   MSE n 
1 2   GLY n 
1 3   SER n 
1 4   ASP n 
1 5   LYS n 
1 6   ILE n 
1 7   HIS n 
1 8   HIS n 
1 9   HIS n 
1 10  HIS n 
1 11  HIS n 
1 12  HIS n 
1 13  GLU n 
1 14  ASN n 
1 15  LEU n 
1 16  TYR n 
1 17  PHE n 
1 18  GLN n 
1 19  GLY n 
1 20  MSE n 
1 21  GLU n 
1 22  LEU n 
1 23  LEU n 
1 24  ILE n 
1 25  ARG n 
1 26  THR n 
1 27  GLU n 
1 28  GLN n 
1 29  LEU n 
1 30  LEU n 
1 31  LEU n 
1 32  GLN n 
1 33  ASN n 
1 34  GLU n 
1 35  LYS n 
1 36  ASN n 
1 37  TRP n 
1 38  GLU n 
1 39  LEU n 
1 40  TYR n 
1 41  LEU n 
1 42  SER n 
1 43  ASN n 
1 44  ARG n 
1 45  GLU n 
1 46  GLU n 
1 47  GLU n 
1 48  LYS n 
1 49  PRO n 
1 50  PHE n 
1 51  ASP n 
1 52  PHE n 
1 53  TYR n 
1 54  LYS n 
1 55  ASP n 
1 56  MSE n 
1 57  LYS n 
1 58  PRO n 
1 59  PHE n 
1 60  VAL n 
1 61  ASP n 
1 62  GLU n 
1 63  ALA n 
1 64  LYS n 
1 65  ARG n 
1 66  CYS n 
1 67  ALA n 
1 68  ASP n 
1 69  ASP n 
1 70  PHE n 
1 71  LEU n 
1 72  GLU n 
1 73  LEU n 
1 74  ALA n 
1 75  ILE n 
1 76  PRO n 
1 77  TRP n 
1 78  VAL n 
1 79  ASN n 
1 80  THR n 
1 81  GLU n 
1 82  ARG n 
1 83  PRO n 
1 84  PRO n 
1 85  TYR n 
1 86  LEU n 
1 87  GLY n 
1 88  GLU n 
1 89  LEU n 
1 90  GLN n 
1 91  LEU n 
1 92  ARG n 
1 93  GLN n 
1 94  ALA n 
1 95  CYS n 
1 96  ASP n 
1 97  ASN n 
1 98  VAL n 
1 99  GLN n 
1 100 MSE n 
1 101 THR n 
1 102 ALA n 
1 103 VAL n 
1 104 SER n 
1 105 ALA n 
1 106 PHE n 
1 107 ASN n 
1 108 GLY n 
1 109 ARG n 
1 110 SER n 
1 111 PHE n 
1 112 TYR n 
1 113 LYS n 
1 114 HIS n 
1 115 PHE n 
1 116 LEU n 
1 117 ASP n 
1 118 HIS n 
1 119 TYR n 
1 120 GLN n 
1 121 SER n 
1 122 THR n 
1 123 LYS n 
1 124 TYR n 
1 125 THR n 
1 126 LEU n 
1 127 THR n 
1 128 ARG n 
1 129 VAL n 
1 130 ARG n 
1 131 ASP n 
1 132 PHE n 
1 133 LEU n 
1 134 LYS n 
1 135 ARG n 
1 136 LYS n 
1 137 GLU n 
1 138 GLU n 
1 139 SER n 
1 140 MSE n 
# 
_entity_src_gen.entity_id                          1 
_entity_src_gen.pdbx_src_id                        1 
_entity_src_gen.pdbx_alt_source_flag               sample 
_entity_src_gen.pdbx_seq_type                      ? 
_entity_src_gen.pdbx_beg_seq_num                   ? 
_entity_src_gen.pdbx_end_seq_num                   ? 
_entity_src_gen.gene_src_common_name               ? 
_entity_src_gen.gene_src_genus                     Listeria 
_entity_src_gen.pdbx_gene_src_gene                 NP_471338.1 
_entity_src_gen.gene_src_species                   ? 
_entity_src_gen.gene_src_strain                    ? 
_entity_src_gen.gene_src_tissue                    ? 
_entity_src_gen.gene_src_tissue_fraction           ? 
_entity_src_gen.gene_src_details                   ? 
_entity_src_gen.pdbx_gene_src_fragment             ? 
_entity_src_gen.pdbx_gene_src_scientific_name      'Listeria innocua' 
_entity_src_gen.pdbx_gene_src_ncbi_taxonomy_id     1642 
_entity_src_gen.pdbx_gene_src_variant              ? 
_entity_src_gen.pdbx_gene_src_cell_line            ? 
_entity_src_gen.pdbx_gene_src_atcc                 ? 
_entity_src_gen.pdbx_gene_src_organ                ? 
_entity_src_gen.pdbx_gene_src_organelle            ? 
_entity_src_gen.pdbx_gene_src_cell                 ? 
_entity_src_gen.pdbx_gene_src_cellular_location    ? 
_entity_src_gen.host_org_common_name               ? 
_entity_src_gen.pdbx_host_org_scientific_name      'Escherichia coli' 
_entity_src_gen.pdbx_host_org_ncbi_taxonomy_id     562 
_entity_src_gen.host_org_genus                     Escherichia 
_entity_src_gen.pdbx_host_org_gene                 ? 
_entity_src_gen.pdbx_host_org_organ                ? 
_entity_src_gen.host_org_species                   ? 
_entity_src_gen.pdbx_host_org_tissue               ? 
_entity_src_gen.pdbx_host_org_tissue_fraction      ? 
_entity_src_gen.pdbx_host_org_strain               ? 
_entity_src_gen.pdbx_host_org_variant              ? 
_entity_src_gen.pdbx_host_org_cell_line            ? 
_entity_src_gen.pdbx_host_org_atcc                 ? 
_entity_src_gen.pdbx_host_org_culture_collection   ? 
_entity_src_gen.pdbx_host_org_cell                 ? 
_entity_src_gen.pdbx_host_org_organelle            ? 
_entity_src_gen.pdbx_host_org_cellular_location    ? 
_entity_src_gen.pdbx_host_org_vector_type          Plasmid 
_entity_src_gen.pdbx_host_org_vector               ? 
_entity_src_gen.host_org_details                   ? 
_entity_src_gen.expression_system_id               ? 
_entity_src_gen.plasmid_name                       ? 
_entity_src_gen.plasmid_details                    ? 
_entity_src_gen.pdbx_description                   ? 
# 
loop_
_chem_comp.id 
_chem_comp.type 
_chem_comp.mon_nstd_flag 
_chem_comp.name 
_chem_comp.pdbx_synonyms 
_chem_comp.formula 
_chem_comp.formula_weight 
ALA 'L-peptide linking' y ALANINE          ? 'C3 H7 N O2'     89.093  
ARG 'L-peptide linking' y ARGININE         ? 'C6 H15 N4 O2 1' 175.209 
ASN 'L-peptide linking' y ASPARAGINE       ? 'C4 H8 N2 O3'    132.118 
ASP 'L-peptide linking' y 'ASPARTIC ACID'  ? 'C4 H7 N O4'     133.103 
CYS 'L-peptide linking' y CYSTEINE         ? 'C3 H7 N O2 S'   121.158 
GLN 'L-peptide linking' y GLUTAMINE        ? 'C5 H10 N2 O3'   146.144 
GLU 'L-peptide linking' y 'GLUTAMIC ACID'  ? 'C5 H9 N O4'     147.129 
GLY 'peptide linking'   y GLYCINE          ? 'C2 H5 N O2'     75.067  
HIS 'L-peptide linking' y HISTIDINE        ? 'C6 H10 N3 O2 1' 156.162 
HOH non-polymer         . WATER            ? 'H2 O'           18.015  
ILE 'L-peptide linking' y ISOLEUCINE       ? 'C6 H13 N O2'    131.173 
LEU 'L-peptide linking' y LEUCINE          ? 'C6 H13 N O2'    131.173 
LYS 'L-peptide linking' y LYSINE           ? 'C6 H15 N2 O2 1' 147.195 
MET 'L-peptide linking' y METHIONINE       ? 'C5 H11 N O2 S'  149.211 
MSE 'L-peptide linking' n SELENOMETHIONINE ? 'C5 H11 N O2 Se' 196.106 
PHE 'L-peptide linking' y PHENYLALANINE    ? 'C9 H11 N O2'    165.189 
PRO 'L-peptide linking' y PROLINE          ? 'C5 H9 N O2'     115.130 
SER 'L-peptide linking' y SERINE           ? 'C3 H7 N O3'     105.093 
THR 'L-peptide linking' y THREONINE        ? 'C4 H9 N O3'     119.119 
TRP 'L-peptide linking' y TRYPTOPHAN       ? 'C11 H12 N2 O2'  204.225 
TYR 'L-peptide linking' y TYROSINE         ? 'C9 H11 N O3'    181.189 
VAL 'L-peptide linking' y VALINE           ? 'C5 H11 N O2'    117.146 
# 
loop_
_pdbx_poly_seq_scheme.asym_id 
_pdbx_poly_seq_scheme.entity_id 
_pdbx_poly_seq_scheme.seq_id 
_pdbx_poly_seq_scheme.mon_id 
_pdbx_poly_seq_scheme.ndb_seq_num 
_pdbx_poly_seq_scheme.pdb_seq_num 
_pdbx_poly_seq_scheme.auth_seq_num 
_pdbx_poly_seq_scheme.pdb_mon_id 
_pdbx_poly_seq_scheme.auth_mon_id 
_pdbx_poly_seq_scheme.pdb_strand_id 
_pdbx_poly_seq_scheme.pdb_ins_code 
_pdbx_poly_seq_scheme.hetero 
A 1 1   MSE 1   -18 ?   ?   ?   A . n 
A 1 2   GLY 2   -17 ?   ?   ?   A . n 
A 1 3   SER 3   -16 ?   ?   ?   A . n 
A 1 4   ASP 4   -15 ?   ?   ?   A . n 
A 1 5   LYS 5   -14 ?   ?   ?   A . n 
A 1 6   ILE 6   -13 ?   ?   ?   A . n 
A 1 7   HIS 7   -12 ?   ?   ?   A . n 
A 1 8   HIS 8   -11 ?   ?   ?   A . n 
A 1 9   HIS 9   -10 ?   ?   ?   A . n 
A 1 10  HIS 10  -9  ?   ?   ?   A . n 
A 1 11  HIS 11  -8  ?   ?   ?   A . n 
A 1 12  HIS 12  -7  ?   ?   ?   A . n 
A 1 13  GLU 13  -6  ?   ?   ?   A . n 
A 1 14  ASN 14  -5  ?   ?   ?   A . n 
A 1 15  LEU 15  -4  -4  LEU LEU A . n 
A 1 16  TYR 16  -3  -3  TYR TYR A . n 
A 1 17  PHE 17  -2  -2  PHE PHE A . n 
A 1 18  GLN 18  -1  -1  GLN GLN A . n 
A 1 19  GLY 19  0   0   GLY GLY A . n 
A 1 20  MSE 20  1   1   MSE MSE A . n 
A 1 21  GLU 21  2   2   GLU GLU A . n 
A 1 22  LEU 22  3   3   LEU LEU A . n 
A 1 23  LEU 23  4   4   LEU LEU A . n 
A 1 24  ILE 24  5   5   ILE ILE A . n 
A 1 25  ARG 25  6   6   ARG ARG A . n 
A 1 26  THR 26  7   7   THR THR A . n 
A 1 27  GLU 27  8   8   GLU GLU A . n 
A 1 28  GLN 28  9   9   GLN GLN A . n 
A 1 29  LEU 29  10  10  LEU LEU A . n 
A 1 30  LEU 30  11  11  LEU LEU A . n 
A 1 31  LEU 31  12  12  LEU LEU A . n 
A 1 32  GLN 32  13  13  GLN GLN A . n 
A 1 33  ASN 33  14  14  ASN ASN A . n 
A 1 34  GLU 34  15  15  GLU GLU A . n 
A 1 35  LYS 35  16  16  LYS LYS A . n 
A 1 36  ASN 36  17  17  ASN ASN A . n 
A 1 37  TRP 37  18  18  TRP TRP A . n 
A 1 38  GLU 38  19  19  GLU GLU A . n 
A 1 39  LEU 39  20  20  LEU LEU A . n 
A 1 40  TYR 40  21  21  TYR TYR A . n 
A 1 41  LEU 41  22  22  LEU LEU A . n 
A 1 42  SER 42  23  23  SER SER A . n 
A 1 43  ASN 43  24  24  ASN ASN A . n 
A 1 44  ARG 44  25  25  ARG ARG A . n 
A 1 45  GLU 45  26  26  GLU GLU A . n 
A 1 46  GLU 46  27  27  GLU GLU A . n 
A 1 47  GLU 47  28  28  GLU GLU A . n 
A 1 48  LYS 48  29  29  LYS LYS A . n 
A 1 49  PRO 49  30  30  PRO PRO A . n 
A 1 50  PHE 50  31  31  PHE PHE A . n 
A 1 51  ASP 51  32  32  ASP ASP A . n 
A 1 52  PHE 52  33  33  PHE PHE A . n 
A 1 53  TYR 53  34  34  TYR TYR A . n 
A 1 54  LYS 54  35  35  LYS LYS A . n 
A 1 55  ASP 55  36  36  ASP ASP A . n 
A 1 56  MSE 56  37  37  MSE MSE A . n 
A 1 57  LYS 57  38  38  LYS LYS A . n 
A 1 58  PRO 58  39  39  PRO PRO A . n 
A 1 59  PHE 59  40  40  PHE PHE A . n 
A 1 60  VAL 60  41  41  VAL VAL A . n 
A 1 61  ASP 61  42  42  ASP ASP A . n 
A 1 62  GLU 62  43  43  GLU GLU A . n 
A 1 63  ALA 63  44  44  ALA ALA A . n 
A 1 64  LYS 64  45  45  LYS LYS A . n 
A 1 65  ARG 65  46  46  ARG ARG A . n 
A 1 66  CYS 66  47  47  CYS CYS A . n 
A 1 67  ALA 67  48  48  ALA ALA A . n 
A 1 68  ASP 68  49  49  ASP ASP A . n 
A 1 69  ASP 69  50  50  ASP ASP A . n 
A 1 70  PHE 70  51  51  PHE PHE A . n 
A 1 71  LEU 71  52  52  LEU LEU A . n 
A 1 72  GLU 72  53  53  GLU GLU A . n 
A 1 73  LEU 73  54  54  LEU LEU A . n 
A 1 74  ALA 74  55  55  ALA ALA A . n 
A 1 75  ILE 75  56  56  ILE ILE A . n 
A 1 76  PRO 76  57  57  PRO PRO A . n 
A 1 77  TRP 77  58  58  TRP TRP A . n 
A 1 78  VAL 78  59  59  VAL VAL A . n 
A 1 79  ASN 79  60  60  ASN ASN A . n 
A 1 80  THR 80  61  61  THR THR A . n 
A 1 81  GLU 81  62  62  GLU GLU A . n 
A 1 82  ARG 82  63  63  ARG ARG A . n 
A 1 83  PRO 83  64  64  PRO PRO A . n 
A 1 84  PRO 84  65  65  PRO PRO A . n 
A 1 85  TYR 85  66  66  TYR TYR A . n 
A 1 86  LEU 86  67  67  LEU LEU A . n 
A 1 87  GLY 87  68  68  GLY GLY A . n 
A 1 88  GLU 88  69  69  GLU GLU A . n 
A 1 89  LEU 89  70  70  LEU LEU A . n 
A 1 90  GLN 90  71  71  GLN GLN A . n 
A 1 91  LEU 91  72  72  LEU LEU A . n 
A 1 92  ARG 92  73  73  ARG ARG A . n 
A 1 93  GLN 93  74  74  GLN GLN A . n 
A 1 94  ALA 94  75  75  ALA ALA A . n 
A 1 95  CYS 95  76  76  CYS CYS A . n 
A 1 96  ASP 96  77  77  ASP ASP A . n 
A 1 97  ASN 97  78  78  ASN ASN A . n 
A 1 98  VAL 98  79  79  VAL VAL A . n 
A 1 99  GLN 99  80  80  GLN GLN A . n 
A 1 100 MSE 100 81  81  MSE MSE A . n 
A 1 101 THR 101 82  82  THR THR A . n 
A 1 102 ALA 102 83  83  ALA ALA A . n 
A 1 103 VAL 103 84  84  VAL VAL A . n 
A 1 104 SER 104 85  85  SER SER A . n 
A 1 105 ALA 105 86  86  ALA ALA A . n 
A 1 106 PHE 106 87  87  PHE PHE A . n 
A 1 107 ASN 107 88  88  ASN ASN A . n 
A 1 108 GLY 108 89  89  GLY GLY A . n 
A 1 109 ARG 109 90  90  ARG ARG A . n 
A 1 110 SER 110 91  91  SER SER A . n 
A 1 111 PHE 111 92  92  PHE PHE A . n 
A 1 112 TYR 112 93  93  TYR TYR A . n 
A 1 113 LYS 113 94  94  LYS LYS A . n 
A 1 114 HIS 114 95  95  HIS HIS A . n 
A 1 115 PHE 115 96  96  PHE PHE A . n 
A 1 116 LEU 116 97  97  LEU LEU A . n 
A 1 117 ASP 117 98  98  ASP ASP A . n 
A 1 118 HIS 118 99  99  HIS HIS A . n 
A 1 119 TYR 119 100 100 TYR TYR A . n 
A 1 120 GLN 120 101 101 GLN GLN A . n 
A 1 121 SER 121 102 102 SER SER A . n 
A 1 122 THR 122 103 103 THR THR A . n 
A 1 123 LYS 123 104 104 LYS LYS A . n 
A 1 124 TYR 124 105 105 TYR TYR A . n 
A 1 125 THR 125 106 106 THR THR A . n 
A 1 126 LEU 126 107 107 LEU LEU A . n 
A 1 127 THR 127 108 108 THR THR A . n 
A 1 128 ARG 128 109 109 ARG ARG A . n 
A 1 129 VAL 129 110 110 VAL VAL A . n 
A 1 130 ARG 130 111 111 ARG ARG A . n 
A 1 131 ASP 131 112 112 ASP ASP A . n 
A 1 132 PHE 132 113 113 PHE PHE A . n 
A 1 133 LEU 133 114 114 LEU LEU A . n 
A 1 134 LYS 134 115 115 LYS LYS A . n 
A 1 135 ARG 135 116 116 ARG ARG A . n 
A 1 136 LYS 136 117 117 LYS LYS A . n 
A 1 137 GLU 137 118 118 GLU GLU A . n 
A 1 138 GLU 138 119 119 GLU GLU A . n 
A 1 139 SER 139 120 120 SER SER A . n 
A 1 140 MSE 140 121 ?   ?   ?   A . n 
# 
loop_
_pdbx_nonpoly_scheme.asym_id 
_pdbx_nonpoly_scheme.entity_id 
_pdbx_nonpoly_scheme.mon_id 
_pdbx_nonpoly_scheme.ndb_seq_num 
_pdbx_nonpoly_scheme.pdb_seq_num 
_pdbx_nonpoly_scheme.auth_seq_num 
_pdbx_nonpoly_scheme.pdb_mon_id 
_pdbx_nonpoly_scheme.auth_mon_id 
_pdbx_nonpoly_scheme.pdb_strand_id 
_pdbx_nonpoly_scheme.pdb_ins_code 
B 2 HOH 1  122 1  HOH HOH A . 
B 2 HOH 2  123 2  HOH HOH A . 
B 2 HOH 3  124 3  HOH HOH A . 
B 2 HOH 4  125 4  HOH HOH A . 
B 2 HOH 5  126 5  HOH HOH A . 
B 2 HOH 6  127 6  HOH HOH A . 
B 2 HOH 7  128 7  HOH HOH A . 
B 2 HOH 8  129 8  HOH HOH A . 
B 2 HOH 9  130 9  HOH HOH A . 
B 2 HOH 10 131 10 HOH HOH A . 
B 2 HOH 11 132 11 HOH HOH A . 
B 2 HOH 12 133 12 HOH HOH A . 
B 2 HOH 13 134 13 HOH HOH A . 
B 2 HOH 14 135 14 HOH HOH A . 
B 2 HOH 15 136 15 HOH HOH A . 
B 2 HOH 16 137 16 HOH HOH A . 
B 2 HOH 17 138 17 HOH HOH A . 
B 2 HOH 18 139 18 HOH HOH A . 
B 2 HOH 19 140 19 HOH HOH A . 
B 2 HOH 20 141 20 HOH HOH A . 
B 2 HOH 21 142 21 HOH HOH A . 
B 2 HOH 22 143 22 HOH HOH A . 
B 2 HOH 23 144 23 HOH HOH A . 
B 2 HOH 24 145 24 HOH HOH A . 
B 2 HOH 25 146 25 HOH HOH A . 
B 2 HOH 26 147 26 HOH HOH A . 
B 2 HOH 27 148 27 HOH HOH A . 
B 2 HOH 28 149 28 HOH HOH A . 
B 2 HOH 29 150 29 HOH HOH A . 
B 2 HOH 30 151 30 HOH HOH A . 
B 2 HOH 31 152 31 HOH HOH A . 
B 2 HOH 32 153 32 HOH HOH A . 
B 2 HOH 33 154 33 HOH HOH A . 
B 2 HOH 34 155 34 HOH HOH A . 
B 2 HOH 35 156 35 HOH HOH A . 
B 2 HOH 36 157 36 HOH HOH A . 
B 2 HOH 37 158 37 HOH HOH A . 
B 2 HOH 38 159 38 HOH HOH A . 
B 2 HOH 39 160 39 HOH HOH A . 
B 2 HOH 40 161 40 HOH HOH A . 
B 2 HOH 41 162 41 HOH HOH A . 
B 2 HOH 42 163 42 HOH HOH A . 
B 2 HOH 43 164 43 HOH HOH A . 
B 2 HOH 44 165 44 HOH HOH A . 
B 2 HOH 45 166 45 HOH HOH A . 
B 2 HOH 46 167 46 HOH HOH A . 
B 2 HOH 47 168 47 HOH HOH A . 
B 2 HOH 48 169 48 HOH HOH A . 
B 2 HOH 49 170 49 HOH HOH A . 
B 2 HOH 50 171 50 HOH HOH A . 
B 2 HOH 51 172 51 HOH HOH A . 
B 2 HOH 52 173 52 HOH HOH A . 
B 2 HOH 53 174 53 HOH HOH A . 
B 2 HOH 54 175 54 HOH HOH A . 
B 2 HOH 55 176 55 HOH HOH A . 
B 2 HOH 56 177 56 HOH HOH A . 
B 2 HOH 57 178 57 HOH HOH A . 
B 2 HOH 58 179 58 HOH HOH A . 
B 2 HOH 59 180 59 HOH HOH A . 
B 2 HOH 60 181 60 HOH HOH A . 
B 2 HOH 61 182 61 HOH HOH A . 
B 2 HOH 62 183 62 HOH HOH A . 
B 2 HOH 63 184 63 HOH HOH A . 
B 2 HOH 64 185 64 HOH HOH A . 
B 2 HOH 65 186 65 HOH HOH A . 
B 2 HOH 66 187 66 HOH HOH A . 
B 2 HOH 67 188 67 HOH HOH A . 
B 2 HOH 68 189 68 HOH HOH A . 
B 2 HOH 69 190 69 HOH HOH A . 
B 2 HOH 70 191 70 HOH HOH A . 
B 2 HOH 71 192 71 HOH HOH A . 
B 2 HOH 72 193 72 HOH HOH A . 
B 2 HOH 73 194 73 HOH HOH A . 
B 2 HOH 74 195 74 HOH HOH A . 
B 2 HOH 75 196 75 HOH HOH A . 
B 2 HOH 76 197 76 HOH HOH A . 
B 2 HOH 77 198 77 HOH HOH A . 
B 2 HOH 78 199 78 HOH HOH A . 
B 2 HOH 79 200 79 HOH HOH A . 
B 2 HOH 80 201 80 HOH HOH A . 
B 2 HOH 81 202 81 HOH HOH A . 
B 2 HOH 82 203 82 HOH HOH A . 
B 2 HOH 83 204 83 HOH HOH A . 
B 2 HOH 84 205 84 HOH HOH A . 
B 2 HOH 85 206 85 HOH HOH A . 
B 2 HOH 86 207 86 HOH HOH A . 
B 2 HOH 87 208 87 HOH HOH A . 
B 2 HOH 88 209 88 HOH HOH A . 
B 2 HOH 89 210 89 HOH HOH A . 
B 2 HOH 90 211 90 HOH HOH A . 
B 2 HOH 91 212 91 HOH HOH A . 
B 2 HOH 92 213 92 HOH HOH A . 
B 2 HOH 93 214 93 HOH HOH A . 
B 2 HOH 94 215 94 HOH HOH A . 
B 2 HOH 95 216 95 HOH HOH A . 
B 2 HOH 96 217 96 HOH HOH A . 
B 2 HOH 97 218 97 HOH HOH A . 
# 
loop_
_pdbx_unobs_or_zero_occ_atoms.id 
_pdbx_unobs_or_zero_occ_atoms.PDB_model_num 
_pdbx_unobs_or_zero_occ_atoms.polymer_flag 
_pdbx_unobs_or_zero_occ_atoms.occupancy_flag 
_pdbx_unobs_or_zero_occ_atoms.auth_asym_id 
_pdbx_unobs_or_zero_occ_atoms.auth_comp_id 
_pdbx_unobs_or_zero_occ_atoms.auth_seq_id 
_pdbx_unobs_or_zero_occ_atoms.PDB_ins_code 
_pdbx_unobs_or_zero_occ_atoms.auth_atom_id 
_pdbx_unobs_or_zero_occ_atoms.label_alt_id 
_pdbx_unobs_or_zero_occ_atoms.label_asym_id 
_pdbx_unobs_or_zero_occ_atoms.label_comp_id 
_pdbx_unobs_or_zero_occ_atoms.label_seq_id 
_pdbx_unobs_or_zero_occ_atoms.label_atom_id 
1  1 Y 1 A LEU -4  ? CD1 ? A LEU 15  CD1 
2  1 Y 1 A LEU -4  ? CD2 ? A LEU 15  CD2 
3  1 Y 1 A GLU 26  ? CD  ? A GLU 45  CD  
4  1 Y 1 A GLU 26  ? OE1 ? A GLU 45  OE1 
5  1 Y 1 A GLU 26  ? OE2 ? A GLU 45  OE2 
6  1 Y 1 A LYS 35  ? CG  ? A LYS 54  CG  
7  1 Y 1 A LYS 35  ? CD  ? A LYS 54  CD  
8  1 Y 1 A LYS 35  ? CE  ? A LYS 54  CE  
9  1 Y 1 A LYS 35  ? NZ  ? A LYS 54  NZ  
10 1 Y 1 A ARG 63  ? NE  ? A ARG 82  NE  
11 1 Y 1 A ARG 63  ? CZ  ? A ARG 82  CZ  
12 1 Y 1 A ARG 63  ? NH1 ? A ARG 82  NH1 
13 1 Y 1 A ARG 63  ? NH2 ? A ARG 82  NH2 
14 1 Y 1 A ARG 109 ? CZ  ? A ARG 128 CZ  
15 1 Y 1 A ARG 109 ? NH1 ? A ARG 128 NH1 
16 1 Y 1 A ARG 109 ? NH2 ? A ARG 128 NH2 
17 1 Y 1 A LYS 117 ? CD  ? A LYS 136 CD  
18 1 Y 1 A LYS 117 ? CE  ? A LYS 136 CE  
19 1 Y 1 A LYS 117 ? NZ  ? A LYS 136 NZ  
20 1 Y 1 A GLU 119 ? CG  ? A GLU 138 CG  
21 1 Y 1 A GLU 119 ? CD  ? A GLU 138 CD  
22 1 Y 1 A GLU 119 ? OE1 ? A GLU 138 OE1 
23 1 Y 1 A GLU 119 ? OE2 ? A GLU 138 OE2 
# 
loop_
_software.name 
_software.version 
_software.date 
_software.type 
_software.contact_author 
_software.contact_author_email 
_software.classification 
_software.location 
_software.language 
_software.citation_id 
_software.pdbx_ordinal 
MolProbity  3beta29   ?                package 'D.C. & J.S. Richardson lab' molprobity@kinemage.biochem.duke.edu 'model building'  
http://kinemage.biochem.duke.edu/molprobity/ ?          ? 1 
SHELX       .         ?                package 'George Sheldrick'           gsheldr@shelx.uni-ac.gwdg.de         phasing           
http://shelx.uni-ac.gwdg.de/SHELX/           Fortran_77 ? 2 
REFMAC      5.2.0005  ?                program 'Murshudov, G.N.'            ccp4@dl.ac.uk                        refinement        
http://www.ccp4.ac.uk/main.html              Fortran_77 ? 3 
SCALA       .         ?                other   'Phil Evans'                 pre@mrc-lmb.cam.ac.uk                'data scaling'    
http://www.ccp4.ac.uk/dist/html/INDEX.html   Fortran_77 ? 4 
PDB_EXTRACT 2.000     'April. 3, 2006' package PDB                          sw-help@rcsb.rutgers.edu             'data extraction' 
http://pdb.rutgers.edu/software/             C++        ? 5 
MOSFLM      .         ?                ?       ?                            ?                                    'data reduction'  
?                                            ?          ? 6 
CCP4        '(SCALA)' ?                ?       ?                            ?                                    'data scaling'    
?                                            ?          ? 7 
SHELXD      .         ?                ?       ?                            ?                                    phasing           
?                                            ?          ? 8 
autoSHARP   .         ?                ?       ?                            ?                                    phasing           
?                                            ?          ? 9 
# 
_cell.entry_id           2HUJ 
_cell.length_a           100.110 
_cell.length_b           100.110 
_cell.length_c           66.916 
_cell.angle_alpha        90.000 
_cell.angle_beta         90.000 
_cell.angle_gamma        120.000 
_cell.pdbx_unique_axis   ? 
_cell.Z_PDB              12 
_cell.length_a_esd       ? 
_cell.length_b_esd       ? 
_cell.length_c_esd       ? 
_cell.angle_alpha_esd    ? 
_cell.angle_beta_esd     ? 
_cell.angle_gamma_esd    ? 
# 
_symmetry.entry_id                         2HUJ 
_symmetry.Int_Tables_number                182 
_symmetry.space_group_name_H-M             'P 63 2 2' 
_symmetry.pdbx_full_space_group_name_H-M   ? 
_symmetry.cell_setting                     ? 
_symmetry.space_group_name_Hall            ? 
# 
_exptl.crystals_number   1 
_exptl.method            'X-RAY DIFFRACTION' 
_exptl.entry_id          2HUJ 
# 
loop_
_exptl_crystal.id 
_exptl_crystal.density_percent_sol 
_exptl_crystal.density_Matthews 
_exptl_crystal.description 
_exptl_crystal.density_meas 
_exptl_crystal.F_000 
_exptl_crystal.preparation 
1 58.66 3.00 ? ? ? ? 
2 ?     ?    ? ? ? ? 
# 
loop_
_exptl_crystal_grow.crystal_id 
_exptl_crystal_grow.method 
_exptl_crystal_grow.pH 
_exptl_crystal_grow.temp 
_exptl_crystal_grow.pdbx_details 
_exptl_crystal_grow.temp_details 
_exptl_crystal_grow.pdbx_pH_range 
1 'VAPOR DIFFUSION, SITTING DROP, NANODROP' 4.6 277 
'30.0% Glycerol, 5.6% PEG-4000, 0.1M Acetate, pH 4.6, VAPOR DIFFUSION, SITTING DROP, NANODROP, temperature 277K' ? . 
2 'VAPOR DIFFUSION, SITTING DROP, NANODROP' 4.5 277 
'0.2M Ca(OAc)2, 30.0% PEG-400, 0.1M Acetate, pH 4.5, VAPOR DIFFUSION, SITTING DROP, NANODROP, temperature 277K'  ? . 
# 
loop_
_diffrn.id 
_diffrn.ambient_temp 
_diffrn.ambient_temp_details 
_diffrn.crystal_id 
1 100 ? 1 
2 ?   ? 2 
# 
_diffrn_detector.diffrn_id              1 
_diffrn_detector.detector               CCD 
_diffrn_detector.type                   'ADSC QUANTUM 315' 
_diffrn_detector.details                'Flat mirror (vertical focusing)' 
_diffrn_detector.pdbx_collection_date   2006-07-17 
# 
_diffrn_radiation.diffrn_id                        1 
_diffrn_radiation.pdbx_monochromatic_or_laue_m_l   M 
_diffrn_radiation.monochromator                    'Single crystal Si(111) bent monochromator (horizontal focusing)' 
_diffrn_radiation.pdbx_diffrn_protocol             MAD 
_diffrn_radiation.wavelength_id                    1 
_diffrn_radiation.pdbx_scattering_type             x-ray 
# 
loop_
_diffrn_radiation_wavelength.id 
_diffrn_radiation_wavelength.wavelength 
_diffrn_radiation_wavelength.wt 
1 1.000001 1.0 
2 0.979291 1.0 
3 0.918370 1.0 
4 0.978981 1.0 
# 
loop_
_diffrn_source.diffrn_id 
_diffrn_source.source 
_diffrn_source.pdbx_synchrotron_beamline 
_diffrn_source.type 
_diffrn_source.pdbx_wavelength_list 
_diffrn_source.pdbx_wavelength 
_diffrn_source.pdbx_synchrotron_site 
1 SYNCHROTRON BL11-1 'SSRL BEAMLINE BL11-1' 1.000001                       ? SSRL 
2 SYNCHROTRON BL11-1 'SSRL BEAMLINE BL11-1' '0.979291, 0.918370, 0.978981' ? SSRL 
# 
_reflns.entry_id                     2HUJ 
_reflns.d_resolution_high            1.740 
_reflns.d_resolution_low             29.424 
_reflns.number_obs                   20444 
_reflns.pdbx_Rmerge_I_obs            0.076 
_reflns.pdbx_netI_over_sigmaI        6.400 
_reflns.pdbx_Rsym_value              0.076 
_reflns.pdbx_redundancy              11.500 
_reflns.percent_possible_obs         98.700 
_reflns.observed_criterion_sigma_F   ? 
_reflns.observed_criterion_sigma_I   ? 
_reflns.number_all                   ? 
_reflns.B_iso_Wilson_estimate        ? 
_reflns.R_free_details               ? 
_reflns.limit_h_max                  ? 
_reflns.limit_h_min                  ? 
_reflns.limit_k_max                  ? 
_reflns.limit_k_min                  ? 
_reflns.limit_l_max                  ? 
_reflns.limit_l_min                  ? 
_reflns.observed_criterion_F_max     ? 
_reflns.observed_criterion_F_min     ? 
_reflns.pdbx_chi_squared             ? 
_reflns.pdbx_scaling_rejects         ? 
_reflns.pdbx_ordinal                 1 
_reflns.pdbx_diffrn_id               1 
# 
loop_
_reflns_shell.d_res_high 
_reflns_shell.d_res_low 
_reflns_shell.number_measured_obs 
_reflns_shell.number_measured_all 
_reflns_shell.number_unique_obs 
_reflns_shell.Rmerge_I_obs 
_reflns_shell.meanI_over_sigI_obs 
_reflns_shell.pdbx_Rsym_value 
_reflns_shell.pdbx_chi_squared 
_reflns_shell.pdbx_redundancy 
_reflns_shell.percent_possible_obs 
_reflns_shell.number_unique_all 
_reflns_shell.percent_possible_all 
_reflns_shell.pdbx_ordinal 
_reflns_shell.pdbx_diffrn_id 
1.74 1.79  ? 9794  ? 0.852 0.9  0.852 ? 7.10  ? 1376 96.80 1  1 
1.79 1.83  ? 10302 ? 0.599 1.3  0.599 ? 7.10  ? 1450 98.10 2  1 
1.83 1.89  ? 9904  ? 0.462 1.6  0.462 ? 7.10  ? 1398 97.70 3  1 
1.89 1.95  ? 9713  ? 0.371 2.0  0.371 ? 7.10  ? 1361 98.50 4  1 
1.95 2.01  ? 14603 ? 0.413 1.7  0.413 ? 10.90 ? 1334 98.30 5  1 
2.01 2.08  ? 15712 ? 0.315 2.2  0.315 ? 12.20 ? 1288 99.30 6  1 
2.08 2.16  ? 17565 ? 0.228 3.2  0.228 ? 14.00 ? 1252 99.00 7  1 
2.16 2.25  ? 16888 ? 0.188 3.8  0.188 ? 14.00 ? 1209 99.20 8  1 
2.25 2.35  ? 16107 ? 0.147 4.8  0.147 ? 13.80 ? 1165 99.60 9  1 
2.35 2.46  ? 15812 ? 0.111 6.3  0.111 ? 14.00 ? 1133 99.60 10 1 
2.46 2.59  ? 14447 ? 0.097 7.2  0.097 ? 13.70 ? 1053 99.90 11 1 
2.59 2.75  ? 14103 ? 0.084 8.2  0.084 ? 13.70 ? 1028 99.90 12 1 
2.75 2.94  ? 13173 ? 0.072 9.2  0.072 ? 13.60 ? 970  99.90 13 1 
2.94 3.18  ? 12121 ? 0.063 9.7  0.063 ? 13.60 ? 889  99.80 14 1 
3.18 3.48  ? 11000 ? 0.053 11.4 0.053 ? 13.30 ? 825  99.40 15 1 
3.48 3.89  ? 9941  ? 0.049 12.0 0.049 ? 13.10 ? 760  99.10 16 1 
3.89 4.49  ? 8358  ? 0.052 11.9 0.052 ? 12.40 ? 674  98.80 17 1 
4.49 5.50  ? 7313  ? 0.055 10.7 0.055 ? 12.80 ? 571  98.10 18 1 
5.50 7.78  ? 5832  ? 0.053 11.0 0.053 ? 13.00 ? 450  97.10 19 1 
7.78 29.45 ? 2601  ? 0.042 12.7 0.042 ? 10.10 ? 258  91.60 20 1 
# 
_refine.entry_id                                 2HUJ 
_refine.ls_d_res_high                            1.740 
_refine.ls_d_res_low                             29.424 
_refine.pdbx_ls_sigma_F                          0.00 
_refine.ls_percent_reflns_obs                    97.430 
_refine.ls_number_reflns_obs                     20422 
_refine.pdbx_ls_cross_valid_method               THROUGHOUT 
_refine.pdbx_R_Free_selection_details            RANDOM 
_refine.details                                  
;(1) HYDROGENS HAVE BEEN ADDED IN THE RIDING POSITIONS. (2) A MET-INHIBITION PROTOCOL WAS USED FOR SELENOMETHIONINE INCORPORATION DURING PROTEIN EXPRESSION. THE OCCUPANCY OF THE SE ATOMS IN THE MSE RESIDUES WAS REDUCED TO 0.75 TO ACCOUNT FOR THE REDUCED SCATTERING POWER DUE TO PARTIAL S-MET INCORPORATION.(3) THERE ARE SOME SMALL BLOBS OF UNEXPLAINED ELECTRON DENSITY NEAR RESIDUES A25, A46, A93 AND A96. THEY COULD BE DISORDERED SOLVENT MOLECULES FROM CRYSTALLIZATION SOLUTION. (4) ATOM RECORD CONTAINS RESIDUAL B FACTORS ONLY.
;
_refine.ls_R_factor_all                          ? 
_refine.ls_R_factor_R_work                       0.173 
_refine.ls_R_factor_R_free                       0.207 
_refine.ls_percent_reflns_R_free                 5.200 
_refine.ls_number_reflns_R_free                  1072 
_refine.B_iso_mean                               28.343 
_refine.aniso_B[1][1]                            1.020 
_refine.aniso_B[2][2]                            1.020 
_refine.aniso_B[3][3]                            -1.530 
_refine.aniso_B[1][2]                            0.510 
_refine.aniso_B[1][3]                            0.000 
_refine.aniso_B[2][3]                            0.000 
_refine.correlation_coeff_Fo_to_Fc               0.966 
_refine.correlation_coeff_Fo_to_Fc_free          0.953 
_refine.pdbx_overall_ESU_R                       0.086 
_refine.pdbx_overall_ESU_R_Free                  0.090 
_refine.overall_SU_ML                            0.059 
_refine.overall_SU_B                             3.666 
_refine.solvent_model_details                    'BABINET MODEL WITH MASK' 
_refine.pdbx_solvent_vdw_probe_radii             1.200 
_refine.pdbx_solvent_ion_probe_radii             0.800 
_refine.pdbx_solvent_shrinkage_radii             0.800 
_refine.pdbx_method_to_determine_struct          MAD 
_refine.pdbx_stereochemistry_target_values       'MAXIMUM LIKELIHOOD WITH PHASES' 
_refine.pdbx_ls_sigma_I                          ? 
_refine.ls_number_reflns_all                     ? 
_refine.ls_R_factor_obs                          0.175 
_refine.ls_redundancy_reflns_obs                 ? 
_refine.pdbx_data_cutoff_high_absF               ? 
_refine.pdbx_data_cutoff_low_absF                ? 
_refine.ls_number_parameters                     ? 
_refine.ls_number_restraints                     ? 
_refine.ls_R_factor_R_free_error                 ? 
_refine.ls_R_factor_R_free_error_details         ? 
_refine.pdbx_starting_model                      ? 
_refine.pdbx_stereochem_target_val_spec_case     ? 
_refine.solvent_model_param_bsol                 ? 
_refine.solvent_model_param_ksol                 ? 
_refine.occupancy_max                            ? 
_refine.occupancy_min                            ? 
_refine.pdbx_isotropic_thermal_model             ? 
_refine.B_iso_min                                ? 
_refine.B_iso_max                                ? 
_refine.overall_SU_R_Cruickshank_DPI             ? 
_refine.overall_SU_R_free                        ? 
_refine.pdbx_data_cutoff_high_rms_absF           ? 
_refine.ls_wR_factor_R_free                      ? 
_refine.ls_wR_factor_R_work                      ? 
_refine.overall_FOM_free_R_set                   ? 
_refine.overall_FOM_work_R_set                   ? 
_refine.pdbx_refine_id                           'X-RAY DIFFRACTION' 
_refine.pdbx_overall_phase_error                 ? 
_refine.pdbx_TLS_residual_ADP_flag               'LIKELY RESIDUAL' 
_refine.pdbx_diffrn_id                           1 
_refine.pdbx_overall_SU_R_free_Cruickshank_DPI   ? 
_refine.pdbx_overall_SU_R_Blow_DPI               ? 
_refine.pdbx_overall_SU_R_free_Blow_DPI          ? 
# 
_refine_hist.pdbx_refine_id                   'X-RAY DIFFRACTION' 
_refine_hist.cycle_id                         LAST 
_refine_hist.pdbx_number_atoms_protein        1044 
_refine_hist.pdbx_number_atoms_nucleic_acid   0 
_refine_hist.pdbx_number_atoms_ligand         0 
_refine_hist.number_atoms_solvent             97 
_refine_hist.number_atoms_total               1141 
_refine_hist.d_res_high                       1.740 
_refine_hist.d_res_low                        29.424 
# 
loop_
_refine_ls_restr.type 
_refine_ls_restr.number 
_refine_ls_restr.dev_ideal 
_refine_ls_restr.dev_ideal_target 
_refine_ls_restr.weight 
_refine_ls_restr.pdbx_refine_id 
_refine_ls_restr.pdbx_restraint_function 
r_bond_refined_d         1082 0.018  0.022  ? 'X-RAY DIFFRACTION' ? 
r_bond_other_d           954  0.002  0.020  ? 'X-RAY DIFFRACTION' ? 
r_angle_refined_deg      1460 1.211  1.956  ? 'X-RAY DIFFRACTION' ? 
r_angle_other_deg        2219 0.797  3.000  ? 'X-RAY DIFFRACTION' ? 
r_dihedral_angle_1_deg   124  4.054  5.000  ? 'X-RAY DIFFRACTION' ? 
r_dihedral_angle_2_deg   60   32.756 24.000 ? 'X-RAY DIFFRACTION' ? 
r_dihedral_angle_3_deg   195  12.542 15.000 ? 'X-RAY DIFFRACTION' ? 
r_dihedral_angle_4_deg   8    10.064 15.000 ? 'X-RAY DIFFRACTION' ? 
r_chiral_restr           152  0.079  0.200  ? 'X-RAY DIFFRACTION' ? 
r_gen_planes_refined     1192 0.005  0.020  ? 'X-RAY DIFFRACTION' ? 
r_gen_planes_other       238  0.001  0.020  ? 'X-RAY DIFFRACTION' ? 
r_nbd_refined            225  0.233  0.200  ? 'X-RAY DIFFRACTION' ? 
r_nbd_other              837  0.160  0.200  ? 'X-RAY DIFFRACTION' ? 
r_nbtor_refined          543  0.192  0.200  ? 'X-RAY DIFFRACTION' ? 
r_nbtor_other            577  0.082  0.200  ? 'X-RAY DIFFRACTION' ? 
r_xyhbond_nbd_refined    60   0.162  0.200  ? 'X-RAY DIFFRACTION' ? 
r_symmetry_vdw_refined   5    0.191  0.200  ? 'X-RAY DIFFRACTION' ? 
r_symmetry_vdw_other     27   0.143  0.200  ? 'X-RAY DIFFRACTION' ? 
r_symmetry_hbond_refined 11   0.170  0.200  ? 'X-RAY DIFFRACTION' ? 
r_mcbond_it              654  2.111  3.000  ? 'X-RAY DIFFRACTION' ? 
r_mcbond_other           250  0.494  3.000  ? 'X-RAY DIFFRACTION' ? 
r_mcangle_it             1014 2.738  5.000  ? 'X-RAY DIFFRACTION' ? 
r_scbond_it              501  4.825  8.000  ? 'X-RAY DIFFRACTION' ? 
r_scangle_it             446  6.869  11.000 ? 'X-RAY DIFFRACTION' ? 
# 
_refine_ls_shell.d_res_high                       1.734 
_refine_ls_shell.d_res_low                        1.779 
_refine_ls_shell.pdbx_total_number_of_bins_used   20 
_refine_ls_shell.percent_reflns_obs               84.760 
_refine_ls_shell.number_reflns_R_work             1152 
_refine_ls_shell.R_factor_all                     ? 
_refine_ls_shell.R_factor_R_work                  0.256 
_refine_ls_shell.R_factor_R_free                  0.37 
_refine_ls_shell.percent_reflns_R_free            ? 
_refine_ls_shell.number_reflns_R_free             72 
_refine_ls_shell.R_factor_R_free_error            ? 
_refine_ls_shell.number_reflns_all                ? 
_refine_ls_shell.number_reflns_obs                1224 
_refine_ls_shell.redundancy_reflns_obs            ? 
_refine_ls_shell.pdbx_refine_id                   'X-RAY DIFFRACTION' 
# 
_struct.entry_id                  2HUJ 
_struct.title                     
'Crystal structure of a protein of uknown function (NP_471338.1) from Listeria innocua at 1.74 A resolution' 
_struct.pdbx_model_details        ? 
_struct.pdbx_CASP_flag            ? 
_struct.pdbx_model_type_details   ? 
# 
_struct_keywords.text            
;NP_471338.1, hypothetical protein, Structural Genomics, PSI-2, Protein Structure Initiative, Joint Center for Structural Genomics, JCSG, UNKNOWN FUNCTION
;
_struct_keywords.pdbx_keywords   'STRUCTURAL GENOMICS, UNKNOWN FUNCTION' 
_struct_keywords.entry_id        2HUJ 
# 
loop_
_struct_asym.id 
_struct_asym.pdbx_blank_PDB_chainid_flag 
_struct_asym.pdbx_modified 
_struct_asym.entity_id 
_struct_asym.details 
A N N 1 ? 
B N N 2 ? 
# 
_struct_ref.id                         1 
_struct_ref.db_name                    UNP 
_struct_ref.db_code                    Q92AB8_LISIN 
_struct_ref.pdbx_db_accession          Q92AB8 
_struct_ref.entity_id                  1 
_struct_ref.pdbx_align_begin           1 
_struct_ref.pdbx_seq_one_letter_code   ? 
_struct_ref.pdbx_db_isoform            ? 
# 
_struct_ref_seq.align_id                      1 
_struct_ref_seq.ref_id                        1 
_struct_ref_seq.pdbx_PDB_id_code              2HUJ 
_struct_ref_seq.pdbx_strand_id                A 
_struct_ref_seq.seq_align_beg                 20 
_struct_ref_seq.pdbx_seq_align_beg_ins_code   ? 
_struct_ref_seq.seq_align_end                 140 
_struct_ref_seq.pdbx_seq_align_end_ins_code   ? 
_struct_ref_seq.pdbx_db_accession             Q92AB8 
_struct_ref_seq.db_align_beg                  1 
_struct_ref_seq.pdbx_db_align_beg_ins_code    ? 
_struct_ref_seq.db_align_end                  121 
_struct_ref_seq.pdbx_db_align_end_ins_code    ? 
_struct_ref_seq.pdbx_auth_seq_align_beg       1 
_struct_ref_seq.pdbx_auth_seq_align_end       121 
# 
loop_
_struct_ref_seq_dif.align_id 
_struct_ref_seq_dif.pdbx_pdb_id_code 
_struct_ref_seq_dif.mon_id 
_struct_ref_seq_dif.pdbx_pdb_strand_id 
_struct_ref_seq_dif.seq_num 
_struct_ref_seq_dif.pdbx_pdb_ins_code 
_struct_ref_seq_dif.pdbx_seq_db_name 
_struct_ref_seq_dif.pdbx_seq_db_accession_code 
_struct_ref_seq_dif.db_mon_id 
_struct_ref_seq_dif.pdbx_seq_db_seq_num 
_struct_ref_seq_dif.details 
_struct_ref_seq_dif.pdbx_auth_seq_num 
_struct_ref_seq_dif.pdbx_ordinal 
1 2HUJ MSE A 1   ? UNP Q92AB8 ?   ?   'expression tag'   -18 1  
1 2HUJ GLY A 2   ? UNP Q92AB8 ?   ?   'expression tag'   -17 2  
1 2HUJ SER A 3   ? UNP Q92AB8 ?   ?   'expression tag'   -16 3  
1 2HUJ ASP A 4   ? UNP Q92AB8 ?   ?   'expression tag'   -15 4  
1 2HUJ LYS A 5   ? UNP Q92AB8 ?   ?   'expression tag'   -14 5  
1 2HUJ ILE A 6   ? UNP Q92AB8 ?   ?   'expression tag'   -13 6  
1 2HUJ HIS A 7   ? UNP Q92AB8 ?   ?   'expression tag'   -12 7  
1 2HUJ HIS A 8   ? UNP Q92AB8 ?   ?   'expression tag'   -11 8  
1 2HUJ HIS A 9   ? UNP Q92AB8 ?   ?   'expression tag'   -10 9  
1 2HUJ HIS A 10  ? UNP Q92AB8 ?   ?   'expression tag'   -9  10 
1 2HUJ HIS A 11  ? UNP Q92AB8 ?   ?   'expression tag'   -8  11 
1 2HUJ HIS A 12  ? UNP Q92AB8 ?   ?   'expression tag'   -7  12 
1 2HUJ GLU A 13  ? UNP Q92AB8 ?   ?   'expression tag'   -6  13 
1 2HUJ ASN A 14  ? UNP Q92AB8 ?   ?   'expression tag'   -5  14 
1 2HUJ LEU A 15  ? UNP Q92AB8 ?   ?   'expression tag'   -4  15 
1 2HUJ TYR A 16  ? UNP Q92AB8 ?   ?   'expression tag'   -3  16 
1 2HUJ PHE A 17  ? UNP Q92AB8 ?   ?   'expression tag'   -2  17 
1 2HUJ GLN A 18  ? UNP Q92AB8 ?   ?   'expression tag'   -1  18 
1 2HUJ GLY A 19  ? UNP Q92AB8 ?   ?   'expression tag'   0   19 
1 2HUJ MSE A 20  ? UNP Q92AB8 MET 1   'modified residue' 1   20 
1 2HUJ MSE A 56  ? UNP Q92AB8 MET 37  'modified residue' 37  21 
1 2HUJ MSE A 100 ? UNP Q92AB8 MET 81  'modified residue' 81  22 
1 2HUJ MSE A 140 ? UNP Q92AB8 MET 121 'modified residue' 121 23 
# 
_pdbx_struct_assembly.id                   1 
_pdbx_struct_assembly.details              author_defined_assembly 
_pdbx_struct_assembly.method_details       ? 
_pdbx_struct_assembly.oligomeric_details   monomeric 
_pdbx_struct_assembly.oligomeric_count     1 
# 
_pdbx_struct_assembly_gen.assembly_id       1 
_pdbx_struct_assembly_gen.oper_expression   1 
_pdbx_struct_assembly_gen.asym_id_list      A,B 
# 
_pdbx_struct_oper_list.id                   1 
_pdbx_struct_oper_list.type                 'identity operation' 
_pdbx_struct_oper_list.name                 1_555 
_pdbx_struct_oper_list.symmetry_operation   x,y,z 
_pdbx_struct_oper_list.matrix[1][1]         1.0000000000 
_pdbx_struct_oper_list.matrix[1][2]         0.0000000000 
_pdbx_struct_oper_list.matrix[1][3]         0.0000000000 
_pdbx_struct_oper_list.vector[1]            0.0000000000 
_pdbx_struct_oper_list.matrix[2][1]         0.0000000000 
_pdbx_struct_oper_list.matrix[2][2]         1.0000000000 
_pdbx_struct_oper_list.matrix[2][3]         0.0000000000 
_pdbx_struct_oper_list.vector[2]            0.0000000000 
_pdbx_struct_oper_list.matrix[3][1]         0.0000000000 
_pdbx_struct_oper_list.matrix[3][2]         0.0000000000 
_pdbx_struct_oper_list.matrix[3][3]         1.0000000000 
_pdbx_struct_oper_list.vector[3]            0.0000000000 
# 
_struct_biol.id   1 
# 
loop_
_struct_conf.conf_type_id 
_struct_conf.id 
_struct_conf.pdbx_PDB_helix_id 
_struct_conf.beg_label_comp_id 
_struct_conf.beg_label_asym_id 
_struct_conf.beg_label_seq_id 
_struct_conf.pdbx_beg_PDB_ins_code 
_struct_conf.end_label_comp_id 
_struct_conf.end_label_asym_id 
_struct_conf.end_label_seq_id 
_struct_conf.pdbx_end_PDB_ins_code 
_struct_conf.beg_auth_comp_id 
_struct_conf.beg_auth_asym_id 
_struct_conf.beg_auth_seq_id 
_struct_conf.end_auth_comp_id 
_struct_conf.end_auth_asym_id 
_struct_conf.end_auth_seq_id 
_struct_conf.pdbx_PDB_helix_class 
_struct_conf.details 
_struct_conf.pdbx_PDB_helix_length 
HELX_P HELX_P1 1 LEU A 15  ? GLU A 46  ? LEU A -4 GLU A 27  1 ? 32 
HELX_P HELX_P2 2 ASP A 55  ? ARG A 82  ? ASP A 36 ARG A 63  1 ? 28 
HELX_P HELX_P3 3 GLY A 87  ? ALA A 105 ? GLY A 68 ALA A 86  1 ? 19 
HELX_P HELX_P4 4 PHE A 111 ? GLU A 138 ? PHE A 92 GLU A 119 1 ? 28 
# 
_struct_conf_type.id          HELX_P 
_struct_conf_type.criteria    ? 
_struct_conf_type.reference   ? 
# 
loop_
_struct_conn.id 
_struct_conn.conn_type_id 
_struct_conn.pdbx_leaving_atom_flag 
_struct_conn.pdbx_PDB_id 
_struct_conn.ptnr1_label_asym_id 
_struct_conn.ptnr1_label_comp_id 
_struct_conn.ptnr1_label_seq_id 
_struct_conn.ptnr1_label_atom_id 
_struct_conn.pdbx_ptnr1_label_alt_id 
_struct_conn.pdbx_ptnr1_PDB_ins_code 
_struct_conn.pdbx_ptnr1_standard_comp_id 
_struct_conn.ptnr1_symmetry 
_struct_conn.ptnr2_label_asym_id 
_struct_conn.ptnr2_label_comp_id 
_struct_conn.ptnr2_label_seq_id 
_struct_conn.ptnr2_label_atom_id 
_struct_conn.pdbx_ptnr2_label_alt_id 
_struct_conn.pdbx_ptnr2_PDB_ins_code 
_struct_conn.ptnr1_auth_asym_id 
_struct_conn.ptnr1_auth_comp_id 
_struct_conn.ptnr1_auth_seq_id 
_struct_conn.ptnr2_auth_asym_id 
_struct_conn.ptnr2_auth_comp_id 
_struct_conn.ptnr2_auth_seq_id 
_struct_conn.ptnr2_symmetry 
_struct_conn.pdbx_ptnr3_label_atom_id 
_struct_conn.pdbx_ptnr3_label_seq_id 
_struct_conn.pdbx_ptnr3_label_comp_id 
_struct_conn.pdbx_ptnr3_label_asym_id 
_struct_conn.pdbx_ptnr3_label_alt_id 
_struct_conn.pdbx_ptnr3_PDB_ins_code 
_struct_conn.details 
_struct_conn.pdbx_dist_value 
_struct_conn.pdbx_value_order 
_struct_conn.pdbx_role 
covale1 covale both ? A GLY 19  C ? ? ? 1_555 A MSE 20  N ? ? A GLY 0  A MSE 1  1_555 ? ? ? ? ? ? ? 1.328 ? ? 
covale2 covale both ? A MSE 20  C ? ? ? 1_555 A GLU 21  N ? ? A MSE 1  A GLU 2  1_555 ? ? ? ? ? ? ? 1.327 ? ? 
covale3 covale both ? A ASP 55  C ? ? ? 1_555 A MSE 56  N ? ? A ASP 36 A MSE 37 1_555 ? ? ? ? ? ? ? 1.333 ? ? 
covale4 covale both ? A MSE 56  C ? ? ? 1_555 A LYS 57  N ? ? A MSE 37 A LYS 38 1_555 ? ? ? ? ? ? ? 1.335 ? ? 
covale5 covale both ? A GLN 99  C ? ? ? 1_555 A MSE 100 N ? ? A GLN 80 A MSE 81 1_555 ? ? ? ? ? ? ? 1.336 ? ? 
covale6 covale both ? A MSE 100 C ? ? ? 1_555 A THR 101 N ? ? A MSE 81 A THR 82 1_555 ? ? ? ? ? ? ? 1.320 ? ? 
# 
_struct_conn_type.id          covale 
_struct_conn_type.criteria    ? 
_struct_conn_type.reference   ? 
# 
loop_
_pdbx_modification_feature.ordinal 
_pdbx_modification_feature.label_comp_id 
_pdbx_modification_feature.label_asym_id 
_pdbx_modification_feature.label_seq_id 
_pdbx_modification_feature.label_alt_id 
_pdbx_modification_feature.modified_residue_label_comp_id 
_pdbx_modification_feature.modified_residue_label_asym_id 
_pdbx_modification_feature.modified_residue_label_seq_id 
_pdbx_modification_feature.modified_residue_label_alt_id 
_pdbx_modification_feature.auth_comp_id 
_pdbx_modification_feature.auth_asym_id 
_pdbx_modification_feature.auth_seq_id 
_pdbx_modification_feature.PDB_ins_code 
_pdbx_modification_feature.symmetry 
_pdbx_modification_feature.modified_residue_auth_comp_id 
_pdbx_modification_feature.modified_residue_auth_asym_id 
_pdbx_modification_feature.modified_residue_auth_seq_id 
_pdbx_modification_feature.modified_residue_PDB_ins_code 
_pdbx_modification_feature.modified_residue_symmetry 
_pdbx_modification_feature.comp_id_linking_atom 
_pdbx_modification_feature.modified_residue_id_linking_atom 
_pdbx_modification_feature.modified_residue_id 
_pdbx_modification_feature.ref_pcm_id 
_pdbx_modification_feature.ref_comp_id 
_pdbx_modification_feature.type 
_pdbx_modification_feature.category 
1 MSE A 20  ? . . . . MSE A 1  ? 1_555 . . . . . . . MET 1 MSE Selenomethionine 'Named protein modification' 
2 MSE A 56  ? . . . . MSE A 37 ? 1_555 . . . . . . . MET 1 MSE Selenomethionine 'Named protein modification' 
3 MSE A 100 ? . . . . MSE A 81 ? 1_555 . . . . . . . MET 1 MSE Selenomethionine 'Named protein modification' 
# 
_pdbx_entry_details.entry_id                   2HUJ 
_pdbx_entry_details.compound_details           ? 
_pdbx_entry_details.source_details             ? 
_pdbx_entry_details.nonpolymer_details         ? 
_pdbx_entry_details.sequence_details           ? 
_pdbx_entry_details.has_ligand_of_interest     ? 
_pdbx_entry_details.has_protein_modification   Y 
# 
_pdbx_validate_rmsd_bond.id                        1 
_pdbx_validate_rmsd_bond.PDB_model_num             1 
_pdbx_validate_rmsd_bond.auth_atom_id_1            SE 
_pdbx_validate_rmsd_bond.auth_asym_id_1            A 
_pdbx_validate_rmsd_bond.auth_comp_id_1            MSE 
_pdbx_validate_rmsd_bond.auth_seq_id_1             81 
_pdbx_validate_rmsd_bond.PDB_ins_code_1            ? 
_pdbx_validate_rmsd_bond.label_alt_id_1            ? 
_pdbx_validate_rmsd_bond.auth_atom_id_2            CE 
_pdbx_validate_rmsd_bond.auth_asym_id_2            A 
_pdbx_validate_rmsd_bond.auth_comp_id_2            MSE 
_pdbx_validate_rmsd_bond.auth_seq_id_2             81 
_pdbx_validate_rmsd_bond.PDB_ins_code_2            ? 
_pdbx_validate_rmsd_bond.label_alt_id_2            ? 
_pdbx_validate_rmsd_bond.bond_value                1.518 
_pdbx_validate_rmsd_bond.bond_target_value         1.950 
_pdbx_validate_rmsd_bond.bond_deviation            -0.432 
_pdbx_validate_rmsd_bond.bond_standard_deviation   0.059 
_pdbx_validate_rmsd_bond.linker_flag               N 
# 
_pdbx_SG_project.project_name          'PSI, Protein Structure Initiative' 
_pdbx_SG_project.full_name_of_center   'Joint Center for Structural Genomics' 
_pdbx_SG_project.id                    1 
_pdbx_SG_project.initial_of_center     JCSG 
# 
loop_
_pdbx_struct_mod_residue.id 
_pdbx_struct_mod_residue.label_asym_id 
_pdbx_struct_mod_residue.label_comp_id 
_pdbx_struct_mod_residue.label_seq_id 
_pdbx_struct_mod_residue.auth_asym_id 
_pdbx_struct_mod_residue.auth_comp_id 
_pdbx_struct_mod_residue.auth_seq_id 
_pdbx_struct_mod_residue.PDB_ins_code 
_pdbx_struct_mod_residue.parent_comp_id 
_pdbx_struct_mod_residue.details 
1 A MSE 20  A MSE 1  ? MET SELENOMETHIONINE 
2 A MSE 56  A MSE 37 ? MET SELENOMETHIONINE 
3 A MSE 100 A MSE 81 ? MET SELENOMETHIONINE 
# 
_pdbx_struct_special_symmetry.id              1 
_pdbx_struct_special_symmetry.PDB_model_num   1 
_pdbx_struct_special_symmetry.auth_asym_id    A 
_pdbx_struct_special_symmetry.auth_comp_id    HOH 
_pdbx_struct_special_symmetry.auth_seq_id     137 
_pdbx_struct_special_symmetry.PDB_ins_code    ? 
_pdbx_struct_special_symmetry.label_asym_id   B 
_pdbx_struct_special_symmetry.label_comp_id   HOH 
_pdbx_struct_special_symmetry.label_seq_id    . 
# 
_pdbx_refine_tls.id               1 
_pdbx_refine_tls.details          ? 
_pdbx_refine_tls.method           refined 
_pdbx_refine_tls.origin_x         -0.0950 
_pdbx_refine_tls.origin_y         -0.0618 
_pdbx_refine_tls.origin_z         -0.0573 
_pdbx_refine_tls.T[1][1]          -0.1044 
_pdbx_refine_tls.T[2][2]          -0.0232 
_pdbx_refine_tls.T[3][3]          -0.0539 
_pdbx_refine_tls.T[1][2]          -0.0178 
_pdbx_refine_tls.T[1][3]          0.0199 
_pdbx_refine_tls.T[2][3]          0.0370 
_pdbx_refine_tls.L[1][1]          2.0086 
_pdbx_refine_tls.L[2][2]          1.3283 
_pdbx_refine_tls.L[3][3]          1.1593 
_pdbx_refine_tls.L[1][2]          -0.4775 
_pdbx_refine_tls.L[1][3]          0.0355 
_pdbx_refine_tls.L[2][3]          -0.1386 
_pdbx_refine_tls.S[1][1]          0.0427 
_pdbx_refine_tls.S[2][2]          -0.0002 
_pdbx_refine_tls.S[3][3]          -0.0423 
_pdbx_refine_tls.S[1][2]          0.2850 
_pdbx_refine_tls.S[1][3]          0.0320 
_pdbx_refine_tls.S[2][3]          -0.1338 
_pdbx_refine_tls.S[2][1]          -0.0833 
_pdbx_refine_tls.S[3][1]          -0.0082 
_pdbx_refine_tls.S[3][2]          0.0155 
_pdbx_refine_tls.pdbx_refine_id   'X-RAY DIFFRACTION' 
# 
_pdbx_refine_tls_group.id                  1 
_pdbx_refine_tls_group.refine_tls_id       1 
_pdbx_refine_tls_group.beg_label_asym_id   A 
_pdbx_refine_tls_group.beg_label_seq_id    15 
_pdbx_refine_tls_group.end_label_asym_id   A 
_pdbx_refine_tls_group.end_label_seq_id    139 
_pdbx_refine_tls_group.selection           ALL 
_pdbx_refine_tls_group.beg_auth_asym_id    A 
_pdbx_refine_tls_group.beg_auth_seq_id     -4 
_pdbx_refine_tls_group.end_auth_asym_id    A 
_pdbx_refine_tls_group.end_auth_seq_id     120 
_pdbx_refine_tls_group.pdbx_refine_id      'X-RAY DIFFRACTION' 
_pdbx_refine_tls_group.selection_details   ? 
# 
_phasing.method   MAD 
# 
_pdbx_database_remark.id     999 
_pdbx_database_remark.text   
;SEQUENCE
THE CONSTRUCT WAS EXPRESSED WITH A PURIFICATION TAG
MGSDKIHHHHHHENLYFQG.
;
# 
loop_
_pdbx_unobs_or_zero_occ_residues.id 
_pdbx_unobs_or_zero_occ_residues.PDB_model_num 
_pdbx_unobs_or_zero_occ_residues.polymer_flag 
_pdbx_unobs_or_zero_occ_residues.occupancy_flag 
_pdbx_unobs_or_zero_occ_residues.auth_asym_id 
_pdbx_unobs_or_zero_occ_residues.auth_comp_id 
_pdbx_unobs_or_zero_occ_residues.auth_seq_id 
_pdbx_unobs_or_zero_occ_residues.PDB_ins_code 
_pdbx_unobs_or_zero_occ_residues.label_asym_id 
_pdbx_unobs_or_zero_occ_residues.label_comp_id 
_pdbx_unobs_or_zero_occ_residues.label_seq_id 
1  1 Y 1 A MSE -18 ? A MSE 1   
2  1 Y 1 A GLY -17 ? A GLY 2   
3  1 Y 1 A SER -16 ? A SER 3   
4  1 Y 1 A ASP -15 ? A ASP 4   
5  1 Y 1 A LYS -14 ? A LYS 5   
6  1 Y 1 A ILE -13 ? A ILE 6   
7  1 Y 1 A HIS -12 ? A HIS 7   
8  1 Y 1 A HIS -11 ? A HIS 8   
9  1 Y 1 A HIS -10 ? A HIS 9   
10 1 Y 1 A HIS -9  ? A HIS 10  
11 1 Y 1 A HIS -8  ? A HIS 11  
12 1 Y 1 A HIS -7  ? A HIS 12  
13 1 Y 1 A GLU -6  ? A GLU 13  
14 1 Y 1 A ASN -5  ? A ASN 14  
15 1 Y 1 A MSE 121 ? A MSE 140 
# 
loop_
_chem_comp_atom.comp_id 
_chem_comp_atom.atom_id 
_chem_comp_atom.type_symbol 
_chem_comp_atom.pdbx_aromatic_flag 
_chem_comp_atom.pdbx_stereo_config 
_chem_comp_atom.pdbx_ordinal 
ALA N    N  N N 1   
ALA CA   C  N S 2   
ALA C    C  N N 3   
ALA O    O  N N 4   
ALA CB   C  N N 5   
ALA OXT  O  N N 6   
ALA H    H  N N 7   
ALA H2   H  N N 8   
ALA HA   H  N N 9   
ALA HB1  H  N N 10  
ALA HB2  H  N N 11  
ALA HB3  H  N N 12  
ALA HXT  H  N N 13  
ARG N    N  N N 14  
ARG CA   C  N S 15  
ARG C    C  N N 16  
ARG O    O  N N 17  
ARG CB   C  N N 18  
ARG CG   C  N N 19  
ARG CD   C  N N 20  
ARG NE   N  N N 21  
ARG CZ   C  N N 22  
ARG NH1  N  N N 23  
ARG NH2  N  N N 24  
ARG OXT  O  N N 25  
ARG H    H  N N 26  
ARG H2   H  N N 27  
ARG HA   H  N N 28  
ARG HB2  H  N N 29  
ARG HB3  H  N N 30  
ARG HG2  H  N N 31  
ARG HG3  H  N N 32  
ARG HD2  H  N N 33  
ARG HD3  H  N N 34  
ARG HE   H  N N 35  
ARG HH11 H  N N 36  
ARG HH12 H  N N 37  
ARG HH21 H  N N 38  
ARG HH22 H  N N 39  
ARG HXT  H  N N 40  
ASN N    N  N N 41  
ASN CA   C  N S 42  
ASN C    C  N N 43  
ASN O    O  N N 44  
ASN CB   C  N N 45  
ASN CG   C  N N 46  
ASN OD1  O  N N 47  
ASN ND2  N  N N 48  
ASN OXT  O  N N 49  
ASN H    H  N N 50  
ASN H2   H  N N 51  
ASN HA   H  N N 52  
ASN HB2  H  N N 53  
ASN HB3  H  N N 54  
ASN HD21 H  N N 55  
ASN HD22 H  N N 56  
ASN HXT  H  N N 57  
ASP N    N  N N 58  
ASP CA   C  N S 59  
ASP C    C  N N 60  
ASP O    O  N N 61  
ASP CB   C  N N 62  
ASP CG   C  N N 63  
ASP OD1  O  N N 64  
ASP OD2  O  N N 65  
ASP OXT  O  N N 66  
ASP H    H  N N 67  
ASP H2   H  N N 68  
ASP HA   H  N N 69  
ASP HB2  H  N N 70  
ASP HB3  H  N N 71  
ASP HD2  H  N N 72  
ASP HXT  H  N N 73  
CYS N    N  N N 74  
CYS CA   C  N R 75  
CYS C    C  N N 76  
CYS O    O  N N 77  
CYS CB   C  N N 78  
CYS SG   S  N N 79  
CYS OXT  O  N N 80  
CYS H    H  N N 81  
CYS H2   H  N N 82  
CYS HA   H  N N 83  
CYS HB2  H  N N 84  
CYS HB3  H  N N 85  
CYS HG   H  N N 86  
CYS HXT  H  N N 87  
GLN N    N  N N 88  
GLN CA   C  N S 89  
GLN C    C  N N 90  
GLN O    O  N N 91  
GLN CB   C  N N 92  
GLN CG   C  N N 93  
GLN CD   C  N N 94  
GLN OE1  O  N N 95  
GLN NE2  N  N N 96  
GLN OXT  O  N N 97  
GLN H    H  N N 98  
GLN H2   H  N N 99  
GLN HA   H  N N 100 
GLN HB2  H  N N 101 
GLN HB3  H  N N 102 
GLN HG2  H  N N 103 
GLN HG3  H  N N 104 
GLN HE21 H  N N 105 
GLN HE22 H  N N 106 
GLN HXT  H  N N 107 
GLU N    N  N N 108 
GLU CA   C  N S 109 
GLU C    C  N N 110 
GLU O    O  N N 111 
GLU CB   C  N N 112 
GLU CG   C  N N 113 
GLU CD   C  N N 114 
GLU OE1  O  N N 115 
GLU OE2  O  N N 116 
GLU OXT  O  N N 117 
GLU H    H  N N 118 
GLU H2   H  N N 119 
GLU HA   H  N N 120 
GLU HB2  H  N N 121 
GLU HB3  H  N N 122 
GLU HG2  H  N N 123 
GLU HG3  H  N N 124 
GLU HE2  H  N N 125 
GLU HXT  H  N N 126 
GLY N    N  N N 127 
GLY CA   C  N N 128 
GLY C    C  N N 129 
GLY O    O  N N 130 
GLY OXT  O  N N 131 
GLY H    H  N N 132 
GLY H2   H  N N 133 
GLY HA2  H  N N 134 
GLY HA3  H  N N 135 
GLY HXT  H  N N 136 
HIS N    N  N N 137 
HIS CA   C  N S 138 
HIS C    C  N N 139 
HIS O    O  N N 140 
HIS CB   C  N N 141 
HIS CG   C  Y N 142 
HIS ND1  N  Y N 143 
HIS CD2  C  Y N 144 
HIS CE1  C  Y N 145 
HIS NE2  N  Y N 146 
HIS OXT  O  N N 147 
HIS H    H  N N 148 
HIS H2   H  N N 149 
HIS HA   H  N N 150 
HIS HB2  H  N N 151 
HIS HB3  H  N N 152 
HIS HD1  H  N N 153 
HIS HD2  H  N N 154 
HIS HE1  H  N N 155 
HIS HE2  H  N N 156 
HIS HXT  H  N N 157 
HOH O    O  N N 158 
HOH H1   H  N N 159 
HOH H2   H  N N 160 
ILE N    N  N N 161 
ILE CA   C  N S 162 
ILE C    C  N N 163 
ILE O    O  N N 164 
ILE CB   C  N S 165 
ILE CG1  C  N N 166 
ILE CG2  C  N N 167 
ILE CD1  C  N N 168 
ILE OXT  O  N N 169 
ILE H    H  N N 170 
ILE H2   H  N N 171 
ILE HA   H  N N 172 
ILE HB   H  N N 173 
ILE HG12 H  N N 174 
ILE HG13 H  N N 175 
ILE HG21 H  N N 176 
ILE HG22 H  N N 177 
ILE HG23 H  N N 178 
ILE HD11 H  N N 179 
ILE HD12 H  N N 180 
ILE HD13 H  N N 181 
ILE HXT  H  N N 182 
LEU N    N  N N 183 
LEU CA   C  N S 184 
LEU C    C  N N 185 
LEU O    O  N N 186 
LEU CB   C  N N 187 
LEU CG   C  N N 188 
LEU CD1  C  N N 189 
LEU CD2  C  N N 190 
LEU OXT  O  N N 191 
LEU H    H  N N 192 
LEU H2   H  N N 193 
LEU HA   H  N N 194 
LEU HB2  H  N N 195 
LEU HB3  H  N N 196 
LEU HG   H  N N 197 
LEU HD11 H  N N 198 
LEU HD12 H  N N 199 
LEU HD13 H  N N 200 
LEU HD21 H  N N 201 
LEU HD22 H  N N 202 
LEU HD23 H  N N 203 
LEU HXT  H  N N 204 
LYS N    N  N N 205 
LYS CA   C  N S 206 
LYS C    C  N N 207 
LYS O    O  N N 208 
LYS CB   C  N N 209 
LYS CG   C  N N 210 
LYS CD   C  N N 211 
LYS CE   C  N N 212 
LYS NZ   N  N N 213 
LYS OXT  O  N N 214 
LYS H    H  N N 215 
LYS H2   H  N N 216 
LYS HA   H  N N 217 
LYS HB2  H  N N 218 
LYS HB3  H  N N 219 
LYS HG2  H  N N 220 
LYS HG3  H  N N 221 
LYS HD2  H  N N 222 
LYS HD3  H  N N 223 
LYS HE2  H  N N 224 
LYS HE3  H  N N 225 
LYS HZ1  H  N N 226 
LYS HZ2  H  N N 227 
LYS HZ3  H  N N 228 
LYS HXT  H  N N 229 
MET N    N  N N 230 
MET CA   C  N S 231 
MET C    C  N N 232 
MET O    O  N N 233 
MET CB   C  N N 234 
MET CG   C  N N 235 
MET SD   S  N N 236 
MET CE   C  N N 237 
MET OXT  O  N N 238 
MET H    H  N N 239 
MET H2   H  N N 240 
MET HA   H  N N 241 
MET HB2  H  N N 242 
MET HB3  H  N N 243 
MET HG2  H  N N 244 
MET HG3  H  N N 245 
MET HE1  H  N N 246 
MET HE2  H  N N 247 
MET HE3  H  N N 248 
MET HXT  H  N N 249 
MSE N    N  N N 250 
MSE CA   C  N S 251 
MSE C    C  N N 252 
MSE O    O  N N 253 
MSE OXT  O  N N 254 
MSE CB   C  N N 255 
MSE CG   C  N N 256 
MSE SE   SE N N 257 
MSE CE   C  N N 258 
MSE H    H  N N 259 
MSE H2   H  N N 260 
MSE HA   H  N N 261 
MSE HXT  H  N N 262 
MSE HB2  H  N N 263 
MSE HB3  H  N N 264 
MSE HG2  H  N N 265 
MSE HG3  H  N N 266 
MSE HE1  H  N N 267 
MSE HE2  H  N N 268 
MSE HE3  H  N N 269 
PHE N    N  N N 270 
PHE CA   C  N S 271 
PHE C    C  N N 272 
PHE O    O  N N 273 
PHE CB   C  N N 274 
PHE CG   C  Y N 275 
PHE CD1  C  Y N 276 
PHE CD2  C  Y N 277 
PHE CE1  C  Y N 278 
PHE CE2  C  Y N 279 
PHE CZ   C  Y N 280 
PHE OXT  O  N N 281 
PHE H    H  N N 282 
PHE H2   H  N N 283 
PHE HA   H  N N 284 
PHE HB2  H  N N 285 
PHE HB3  H  N N 286 
PHE HD1  H  N N 287 
PHE HD2  H  N N 288 
PHE HE1  H  N N 289 
PHE HE2  H  N N 290 
PHE HZ   H  N N 291 
PHE HXT  H  N N 292 
PRO N    N  N N 293 
PRO CA   C  N S 294 
PRO C    C  N N 295 
PRO O    O  N N 296 
PRO CB   C  N N 297 
PRO CG   C  N N 298 
PRO CD   C  N N 299 
PRO OXT  O  N N 300 
PRO H    H  N N 301 
PRO HA   H  N N 302 
PRO HB2  H  N N 303 
PRO HB3  H  N N 304 
PRO HG2  H  N N 305 
PRO HG3  H  N N 306 
PRO HD2  H  N N 307 
PRO HD3  H  N N 308 
PRO HXT  H  N N 309 
SER N    N  N N 310 
SER CA   C  N S 311 
SER C    C  N N 312 
SER O    O  N N 313 
SER CB   C  N N 314 
SER OG   O  N N 315 
SER OXT  O  N N 316 
SER H    H  N N 317 
SER H2   H  N N 318 
SER HA   H  N N 319 
SER HB2  H  N N 320 
SER HB3  H  N N 321 
SER HG   H  N N 322 
SER HXT  H  N N 323 
THR N    N  N N 324 
THR CA   C  N S 325 
THR C    C  N N 326 
THR O    O  N N 327 
THR CB   C  N R 328 
THR OG1  O  N N 329 
THR CG2  C  N N 330 
THR OXT  O  N N 331 
THR H    H  N N 332 
THR H2   H  N N 333 
THR HA   H  N N 334 
THR HB   H  N N 335 
THR HG1  H  N N 336 
THR HG21 H  N N 337 
THR HG22 H  N N 338 
THR HG23 H  N N 339 
THR HXT  H  N N 340 
TRP N    N  N N 341 
TRP CA   C  N S 342 
TRP C    C  N N 343 
TRP O    O  N N 344 
TRP CB   C  N N 345 
TRP CG   C  Y N 346 
TRP CD1  C  Y N 347 
TRP CD2  C  Y N 348 
TRP NE1  N  Y N 349 
TRP CE2  C  Y N 350 
TRP CE3  C  Y N 351 
TRP CZ2  C  Y N 352 
TRP CZ3  C  Y N 353 
TRP CH2  C  Y N 354 
TRP OXT  O  N N 355 
TRP H    H  N N 356 
TRP H2   H  N N 357 
TRP HA   H  N N 358 
TRP HB2  H  N N 359 
TRP HB3  H  N N 360 
TRP HD1  H  N N 361 
TRP HE1  H  N N 362 
TRP HE3  H  N N 363 
TRP HZ2  H  N N 364 
TRP HZ3  H  N N 365 
TRP HH2  H  N N 366 
TRP HXT  H  N N 367 
TYR N    N  N N 368 
TYR CA   C  N S 369 
TYR C    C  N N 370 
TYR O    O  N N 371 
TYR CB   C  N N 372 
TYR CG   C  Y N 373 
TYR CD1  C  Y N 374 
TYR CD2  C  Y N 375 
TYR CE1  C  Y N 376 
TYR CE2  C  Y N 377 
TYR CZ   C  Y N 378 
TYR OH   O  N N 379 
TYR OXT  O  N N 380 
TYR H    H  N N 381 
TYR H2   H  N N 382 
TYR HA   H  N N 383 
TYR HB2  H  N N 384 
TYR HB3  H  N N 385 
TYR HD1  H  N N 386 
TYR HD2  H  N N 387 
TYR HE1  H  N N 388 
TYR HE2  H  N N 389 
TYR HH   H  N N 390 
TYR HXT  H  N N 391 
VAL N    N  N N 392 
VAL CA   C  N S 393 
VAL C    C  N N 394 
VAL O    O  N N 395 
VAL CB   C  N N 396 
VAL CG1  C  N N 397 
VAL CG2  C  N N 398 
VAL OXT  O  N N 399 
VAL H    H  N N 400 
VAL H2   H  N N 401 
VAL HA   H  N N 402 
VAL HB   H  N N 403 
VAL HG11 H  N N 404 
VAL HG12 H  N N 405 
VAL HG13 H  N N 406 
VAL HG21 H  N N 407 
VAL HG22 H  N N 408 
VAL HG23 H  N N 409 
VAL HXT  H  N N 410 
# 
loop_
_chem_comp_bond.comp_id 
_chem_comp_bond.atom_id_1 
_chem_comp_bond.atom_id_2 
_chem_comp_bond.value_order 
_chem_comp_bond.pdbx_aromatic_flag 
_chem_comp_bond.pdbx_stereo_config 
_chem_comp_bond.pdbx_ordinal 
ALA N   CA   sing N N 1   
ALA N   H    sing N N 2   
ALA N   H2   sing N N 3   
ALA CA  C    sing N N 4   
ALA CA  CB   sing N N 5   
ALA CA  HA   sing N N 6   
ALA C   O    doub N N 7   
ALA C   OXT  sing N N 8   
ALA CB  HB1  sing N N 9   
ALA CB  HB2  sing N N 10  
ALA CB  HB3  sing N N 11  
ALA OXT HXT  sing N N 12  
ARG N   CA   sing N N 13  
ARG N   H    sing N N 14  
ARG N   H2   sing N N 15  
ARG CA  C    sing N N 16  
ARG CA  CB   sing N N 17  
ARG CA  HA   sing N N 18  
ARG C   O    doub N N 19  
ARG C   OXT  sing N N 20  
ARG CB  CG   sing N N 21  
ARG CB  HB2  sing N N 22  
ARG CB  HB3  sing N N 23  
ARG CG  CD   sing N N 24  
ARG CG  HG2  sing N N 25  
ARG CG  HG3  sing N N 26  
ARG CD  NE   sing N N 27  
ARG CD  HD2  sing N N 28  
ARG CD  HD3  sing N N 29  
ARG NE  CZ   sing N N 30  
ARG NE  HE   sing N N 31  
ARG CZ  NH1  sing N N 32  
ARG CZ  NH2  doub N N 33  
ARG NH1 HH11 sing N N 34  
ARG NH1 HH12 sing N N 35  
ARG NH2 HH21 sing N N 36  
ARG NH2 HH22 sing N N 37  
ARG OXT HXT  sing N N 38  
ASN N   CA   sing N N 39  
ASN N   H    sing N N 40  
ASN N   H2   sing N N 41  
ASN CA  C    sing N N 42  
ASN CA  CB   sing N N 43  
ASN CA  HA   sing N N 44  
ASN C   O    doub N N 45  
ASN C   OXT  sing N N 46  
ASN CB  CG   sing N N 47  
ASN CB  HB2  sing N N 48  
ASN CB  HB3  sing N N 49  
ASN CG  OD1  doub N N 50  
ASN CG  ND2  sing N N 51  
ASN ND2 HD21 sing N N 52  
ASN ND2 HD22 sing N N 53  
ASN OXT HXT  sing N N 54  
ASP N   CA   sing N N 55  
ASP N   H    sing N N 56  
ASP N   H2   sing N N 57  
ASP CA  C    sing N N 58  
ASP CA  CB   sing N N 59  
ASP CA  HA   sing N N 60  
ASP C   O    doub N N 61  
ASP C   OXT  sing N N 62  
ASP CB  CG   sing N N 63  
ASP CB  HB2  sing N N 64  
ASP CB  HB3  sing N N 65  
ASP CG  OD1  doub N N 66  
ASP CG  OD2  sing N N 67  
ASP OD2 HD2  sing N N 68  
ASP OXT HXT  sing N N 69  
CYS N   CA   sing N N 70  
CYS N   H    sing N N 71  
CYS N   H2   sing N N 72  
CYS CA  C    sing N N 73  
CYS CA  CB   sing N N 74  
CYS CA  HA   sing N N 75  
CYS C   O    doub N N 76  
CYS C   OXT  sing N N 77  
CYS CB  SG   sing N N 78  
CYS CB  HB2  sing N N 79  
CYS CB  HB3  sing N N 80  
CYS SG  HG   sing N N 81  
CYS OXT HXT  sing N N 82  
GLN N   CA   sing N N 83  
GLN N   H    sing N N 84  
GLN N   H2   sing N N 85  
GLN CA  C    sing N N 86  
GLN CA  CB   sing N N 87  
GLN CA  HA   sing N N 88  
GLN C   O    doub N N 89  
GLN C   OXT  sing N N 90  
GLN CB  CG   sing N N 91  
GLN CB  HB2  sing N N 92  
GLN CB  HB3  sing N N 93  
GLN CG  CD   sing N N 94  
GLN CG  HG2  sing N N 95  
GLN CG  HG3  sing N N 96  
GLN CD  OE1  doub N N 97  
GLN CD  NE2  sing N N 98  
GLN NE2 HE21 sing N N 99  
GLN NE2 HE22 sing N N 100 
GLN OXT HXT  sing N N 101 
GLU N   CA   sing N N 102 
GLU N   H    sing N N 103 
GLU N   H2   sing N N 104 
GLU CA  C    sing N N 105 
GLU CA  CB   sing N N 106 
GLU CA  HA   sing N N 107 
GLU C   O    doub N N 108 
GLU C   OXT  sing N N 109 
GLU CB  CG   sing N N 110 
GLU CB  HB2  sing N N 111 
GLU CB  HB3  sing N N 112 
GLU CG  CD   sing N N 113 
GLU CG  HG2  sing N N 114 
GLU CG  HG3  sing N N 115 
GLU CD  OE1  doub N N 116 
GLU CD  OE2  sing N N 117 
GLU OE2 HE2  sing N N 118 
GLU OXT HXT  sing N N 119 
GLY N   CA   sing N N 120 
GLY N   H    sing N N 121 
GLY N   H2   sing N N 122 
GLY CA  C    sing N N 123 
GLY CA  HA2  sing N N 124 
GLY CA  HA3  sing N N 125 
GLY C   O    doub N N 126 
GLY C   OXT  sing N N 127 
GLY OXT HXT  sing N N 128 
HIS N   CA   sing N N 129 
HIS N   H    sing N N 130 
HIS N   H2   sing N N 131 
HIS CA  C    sing N N 132 
HIS CA  CB   sing N N 133 
HIS CA  HA   sing N N 134 
HIS C   O    doub N N 135 
HIS C   OXT  sing N N 136 
HIS CB  CG   sing N N 137 
HIS CB  HB2  sing N N 138 
HIS CB  HB3  sing N N 139 
HIS CG  ND1  sing Y N 140 
HIS CG  CD2  doub Y N 141 
HIS ND1 CE1  doub Y N 142 
HIS ND1 HD1  sing N N 143 
HIS CD2 NE2  sing Y N 144 
HIS CD2 HD2  sing N N 145 
HIS CE1 NE2  sing Y N 146 
HIS CE1 HE1  sing N N 147 
HIS NE2 HE2  sing N N 148 
HIS OXT HXT  sing N N 149 
HOH O   H1   sing N N 150 
HOH O   H2   sing N N 151 
ILE N   CA   sing N N 152 
ILE N   H    sing N N 153 
ILE N   H2   sing N N 154 
ILE CA  C    sing N N 155 
ILE CA  CB   sing N N 156 
ILE CA  HA   sing N N 157 
ILE C   O    doub N N 158 
ILE C   OXT  sing N N 159 
ILE CB  CG1  sing N N 160 
ILE CB  CG2  sing N N 161 
ILE CB  HB   sing N N 162 
ILE CG1 CD1  sing N N 163 
ILE CG1 HG12 sing N N 164 
ILE CG1 HG13 sing N N 165 
ILE CG2 HG21 sing N N 166 
ILE CG2 HG22 sing N N 167 
ILE CG2 HG23 sing N N 168 
ILE CD1 HD11 sing N N 169 
ILE CD1 HD12 sing N N 170 
ILE CD1 HD13 sing N N 171 
ILE OXT HXT  sing N N 172 
LEU N   CA   sing N N 173 
LEU N   H    sing N N 174 
LEU N   H2   sing N N 175 
LEU CA  C    sing N N 176 
LEU CA  CB   sing N N 177 
LEU CA  HA   sing N N 178 
LEU C   O    doub N N 179 
LEU C   OXT  sing N N 180 
LEU CB  CG   sing N N 181 
LEU CB  HB2  sing N N 182 
LEU CB  HB3  sing N N 183 
LEU CG  CD1  sing N N 184 
LEU CG  CD2  sing N N 185 
LEU CG  HG   sing N N 186 
LEU CD1 HD11 sing N N 187 
LEU CD1 HD12 sing N N 188 
LEU CD1 HD13 sing N N 189 
LEU CD2 HD21 sing N N 190 
LEU CD2 HD22 sing N N 191 
LEU CD2 HD23 sing N N 192 
LEU OXT HXT  sing N N 193 
LYS N   CA   sing N N 194 
LYS N   H    sing N N 195 
LYS N   H2   sing N N 196 
LYS CA  C    sing N N 197 
LYS CA  CB   sing N N 198 
LYS CA  HA   sing N N 199 
LYS C   O    doub N N 200 
LYS C   OXT  sing N N 201 
LYS CB  CG   sing N N 202 
LYS CB  HB2  sing N N 203 
LYS CB  HB3  sing N N 204 
LYS CG  CD   sing N N 205 
LYS CG  HG2  sing N N 206 
LYS CG  HG3  sing N N 207 
LYS CD  CE   sing N N 208 
LYS CD  HD2  sing N N 209 
LYS CD  HD3  sing N N 210 
LYS CE  NZ   sing N N 211 
LYS CE  HE2  sing N N 212 
LYS CE  HE3  sing N N 213 
LYS NZ  HZ1  sing N N 214 
LYS NZ  HZ2  sing N N 215 
LYS NZ  HZ3  sing N N 216 
LYS OXT HXT  sing N N 217 
MET N   CA   sing N N 218 
MET N   H    sing N N 219 
MET N   H2   sing N N 220 
MET CA  C    sing N N 221 
MET CA  CB   sing N N 222 
MET CA  HA   sing N N 223 
MET C   O    doub N N 224 
MET C   OXT  sing N N 225 
MET CB  CG   sing N N 226 
MET CB  HB2  sing N N 227 
MET CB  HB3  sing N N 228 
MET CG  SD   sing N N 229 
MET CG  HG2  sing N N 230 
MET CG  HG3  sing N N 231 
MET SD  CE   sing N N 232 
MET CE  HE1  sing N N 233 
MET CE  HE2  sing N N 234 
MET CE  HE3  sing N N 235 
MET OXT HXT  sing N N 236 
MSE N   CA   sing N N 237 
MSE N   H    sing N N 238 
MSE N   H2   sing N N 239 
MSE CA  C    sing N N 240 
MSE CA  CB   sing N N 241 
MSE CA  HA   sing N N 242 
MSE C   O    doub N N 243 
MSE C   OXT  sing N N 244 
MSE OXT HXT  sing N N 245 
MSE CB  CG   sing N N 246 
MSE CB  HB2  sing N N 247 
MSE CB  HB3  sing N N 248 
MSE CG  SE   sing N N 249 
MSE CG  HG2  sing N N 250 
MSE CG  HG3  sing N N 251 
MSE SE  CE   sing N N 252 
MSE CE  HE1  sing N N 253 
MSE CE  HE2  sing N N 254 
MSE CE  HE3  sing N N 255 
PHE N   CA   sing N N 256 
PHE N   H    sing N N 257 
PHE N   H2   sing N N 258 
PHE CA  C    sing N N 259 
PHE CA  CB   sing N N 260 
PHE CA  HA   sing N N 261 
PHE C   O    doub N N 262 
PHE C   OXT  sing N N 263 
PHE CB  CG   sing N N 264 
PHE CB  HB2  sing N N 265 
PHE CB  HB3  sing N N 266 
PHE CG  CD1  doub Y N 267 
PHE CG  CD2  sing Y N 268 
PHE CD1 CE1  sing Y N 269 
PHE CD1 HD1  sing N N 270 
PHE CD2 CE2  doub Y N 271 
PHE CD2 HD2  sing N N 272 
PHE CE1 CZ   doub Y N 273 
PHE CE1 HE1  sing N N 274 
PHE CE2 CZ   sing Y N 275 
PHE CE2 HE2  sing N N 276 
PHE CZ  HZ   sing N N 277 
PHE OXT HXT  sing N N 278 
PRO N   CA   sing N N 279 
PRO N   CD   sing N N 280 
PRO N   H    sing N N 281 
PRO CA  C    sing N N 282 
PRO CA  CB   sing N N 283 
PRO CA  HA   sing N N 284 
PRO C   O    doub N N 285 
PRO C   OXT  sing N N 286 
PRO CB  CG   sing N N 287 
PRO CB  HB2  sing N N 288 
PRO CB  HB3  sing N N 289 
PRO CG  CD   sing N N 290 
PRO CG  HG2  sing N N 291 
PRO CG  HG3  sing N N 292 
PRO CD  HD2  sing N N 293 
PRO CD  HD3  sing N N 294 
PRO OXT HXT  sing N N 295 
SER N   CA   sing N N 296 
SER N   H    sing N N 297 
SER N   H2   sing N N 298 
SER CA  C    sing N N 299 
SER CA  CB   sing N N 300 
SER CA  HA   sing N N 301 
SER C   O    doub N N 302 
SER C   OXT  sing N N 303 
SER CB  OG   sing N N 304 
SER CB  HB2  sing N N 305 
SER CB  HB3  sing N N 306 
SER OG  HG   sing N N 307 
SER OXT HXT  sing N N 308 
THR N   CA   sing N N 309 
THR N   H    sing N N 310 
THR N   H2   sing N N 311 
THR CA  C    sing N N 312 
THR CA  CB   sing N N 313 
THR CA  HA   sing N N 314 
THR C   O    doub N N 315 
THR C   OXT  sing N N 316 
THR CB  OG1  sing N N 317 
THR CB  CG2  sing N N 318 
THR CB  HB   sing N N 319 
THR OG1 HG1  sing N N 320 
THR CG2 HG21 sing N N 321 
THR CG2 HG22 sing N N 322 
THR CG2 HG23 sing N N 323 
THR OXT HXT  sing N N 324 
TRP N   CA   sing N N 325 
TRP N   H    sing N N 326 
TRP N   H2   sing N N 327 
TRP CA  C    sing N N 328 
TRP CA  CB   sing N N 329 
TRP CA  HA   sing N N 330 
TRP C   O    doub N N 331 
TRP C   OXT  sing N N 332 
TRP CB  CG   sing N N 333 
TRP CB  HB2  sing N N 334 
TRP CB  HB3  sing N N 335 
TRP CG  CD1  doub Y N 336 
TRP CG  CD2  sing Y N 337 
TRP CD1 NE1  sing Y N 338 
TRP CD1 HD1  sing N N 339 
TRP CD2 CE2  doub Y N 340 
TRP CD2 CE3  sing Y N 341 
TRP NE1 CE2  sing Y N 342 
TRP NE1 HE1  sing N N 343 
TRP CE2 CZ2  sing Y N 344 
TRP CE3 CZ3  doub Y N 345 
TRP CE3 HE3  sing N N 346 
TRP CZ2 CH2  doub Y N 347 
TRP CZ2 HZ2  sing N N 348 
TRP CZ3 CH2  sing Y N 349 
TRP CZ3 HZ3  sing N N 350 
TRP CH2 HH2  sing N N 351 
TRP OXT HXT  sing N N 352 
TYR N   CA   sing N N 353 
TYR N   H    sing N N 354 
TYR N   H2   sing N N 355 
TYR CA  C    sing N N 356 
TYR CA  CB   sing N N 357 
TYR CA  HA   sing N N 358 
TYR C   O    doub N N 359 
TYR C   OXT  sing N N 360 
TYR CB  CG   sing N N 361 
TYR CB  HB2  sing N N 362 
TYR CB  HB3  sing N N 363 
TYR CG  CD1  doub Y N 364 
TYR CG  CD2  sing Y N 365 
TYR CD1 CE1  sing Y N 366 
TYR CD1 HD1  sing N N 367 
TYR CD2 CE2  doub Y N 368 
TYR CD2 HD2  sing N N 369 
TYR CE1 CZ   doub Y N 370 
TYR CE1 HE1  sing N N 371 
TYR CE2 CZ   sing Y N 372 
TYR CE2 HE2  sing N N 373 
TYR CZ  OH   sing N N 374 
TYR OH  HH   sing N N 375 
TYR OXT HXT  sing N N 376 
VAL N   CA   sing N N 377 
VAL N   H    sing N N 378 
VAL N   H2   sing N N 379 
VAL CA  C    sing N N 380 
VAL CA  CB   sing N N 381 
VAL CA  HA   sing N N 382 
VAL C   O    doub N N 383 
VAL C   OXT  sing N N 384 
VAL CB  CG1  sing N N 385 
VAL CB  CG2  sing N N 386 
VAL CB  HB   sing N N 387 
VAL CG1 HG11 sing N N 388 
VAL CG1 HG12 sing N N 389 
VAL CG1 HG13 sing N N 390 
VAL CG2 HG21 sing N N 391 
VAL CG2 HG22 sing N N 392 
VAL CG2 HG23 sing N N 393 
VAL OXT HXT  sing N N 394 
# 
_atom_sites.entry_id                    2HUJ 
_atom_sites.fract_transf_matrix[1][1]   -0.00661256 
_atom_sites.fract_transf_matrix[1][2]   -0.00160664 
_atom_sites.fract_transf_matrix[1][3]   -0.00931589 
_atom_sites.fract_transf_matrix[2][1]   0.00020820 
_atom_sites.fract_transf_matrix[2][2]   0.00766472 
_atom_sites.fract_transf_matrix[2][3]   -0.00861102 
_atom_sites.fract_transf_matrix[3][1]   0.01105583 
_atom_sites.fract_transf_matrix[3][2]   -0.00763707 
_atom_sites.fract_transf_matrix[3][3]   -0.00653049 
_atom_sites.fract_transf_vector[1]      0.637548 
_atom_sites.fract_transf_vector[2]      0.703110 
_atom_sites.fract_transf_vector[3]      0.169129 
# 
loop_
_atom_type.symbol 
C  
N  
O  
S  
SE 
# 
loop_
_atom_site.group_PDB 
_atom_site.id 
_atom_site.type_symbol 
_atom_site.label_atom_id 
_atom_site.label_alt_id 
_atom_site.label_comp_id 
_atom_site.label_asym_id 
_atom_site.label_entity_id 
_atom_site.label_seq_id 
_atom_site.pdbx_PDB_ins_code 
_atom_site.Cartn_x 
_atom_site.Cartn_y 
_atom_site.Cartn_z 
_atom_site.occupancy 
_atom_site.B_iso_or_equiv 
_atom_site.pdbx_formal_charge 
_atom_site.auth_seq_id 
_atom_site.auth_comp_id 
_atom_site.auth_asym_id 
_atom_site.auth_atom_id 
_atom_site.pdbx_PDB_model_num 
ATOM   1    N  N   . LEU A 1 15  ? -0.212  22.727  -8.193  1.00 47.32 ? -4  LEU A N   1 
ATOM   2    C  CA  . LEU A 1 15  ? -1.131  21.572  -7.988  1.00 47.78 ? -4  LEU A CA  1 
ATOM   3    C  C   . LEU A 1 15  ? -0.862  20.455  -9.006  1.00 44.85 ? -4  LEU A C   1 
ATOM   4    O  O   . LEU A 1 15  ? -1.119  19.286  -8.719  1.00 44.55 ? -4  LEU A O   1 
ATOM   5    C  CB  . LEU A 1 15  ? -2.599  22.031  -8.059  1.00 47.97 ? -4  LEU A CB  1 
ATOM   6    C  CG  . LEU A 1 15  ? -3.633  21.156  -7.331  1.00 49.57 ? -4  LEU A CG  1 
ATOM   7    N  N   . TYR A 1 16  ? -0.358  20.818  -10.188 1.00 42.59 ? -3  TYR A N   1 
ATOM   8    C  CA  . TYR A 1 16  ? 0.066   19.826  -11.180 1.00 40.23 ? -3  TYR A CA  1 
ATOM   9    C  C   . TYR A 1 16  ? 1.126   18.907  -10.557 1.00 35.07 ? -3  TYR A C   1 
ATOM   10   O  O   . TYR A 1 16  ? 0.982   17.667  -10.534 1.00 32.23 ? -3  TYR A O   1 
ATOM   11   C  CB  . TYR A 1 16  ? 0.621   20.500  -12.438 1.00 42.46 ? -3  TYR A CB  1 
ATOM   12   C  CG  . TYR A 1 16  ? 1.292   19.509  -13.348 1.00 46.60 ? -3  TYR A CG  1 
ATOM   13   C  CD1 . TYR A 1 16  ? 0.539   18.638  -14.132 1.00 45.25 ? -3  TYR A CD1 1 
ATOM   14   C  CD2 . TYR A 1 16  ? 2.680   19.392  -13.376 1.00 46.00 ? -3  TYR A CD2 1 
ATOM   15   C  CE1 . TYR A 1 16  ? 1.155   17.703  -14.951 1.00 43.29 ? -3  TYR A CE1 1 
ATOM   16   C  CE2 . TYR A 1 16  ? 3.301   18.454  -14.181 1.00 46.71 ? -3  TYR A CE2 1 
ATOM   17   C  CZ  . TYR A 1 16  ? 2.531   17.615  -14.966 1.00 44.65 ? -3  TYR A CZ  1 
ATOM   18   O  OH  . TYR A 1 16  ? 3.157   16.695  -15.777 1.00 52.28 ? -3  TYR A OH  1 
ATOM   19   N  N   . PHE A 1 17  ? 2.139   19.536  -9.980  1.00 31.78 ? -2  PHE A N   1 
ATOM   20   C  CA  . PHE A 1 17  ? 3.264   18.805  -9.395  1.00 32.86 ? -2  PHE A CA  1 
ATOM   21   C  C   . PHE A 1 17  ? 2.820   18.011  -8.174  1.00 33.47 ? -2  PHE A C   1 
ATOM   22   O  O   . PHE A 1 17  ? 3.243   16.876  -7.978  1.00 30.23 ? -2  PHE A O   1 
ATOM   23   C  CB  . PHE A 1 17  ? 4.444   19.756  -9.070  1.00 30.06 ? -2  PHE A CB  1 
ATOM   24   C  CG  . PHE A 1 17  ? 5.202   20.215  -10.271 1.00 34.77 ? -2  PHE A CG  1 
ATOM   25   C  CD1 . PHE A 1 17  ? 5.780   19.293  -11.129 1.00 35.06 ? -2  PHE A CD1 1 
ATOM   26   C  CD2 . PHE A 1 17  ? 5.390   21.573  -10.536 1.00 23.13 ? -2  PHE A CD2 1 
ATOM   27   C  CE1 . PHE A 1 17  ? 6.480   19.700  -12.237 1.00 26.66 ? -2  PHE A CE1 1 
ATOM   28   C  CE2 . PHE A 1 17  ? 6.123   22.015  -11.670 1.00 32.84 ? -2  PHE A CE2 1 
ATOM   29   C  CZ  . PHE A 1 17  ? 6.677   21.075  -12.523 1.00 27.57 ? -2  PHE A CZ  1 
ATOM   30   N  N   . GLN A 1 18  ? 1.934   18.596  -7.367  1.00 35.45 ? -1  GLN A N   1 
ATOM   31   C  CA  . GLN A 1 18  ? 1.405   17.895  -6.194  1.00 37.86 ? -1  GLN A CA  1 
ATOM   32   C  C   . GLN A 1 18  ? 0.684   16.652  -6.625  1.00 33.09 ? -1  GLN A C   1 
ATOM   33   O  O   . GLN A 1 18  ? 0.893   15.588  -6.057  1.00 33.54 ? -1  GLN A O   1 
ATOM   34   C  CB  . GLN A 1 18  ? 0.434   18.768  -5.399  1.00 40.30 ? -1  GLN A CB  1 
ATOM   35   C  CG  . GLN A 1 18  ? 1.092   19.928  -4.679  1.00 47.04 ? -1  GLN A CG  1 
ATOM   36   C  CD  . GLN A 1 18  ? 0.109   20.694  -3.793  1.00 48.88 ? -1  GLN A CD  1 
ATOM   37   O  OE1 . GLN A 1 18  ? -1.017  21.021  -4.210  1.00 61.05 ? -1  GLN A OE1 1 
ATOM   38   N  NE2 . GLN A 1 18  ? 0.534   20.985  -2.558  1.00 63.76 ? -1  GLN A NE2 1 
ATOM   39   N  N   . GLY A 1 19  ? -0.165  16.784  -7.639  1.00 31.25 ? 0   GLY A N   1 
ATOM   40   C  CA  . GLY A 1 19  ? -0.956  15.646  -8.121  1.00 29.58 ? 0   GLY A CA  1 
ATOM   41   C  C   . GLY A 1 19  ? -0.093  14.585  -8.777  1.00 27.03 ? 0   GLY A C   1 
ATOM   42   O  O   . GLY A 1 19  ? -0.325  13.401  -8.603  1.00 25.49 ? 0   GLY A O   1 
HETATM 43   N  N   . MSE A 1 20  ? 0.901   15.018  -9.545  1.00 27.87 ? 1   MSE A N   1 
HETATM 44   C  CA  . MSE A 1 20  ? 1.816   14.067  -10.198 1.00 29.22 ? 1   MSE A CA  1 
HETATM 45   C  C   . MSE A 1 20  ? 2.597   13.307  -9.135  1.00 26.12 ? 1   MSE A C   1 
HETATM 46   O  O   . MSE A 1 20  ? 2.729   12.098  -9.203  1.00 22.38 ? 1   MSE A O   1 
HETATM 47   C  CB  . MSE A 1 20  ? 2.769   14.799  -11.143 1.00 30.38 ? 1   MSE A CB  1 
HETATM 48   C  CG  . MSE A 1 20  ? 2.141   15.231  -12.474 1.00 39.37 ? 1   MSE A CG  1 
HETATM 49   SE SE  . MSE A 1 20  ? 1.316   13.725  -13.449 0.75 44.25 ? 1   MSE A SE  1 
HETATM 50   C  CE  . MSE A 1 20  ? 2.702   12.349  -13.220 1.00 29.99 ? 1   MSE A CE  1 
ATOM   51   N  N   . GLU A 1 21  ? 3.119   14.033  -8.155  1.00 24.91 ? 2   GLU A N   1 
ATOM   52   C  CA  . GLU A 1 21  ? 3.867   13.406  -7.082  1.00 25.23 ? 2   GLU A CA  1 
ATOM   53   C  C   . GLU A 1 21  ? 3.008   12.426  -6.303  1.00 26.16 ? 2   GLU A C   1 
ATOM   54   O  O   . GLU A 1 21  ? 3.461   11.316  -5.998  1.00 26.93 ? 2   GLU A O   1 
ATOM   55   C  CB  . GLU A 1 21  ? 4.508   14.457  -6.180  1.00 28.32 ? 2   GLU A CB  1 
ATOM   56   C  CG  . GLU A 1 21  ? 5.452   13.834  -5.128  1.00 30.62 ? 2   GLU A CG  1 
ATOM   57   C  CD  . GLU A 1 21  ? 6.636   13.134  -5.757  1.00 42.56 ? 2   GLU A CD  1 
ATOM   58   O  OE1 . GLU A 1 21  ? 7.241   13.745  -6.655  1.00 38.76 ? 2   GLU A OE1 1 
ATOM   59   O  OE2 . GLU A 1 21  ? 6.967   11.991  -5.363  1.00 38.66 ? 2   GLU A OE2 1 
ATOM   60   N  N   . LEU A 1 22  ? 1.754   12.808  -6.004  1.00 23.17 ? 3   LEU A N   1 
ATOM   61   C  CA  . LEU A 1 22  ? 0.835   11.881  -5.364  1.00 23.26 ? 3   LEU A CA  1 
ATOM   62   C  C   . LEU A 1 22  ? 0.592   10.607  -6.196  1.00 21.31 ? 3   LEU A C   1 
ATOM   63   O  O   . LEU A 1 22  ? 0.645   9.515   -5.657  1.00 23.51 ? 3   LEU A O   1 
ATOM   64   C  CB  . LEU A 1 22  ? -0.510  12.573  -5.054  1.00 22.60 ? 3   LEU A CB  1 
ATOM   65   C  CG  . LEU A 1 22  ? -1.562  11.703  -4.355  1.00 26.22 ? 3   LEU A CG  1 
ATOM   66   C  CD1 . LEU A 1 22  ? -1.051  11.090  -3.055  1.00 28.27 ? 3   LEU A CD1 1 
ATOM   67   C  CD2 . LEU A 1 22  ? -2.805  12.547  -4.127  1.00 26.85 ? 3   LEU A CD2 1 
ATOM   68   N  N   . LEU A 1 23  ? 0.369   10.756  -7.497  1.00 23.81 ? 4   LEU A N   1 
ATOM   69   C  CA  . LEU A 1 23  ? 0.198   9.617   -8.398  1.00 23.73 ? 4   LEU A CA  1 
ATOM   70   C  C   . LEU A 1 23  ? 1.376   8.657   -8.325  1.00 25.84 ? 4   LEU A C   1 
ATOM   71   O  O   . LEU A 1 23  ? 1.201   7.446   -8.144  1.00 25.93 ? 4   LEU A O   1 
ATOM   72   C  CB  . LEU A 1 23  ? -0.006  10.099  -9.829  1.00 25.57 ? 4   LEU A CB  1 
ATOM   73   C  CG  . LEU A 1 23  ? -0.252  9.039   -10.916 1.00 27.29 ? 4   LEU A CG  1 
ATOM   74   C  CD1 . LEU A 1 23  ? -1.335  8.075   -10.530 1.00 28.61 ? 4   LEU A CD1 1 
ATOM   75   C  CD2 . LEU A 1 23  ? -0.569  9.699   -12.238 1.00 30.01 ? 4   LEU A CD2 1 
ATOM   76   N  N   . ILE A 1 24  ? 2.584   9.210   -8.431  1.00 28.62 ? 5   ILE A N   1 
ATOM   77   C  CA  . ILE A 1 24  ? 3.815   8.410   -8.317  1.00 28.18 ? 5   ILE A CA  1 
ATOM   78   C  C   . ILE A 1 24  ? 3.881   7.653   -6.970  1.00 28.58 ? 5   ILE A C   1 
ATOM   79   O  O   . ILE A 1 24  ? 4.151   6.454   -6.935  1.00 26.56 ? 5   ILE A O   1 
ATOM   80   C  CB  . ILE A 1 24  ? 5.058   9.296   -8.528  1.00 30.00 ? 5   ILE A CB  1 
ATOM   81   C  CG1 . ILE A 1 24  ? 5.104   9.788   -9.984  1.00 28.17 ? 5   ILE A CG1 1 
ATOM   82   C  CG2 . ILE A 1 24  ? 6.341   8.528   -8.196  1.00 34.33 ? 5   ILE A CG2 1 
ATOM   83   C  CD1 . ILE A 1 24  ? 6.170   10.802  -10.255 1.00 29.69 ? 5   ILE A CD1 1 
ATOM   84   N  N   . ARG A 1 25  ? 3.578   8.335   -5.867  1.00 25.63 ? 6   ARG A N   1 
ATOM   85   C  CA  . ARG A 1 25  ? 3.604   7.701   -4.571  1.00 25.25 ? 6   ARG A CA  1 
ATOM   86   C  C   . ARG A 1 25  ? 2.494   6.660   -4.385  1.00 24.66 ? 6   ARG A C   1 
ATOM   87   O  O   . ARG A 1 25  ? 2.677   5.661   -3.697  1.00 28.19 ? 6   ARG A O   1 
ATOM   88   C  CB  . ARG A 1 25  ? 3.554   8.755   -3.475  1.00 26.30 ? 6   ARG A CB  1 
ATOM   89   C  CG  . ARG A 1 25  ? 4.762   9.620   -3.504  1.00 31.51 ? 6   ARG A CG  1 
ATOM   90   C  CD  . ARG A 1 25  ? 4.736   10.644  -2.461  1.00 34.44 ? 6   ARG A CD  1 
ATOM   91   N  NE  . ARG A 1 25  ? 5.985   11.392  -2.507  1.00 34.87 ? 6   ARG A NE  1 
ATOM   92   C  CZ  . ARG A 1 25  ? 6.388   12.258  -1.579  1.00 39.44 ? 6   ARG A CZ  1 
ATOM   93   N  NH1 . ARG A 1 25  ? 5.692   12.472  -0.464  1.00 30.80 ? 6   ARG A NH1 1 
ATOM   94   N  NH2 . ARG A 1 25  ? 7.532   12.900  -1.764  1.00 36.42 ? 6   ARG A NH2 1 
ATOM   95   N  N   . THR A 1 26  ? 1.369   6.874   -5.054  1.00 24.08 ? 7   THR A N   1 
ATOM   96   C  CA  . THR A 1 26  ? 0.270   5.887   -5.089  1.00 25.92 ? 7   THR A CA  1 
ATOM   97   C  C   . THR A 1 26  ? 0.723   4.632   -5.813  1.00 24.67 ? 7   THR A C   1 
ATOM   98   O  O   . THR A 1 26  ? 0.493   3.542   -5.337  1.00 26.65 ? 7   THR A O   1 
ATOM   99   C  CB  . THR A 1 26  ? -0.984  6.476   -5.801  1.00 24.68 ? 7   THR A CB  1 
ATOM   100  O  OG1 . THR A 1 26  ? -1.389  7.677   -5.124  1.00 25.87 ? 7   THR A OG1 1 
ATOM   101  C  CG2 . THR A 1 26  ? -2.150  5.474   -5.795  1.00 26.16 ? 7   THR A CG2 1 
ATOM   102  N  N   . GLU A 1 27  ? 1.409   4.794   -6.942  1.00 25.31 ? 8   GLU A N   1 
ATOM   103  C  CA  . GLU A 1 27  ? 1.923   3.647   -7.719  1.00 26.12 ? 8   GLU A CA  1 
ATOM   104  C  C   . GLU A 1 27  ? 2.956   2.872   -6.900  1.00 23.78 ? 8   GLU A C   1 
ATOM   105  O  O   . GLU A 1 27  ? 2.982   1.626   -6.847  1.00 26.23 ? 8   GLU A O   1 
ATOM   106  C  CB  . GLU A 1 27  ? 2.509   4.125   -9.054  1.00 26.41 ? 8   GLU A CB  1 
ATOM   107  C  CG  . GLU A 1 27  ? 1.380   4.595   -9.991  1.00 28.67 ? 8   GLU A CG  1 
ATOM   108  C  CD  . GLU A 1 27  ? 1.830   5.375   -11.206 1.00 37.55 ? 8   GLU A CD  1 
ATOM   109  O  OE1 . GLU A 1 27  ? 3.028   5.716   -11.307 1.00 41.92 ? 8   GLU A OE1 1 
ATOM   110  O  OE2 . GLU A 1 27  ? 0.930   5.635   -12.047 1.00 45.62 ? 8   GLU A OE2 1 
ATOM   111  N  N   . GLN A 1 28  ? 3.806   3.615   -6.218  1.00 25.51 ? 9   GLN A N   1 
ATOM   112  C  CA  . GLN A 1 28  ? 4.834   3.002   -5.406  1.00 27.33 ? 9   GLN A CA  1 
ATOM   113  C  C   . GLN A 1 28  ? 4.196   2.183   -4.282  1.00 25.96 ? 9   GLN A C   1 
ATOM   114  O  O   . GLN A 1 28  ? 4.624   1.060   -3.993  1.00 26.12 ? 9   GLN A O   1 
ATOM   115  C  CB  . GLN A 1 28  ? 5.740   4.090   -4.840  1.00 28.28 ? 9   GLN A CB  1 
ATOM   116  C  CG  . GLN A 1 28  ? 6.782   3.584   -3.903  1.00 31.73 ? 9   GLN A CG  1 
ATOM   117  C  CD  . GLN A 1 28  ? 8.082   3.418   -4.605  1.00 49.55 ? 9   GLN A CD  1 
ATOM   118  O  OE1 . GLN A 1 28  ? 8.958   4.257   -4.482  1.00 59.82 ? 9   GLN A OE1 1 
ATOM   119  N  NE2 . GLN A 1 28  ? 8.197   2.373   -5.398  1.00 51.52 ? 9   GLN A NE2 1 
ATOM   120  N  N   . LEU A 1 29  ? 3.170   2.738   -3.644  1.00 25.34 ? 10  LEU A N   1 
ATOM   121  C  CA  . LEU A 1 29  ? 2.482   2.026   -2.566  1.00 24.75 ? 10  LEU A CA  1 
ATOM   122  C  C   . LEU A 1 29  ? 1.713   0.790   -3.060  1.00 26.02 ? 10  LEU A C   1 
ATOM   123  O  O   . LEU A 1 29  ? 1.703   -0.246  -2.379  1.00 25.80 ? 10  LEU A O   1 
ATOM   124  C  CB  . LEU A 1 29  ? 1.570   2.973   -1.806  1.00 24.20 ? 10  LEU A CB  1 
ATOM   125  C  CG  . LEU A 1 29  ? 0.966   2.419   -0.506  1.00 24.44 ? 10  LEU A CG  1 
ATOM   126  C  CD1 . LEU A 1 29  ? 2.036   1.889   0.472   1.00 28.99 ? 10  LEU A CD1 1 
ATOM   127  C  CD2 . LEU A 1 29  ? 0.113   3.469   0.181   1.00 27.30 ? 10  LEU A CD2 1 
ATOM   128  N  N   . LEU A 1 30  ? 1.073   0.908   -4.224  1.00 25.92 ? 11  LEU A N   1 
ATOM   129  C  CA  . LEU A 1 30  ? 0.475   -0.259  -4.901  1.00 26.42 ? 11  LEU A CA  1 
ATOM   130  C  C   . LEU A 1 30  ? 1.483   -1.356  -5.163  1.00 26.48 ? 11  LEU A C   1 
ATOM   131  O  O   . LEU A 1 30  ? 1.230   -2.538  -4.936  1.00 24.73 ? 11  LEU A O   1 
ATOM   132  C  CB  . LEU A 1 30  ? -0.183  0.133   -6.194  1.00 25.47 ? 11  LEU A CB  1 
ATOM   133  C  CG  . LEU A 1 30  ? -1.578  0.752   -6.092  1.00 26.28 ? 11  LEU A CG  1 
ATOM   134  C  CD1 . LEU A 1 30  ? -1.871  1.511   -7.353  1.00 29.94 ? 11  LEU A CD1 1 
ATOM   135  C  CD2 . LEU A 1 30  ? -2.595  -0.387  -5.879  1.00 26.41 ? 11  LEU A CD2 1 
ATOM   136  N  N   . LEU A 1 31  ? 2.663   -0.968  -5.618  1.00 23.88 ? 12  LEU A N   1 
ATOM   137  C  CA  . LEU A 1 31  ? 3.737   -1.927  -5.843  1.00 26.13 ? 12  LEU A CA  1 
ATOM   138  C  C   . LEU A 1 31  ? 4.191   -2.623  -4.557  1.00 24.37 ? 12  LEU A C   1 
ATOM   139  O  O   . LEU A 1 31  ? 4.413   -3.855  -4.540  1.00 26.14 ? 12  LEU A O   1 
ATOM   140  C  CB  . LEU A 1 31  ? 4.933   -1.237  -6.535  1.00 23.68 ? 12  LEU A CB  1 
ATOM   141  C  CG  . LEU A 1 31  ? 5.954   -2.170  -7.168  1.00 31.09 ? 12  LEU A CG  1 
ATOM   142  C  CD1 . LEU A 1 31  ? 5.320   -2.871  -8.403  1.00 35.31 ? 12  LEU A CD1 1 
ATOM   143  C  CD2 . LEU A 1 31  ? 7.231   -1.434  -7.576  1.00 33.35 ? 12  LEU A CD2 1 
ATOM   144  N  N   . GLN A 1 32  ? 4.306   -1.858  -3.475  1.00 25.58 ? 13  GLN A N   1 
ATOM   145  C  CA  . GLN A 1 32  ? 4.614   -2.451  -2.183  1.00 25.18 ? 13  GLN A CA  1 
ATOM   146  C  C   . GLN A 1 32  ? 3.576   -3.489  -1.790  1.00 25.29 ? 13  GLN A C   1 
ATOM   147  O  O   . GLN A 1 32  ? 3.912   -4.565  -1.273  1.00 26.38 ? 13  GLN A O   1 
ATOM   148  C  CB  . GLN A 1 32  ? 4.745   -1.382  -1.094  1.00 26.72 ? 13  GLN A CB  1 
ATOM   149  C  CG  . GLN A 1 32  ? 5.080   -1.939  0.288   1.00 28.74 ? 13  GLN A CG  1 
ATOM   150  C  CD  . GLN A 1 32  ? 6.440   -2.641  0.348   1.00 32.19 ? 13  GLN A CD  1 
ATOM   151  O  OE1 . GLN A 1 32  ? 7.433   -2.024  0.047   1.00 29.47 ? 13  GLN A OE1 1 
ATOM   152  N  NE2 . GLN A 1 32  ? 6.474   -3.943  0.725   1.00 28.21 ? 13  GLN A NE2 1 
ATOM   153  N  N   . ASN A 1 33  ? 2.320   -3.134  -1.983  1.00 25.08 ? 14  ASN A N   1 
ATOM   154  C  CA  . ASN A 1 33  ? 1.206   -4.015  -1.624  1.00 24.05 ? 14  ASN A CA  1 
ATOM   155  C  C   . ASN A 1 33  ? 1.351   -5.343  -2.384  1.00 26.80 ? 14  ASN A C   1 
ATOM   156  O  O   . ASN A 1 33  ? 1.192   -6.425  -1.804  1.00 26.71 ? 14  ASN A O   1 
ATOM   157  C  CB  . ASN A 1 33  ? -0.107  -3.300  -1.919  1.00 26.13 ? 14  ASN A CB  1 
ATOM   158  C  CG  . ASN A 1 33  ? -1.321  -4.073  -1.395  1.00 26.06 ? 14  ASN A CG  1 
ATOM   159  O  OD1 . ASN A 1 33  ? -1.321  -4.509  -0.227  1.00 27.24 ? 14  ASN A OD1 1 
ATOM   160  N  ND2 . ASN A 1 33  ? -2.321  -4.255  -2.229  1.00 27.09 ? 14  ASN A ND2 1 
ATOM   161  N  N   . GLU A 1 34  ? 1.673   -5.247  -3.677  1.00 24.60 ? 15  GLU A N   1 
ATOM   162  C  CA  . GLU A 1 34  ? 1.945   -6.417  -4.518  1.00 27.84 ? 15  GLU A CA  1 
ATOM   163  C  C   . GLU A 1 34  ? 3.132   -7.242  -4.026  1.00 28.57 ? 15  GLU A C   1 
ATOM   164  O  O   . GLU A 1 34  ? 3.067   -8.454  -4.020  1.00 27.49 ? 15  GLU A O   1 
ATOM   165  C  CB  . GLU A 1 34  ? 2.188   -6.020  -5.986  1.00 29.80 ? 15  GLU A CB  1 
ATOM   166  C  CG  . GLU A 1 34  ? 1.060   -5.377  -6.699  1.00 35.26 ? 15  GLU A CG  1 
ATOM   167  C  CD  . GLU A 1 34  ? -0.201  -6.222  -6.766  1.00 40.49 ? 15  GLU A CD  1 
ATOM   168  O  OE1 . GLU A 1 34  ? -0.125  -7.463  -6.682  1.00 36.44 ? 15  GLU A OE1 1 
ATOM   169  O  OE2 . GLU A 1 34  ? -1.275  -5.614  -6.936  1.00 42.67 ? 15  GLU A OE2 1 
ATOM   170  N  N   . LYS A 1 35  ? 4.202   -6.572  -3.601  1.00 27.75 ? 16  LYS A N   1 
ATOM   171  C  CA  . LYS A 1 35  ? 5.376   -7.236  -3.055  1.00 28.07 ? 16  LYS A CA  1 
ATOM   172  C  C   . LYS A 1 35  ? 4.991   -8.058  -1.831  1.00 28.00 ? 16  LYS A C   1 
ATOM   173  O  O   . LYS A 1 35  ? 5.436   -9.215  -1.709  1.00 25.78 ? 16  LYS A O   1 
ATOM   174  C  CB  . LYS A 1 35  ? 6.461   -6.241  -2.657  1.00 28.80 ? 16  LYS A CB  1 
ATOM   175  C  CG  . LYS A 1 35  ? 7.201   -5.571  -3.774  1.00 33.75 ? 16  LYS A CG  1 
ATOM   176  C  CD  . LYS A 1 35  ? 8.305   -4.694  -3.170  1.00 33.48 ? 16  LYS A CD  1 
ATOM   177  C  CE  . LYS A 1 35  ? 8.973   -3.782  -4.175  1.00 44.81 ? 16  LYS A CE  1 
ATOM   178  N  NZ  . LYS A 1 35  ? 10.009  -2.928  -3.481  1.00 40.07 ? 16  LYS A NZ  1 
ATOM   179  N  N   . ASN A 1 36  ? 4.155   -7.488  -0.958  1.00 25.68 ? 17  ASN A N   1 
ATOM   180  C  CA  . ASN A 1 36  ? 3.709   -8.201  0.246   1.00 25.09 ? 17  ASN A CA  1 
ATOM   181  C  C   . ASN A 1 36  ? 3.014   -9.482  -0.125  1.00 26.57 ? 17  ASN A C   1 
ATOM   182  O  O   . ASN A 1 36  ? 3.261   -10.555 0.447   1.00 25.36 ? 17  ASN A O   1 
ATOM   183  C  CB  . ASN A 1 36  ? 2.739   -7.347  1.070   1.00 26.17 ? 17  ASN A CB  1 
ATOM   184  C  CG  . ASN A 1 36  ? 3.380   -6.072  1.658   1.00 26.06 ? 17  ASN A CG  1 
ATOM   185  O  OD1 . ASN A 1 36  ? 4.579   -5.810  1.521   1.00 27.01 ? 17  ASN A OD1 1 
ATOM   186  N  ND2 . ASN A 1 36  ? 2.533   -5.281  2.319   1.00 27.73 ? 17  ASN A ND2 1 
ATOM   187  N  N   . TRP A 1 37  ? 2.104   -9.370  -1.086  1.00 26.47 ? 18  TRP A N   1 
ATOM   188  C  CA  . TRP A 1 37  ? 1.267   -10.502 -1.501  1.00 26.88 ? 18  TRP A CA  1 
ATOM   189  C  C   . TRP A 1 37  ? 2.120   -11.577 -2.154  1.00 26.69 ? 18  TRP A C   1 
ATOM   190  O  O   . TRP A 1 37  ? 1.968   -12.763 -1.876  1.00 24.33 ? 18  TRP A O   1 
ATOM   191  C  CB  . TRP A 1 37  ? 0.214   -9.974  -2.472  1.00 28.32 ? 18  TRP A CB  1 
ATOM   192  C  CG  . TRP A 1 37  ? -0.737  -10.972 -3.029  1.00 25.10 ? 18  TRP A CG  1 
ATOM   193  C  CD1 . TRP A 1 37  ? -0.928  -11.253 -4.337  1.00 30.22 ? 18  TRP A CD1 1 
ATOM   194  C  CD2 . TRP A 1 37  ? -1.676  -11.802 -2.296  1.00 23.81 ? 18  TRP A CD2 1 
ATOM   195  N  NE1 . TRP A 1 37  ? -1.918  -12.192 -4.478  1.00 28.45 ? 18  TRP A NE1 1 
ATOM   196  C  CE2 . TRP A 1 37  ? -2.391  -12.553 -3.251  1.00 29.99 ? 18  TRP A CE2 1 
ATOM   197  C  CE3 . TRP A 1 37  ? -1.965  -11.977 -0.940  1.00 30.23 ? 18  TRP A CE3 1 
ATOM   198  C  CZ2 . TRP A 1 37  ? -3.365  -13.508 -2.893  1.00 29.84 ? 18  TRP A CZ2 1 
ATOM   199  C  CZ3 . TRP A 1 37  ? -2.953  -12.913 -0.582  1.00 29.58 ? 18  TRP A CZ3 1 
ATOM   200  C  CH2 . TRP A 1 37  ? -3.637  -13.649 -1.552  1.00 29.18 ? 18  TRP A CH2 1 
ATOM   201  N  N   . GLU A 1 38  ? 3.034   -11.178 -3.029  1.00 27.83 ? 19  GLU A N   1 
ATOM   202  C  CA  . GLU A 1 38  ? 3.888   -12.171 -3.683  1.00 29.14 ? 19  GLU A CA  1 
ATOM   203  C  C   . GLU A 1 38  ? 4.857   -12.852 -2.730  1.00 26.71 ? 19  GLU A C   1 
ATOM   204  O  O   . GLU A 1 38  ? 5.103   -14.046 -2.871  1.00 28.18 ? 19  GLU A O   1 
ATOM   205  C  CB  . GLU A 1 38  ? 4.646   -11.563 -4.857  1.00 27.75 ? 19  GLU A CB  1 
ATOM   206  C  CG  . GLU A 1 38  ? 3.726   -11.051 -5.999  1.00 39.19 ? 19  GLU A CG  1 
ATOM   207  C  CD  . GLU A 1 38  ? 2.935   -12.161 -6.708  1.00 54.06 ? 19  GLU A CD  1 
ATOM   208  O  OE1 . GLU A 1 38  ? 3.390   -13.342 -6.719  1.00 57.18 ? 19  GLU A OE1 1 
ATOM   209  O  OE2 . GLU A 1 38  ? 1.856   -11.841 -7.261  1.00 57.11 ? 19  GLU A OE2 1 
ATOM   210  N  N   . LEU A 1 39  ? 5.378   -12.123 -1.750  1.00 26.96 ? 20  LEU A N   1 
ATOM   211  C  CA  . LEU A 1 39  ? 6.245   -12.731 -0.730  1.00 26.25 ? 20  LEU A CA  1 
ATOM   212  C  C   . LEU A 1 39  ? 5.454   -13.752 0.084   1.00 25.67 ? 20  LEU A C   1 
ATOM   213  O  O   . LEU A 1 39  ? 5.913   -14.867 0.316   1.00 26.01 ? 20  LEU A O   1 
ATOM   214  C  CB  . LEU A 1 39  ? 6.865   -11.651 0.180   1.00 26.79 ? 20  LEU A CB  1 
ATOM   215  C  CG  . LEU A 1 39  ? 7.753   -12.142 1.333   1.00 29.05 ? 20  LEU A CG  1 
ATOM   216  C  CD1 . LEU A 1 39  ? 8.899   -12.968 0.785   1.00 30.79 ? 20  LEU A CD1 1 
ATOM   217  C  CD2 . LEU A 1 39  ? 8.272   -10.966 2.122   1.00 28.67 ? 20  LEU A CD2 1 
ATOM   218  N  N   . TYR A 1 40  ? 4.245   -13.363 0.480   1.00 23.36 ? 21  TYR A N   1 
ATOM   219  C  CA  . TYR A 1 40  ? 3.363   -14.247 1.248   1.00 23.84 ? 21  TYR A CA  1 
ATOM   220  C  C   . TYR A 1 40  ? 3.106   -15.527 0.487   1.00 25.52 ? 21  TYR A C   1 
ATOM   221  O  O   . TYR A 1 40  ? 3.269   -16.644 1.036   1.00 25.24 ? 21  TYR A O   1 
ATOM   222  C  CB  . TYR A 1 40  ? 2.072   -13.527 1.596   1.00 24.57 ? 21  TYR A CB  1 
ATOM   223  C  CG  . TYR A 1 40  ? 1.006   -14.427 2.164   1.00 23.48 ? 21  TYR A CG  1 
ATOM   224  C  CD1 . TYR A 1 40  ? 1.207   -15.148 3.329   1.00 27.00 ? 21  TYR A CD1 1 
ATOM   225  C  CD2 . TYR A 1 40  ? -0.198  -14.600 1.491   1.00 25.12 ? 21  TYR A CD2 1 
ATOM   226  C  CE1 . TYR A 1 40  ? 0.212   -15.976 3.850   1.00 27.89 ? 21  TYR A CE1 1 
ATOM   227  C  CE2 . TYR A 1 40  ? -1.176  -15.452 1.995   1.00 25.72 ? 21  TYR A CE2 1 
ATOM   228  C  CZ  . TYR A 1 40  ? -0.979  -16.131 3.168   1.00 24.18 ? 21  TYR A CZ  1 
ATOM   229  O  OH  . TYR A 1 40  ? -1.977  -16.961 3.629   1.00 25.69 ? 21  TYR A OH  1 
ATOM   230  N  N   . LEU A 1 41  ? 2.648   -15.384 -0.761  1.00 25.40 ? 22  LEU A N   1 
ATOM   231  C  CA  . LEU A 1 41  ? 2.328   -16.548 -1.587  1.00 27.16 ? 22  LEU A CA  1 
ATOM   232  C  C   . LEU A 1 41  ? 3.534   -17.459 -1.731  1.00 28.48 ? 22  LEU A C   1 
ATOM   233  O  O   . LEU A 1 41  ? 3.399   -18.686 -1.659  1.00 28.03 ? 22  LEU A O   1 
ATOM   234  C  CB  . LEU A 1 41  ? 1.811   -16.136 -2.959  1.00 26.35 ? 22  LEU A CB  1 
ATOM   235  C  CG  . LEU A 1 41  ? 0.436   -15.459 -2.952  1.00 26.75 ? 22  LEU A CG  1 
ATOM   236  C  CD1 . LEU A 1 41  ? 0.021   -15.130 -4.363  1.00 30.82 ? 22  LEU A CD1 1 
ATOM   237  C  CD2 . LEU A 1 41  ? -0.623  -16.277 -2.219  1.00 31.80 ? 22  LEU A CD2 1 
ATOM   238  N  N   . SER A 1 42  ? 4.710   -16.876 -1.922  1.00 27.51 ? 23  SER A N   1 
ATOM   239  C  CA  . SER A 1 42  ? 5.915   -17.683 -2.040  1.00 27.30 ? 23  SER A CA  1 
ATOM   240  C  C   . SER A 1 42  ? 6.211   -18.461 -0.762  1.00 26.99 ? 23  SER A C   1 
ATOM   241  O  O   . SER A 1 42  ? 6.592   -19.623 -0.808  1.00 30.29 ? 23  SER A O   1 
ATOM   242  C  CB  . SER A 1 42  ? 7.126   -16.846 -2.457  1.00 28.62 ? 23  SER A CB  1 
ATOM   243  O  OG  . SER A 1 42  ? 7.644   -16.063 -1.383  1.00 39.60 ? 23  SER A OG  1 
ATOM   244  N  N   . ASN A 1 43  ? 6.047   -17.833 0.386   1.00 25.53 ? 24  ASN A N   1 
ATOM   245  C  CA  . ASN A 1 43  ? 6.273   -18.546 1.651   1.00 27.61 ? 24  ASN A CA  1 
ATOM   246  C  C   . ASN A 1 43  ? 5.193   -19.590 1.932   1.00 29.54 ? 24  ASN A C   1 
ATOM   247  O  O   . ASN A 1 43  ? 5.436   -20.597 2.597   1.00 28.68 ? 24  ASN A O   1 
ATOM   248  C  CB  . ASN A 1 43  ? 6.389   -17.547 2.810   1.00 26.73 ? 24  ASN A CB  1 
ATOM   249  C  CG  . ASN A 1 43  ? 7.757   -16.928 2.908   1.00 33.43 ? 24  ASN A CG  1 
ATOM   250  O  OD1 . ASN A 1 43  ? 8.770   -17.620 2.791   1.00 33.18 ? 24  ASN A OD1 1 
ATOM   251  N  ND2 . ASN A 1 43  ? 7.804   -15.624 3.153   1.00 27.00 ? 24  ASN A ND2 1 
ATOM   252  N  N   . ARG A 1 44  ? 3.995   -19.336 1.413   1.00 27.21 ? 25  ARG A N   1 
ATOM   253  C  CA  . ARG A 1 44  ? 2.902   -20.249 1.577   1.00 30.50 ? 25  ARG A CA  1 
ATOM   254  C  C   . ARG A 1 44  ? 3.174   -21.552 0.793   1.00 31.97 ? 25  ARG A C   1 
ATOM   255  O  O   . ARG A 1 44  ? 2.798   -22.656 1.229   1.00 31.46 ? 25  ARG A O   1 
ATOM   256  C  CB  A ARG A 1 44  ? 1.592   -19.574 1.159   0.50 31.14 ? 25  ARG A CB  1 
ATOM   257  C  CB  B ARG A 1 44  ? 1.603   -19.561 1.125   0.50 31.43 ? 25  ARG A CB  1 
ATOM   258  C  CG  A ARG A 1 44  ? 0.382   -20.340 1.608   0.50 33.33 ? 25  ARG A CG  1 
ATOM   259  C  CG  B ARG A 1 44  ? 0.342   -20.389 1.275   0.50 34.51 ? 25  ARG A CG  1 
ATOM   260  C  CD  A ARG A 1 44  ? -0.863  -19.494 1.581   0.50 29.28 ? 25  ARG A CD  1 
ATOM   261  C  CD  B ARG A 1 44  ? -0.884  -19.521 1.058   0.50 32.47 ? 25  ARG A CD  1 
ATOM   262  N  NE  A ARG A 1 44  ? -2.011  -20.302 1.953   0.50 31.07 ? 25  ARG A NE  1 
ATOM   263  N  NE  B ARG A 1 44  ? -2.142  -20.235 1.285   0.50 37.13 ? 25  ARG A NE  1 
ATOM   264  C  CZ  A ARG A 1 44  ? -2.363  -20.609 3.199   0.50 27.83 ? 25  ARG A CZ  1 
ATOM   265  C  CZ  B ARG A 1 44  ? -2.894  -20.805 0.339   0.50 40.60 ? 25  ARG A CZ  1 
ATOM   266  N  NH1 A ARG A 1 44  ? -1.670  -20.163 4.245   0.50 29.45 ? 25  ARG A NH1 1 
ATOM   267  N  NH1 B ARG A 1 44  ? -2.524  -20.791 -0.940  0.50 42.95 ? 25  ARG A NH1 1 
ATOM   268  N  NH2 A ARG A 1 44  ? -3.435  -21.364 3.393   0.50 29.23 ? 25  ARG A NH2 1 
ATOM   269  N  NH2 B ARG A 1 44  ? -4.029  -21.401 0.681   0.50 36.28 ? 25  ARG A NH2 1 
ATOM   270  N  N   . GLU A 1 45  ? 3.862   -21.416 -0.338  1.00 32.38 ? 26  GLU A N   1 
ATOM   271  C  CA  . GLU A 1 45  ? 4.301   -22.528 -1.175  1.00 33.56 ? 26  GLU A CA  1 
ATOM   272  C  C   . GLU A 1 45  ? 5.466   -23.275 -0.551  1.00 33.90 ? 26  GLU A C   1 
ATOM   273  O  O   . GLU A 1 45  ? 5.502   -24.500 -0.571  1.00 33.99 ? 26  GLU A O   1 
ATOM   274  C  CB  . GLU A 1 45  ? 4.735   -22.007 -2.548  1.00 33.08 ? 26  GLU A CB  1 
ATOM   275  C  CG  . GLU A 1 45  ? 5.055   -23.107 -3.576  1.00 40.68 ? 26  GLU A CG  1 
ATOM   276  N  N   . GLU A 1 46  ? 6.428   -22.532 -0.029  1.00 34.13 ? 27  GLU A N   1 
ATOM   277  C  CA  . GLU A 1 46  ? 7.576   -23.105 0.650   1.00 37.14 ? 27  GLU A CA  1 
ATOM   278  C  C   . GLU A 1 46  ? 8.131   -22.090 1.631   1.00 32.97 ? 27  GLU A C   1 
ATOM   279  O  O   . GLU A 1 46  ? 8.659   -21.079 1.212   1.00 31.82 ? 27  GLU A O   1 
ATOM   280  C  CB  . GLU A 1 46  ? 8.648   -23.478 -0.367  1.00 38.35 ? 27  GLU A CB  1 
ATOM   281  C  CG  . GLU A 1 46  ? 9.852   -24.163 0.256   1.00 43.56 ? 27  GLU A CG  1 
ATOM   282  C  CD  . GLU A 1 46  ? 10.919  -24.526 -0.763  1.00 47.10 ? 27  GLU A CD  1 
ATOM   283  O  OE1 . GLU A 1 46  ? 10.592  -24.650 -1.973  1.00 62.01 ? 27  GLU A OE1 1 
ATOM   284  O  OE2 . GLU A 1 46  ? 12.089  -24.691 -0.351  1.00 64.09 ? 27  GLU A OE2 1 
ATOM   285  N  N   . GLU A 1 47  ? 7.995   -22.344 2.935   1.00 31.93 ? 28  GLU A N   1 
ATOM   286  C  CA  . GLU A 1 47  ? 8.377   -21.355 3.922   1.00 33.36 ? 28  GLU A CA  1 
ATOM   287  C  C   . GLU A 1 47  ? 9.877   -21.177 3.866   1.00 34.16 ? 28  GLU A C   1 
ATOM   288  O  O   . GLU A 1 47  ? 10.607  -22.154 3.862   1.00 30.81 ? 28  GLU A O   1 
ATOM   289  C  CB  . GLU A 1 47  ? 7.953   -21.771 5.327   1.00 35.56 ? 28  GLU A CB  1 
ATOM   290  C  CG  . GLU A 1 47  ? 8.454   -20.805 6.456   1.00 40.76 ? 28  GLU A CG  1 
ATOM   291  C  CD  . GLU A 1 47  ? 7.825   -19.398 6.391   1.00 51.90 ? 28  GLU A CD  1 
ATOM   292  O  OE1 . GLU A 1 47  ? 6.682   -19.282 5.893   1.00 41.05 ? 28  GLU A OE1 1 
ATOM   293  O  OE2 . GLU A 1 47  ? 8.474   -18.422 6.849   1.00 48.96 ? 28  GLU A OE2 1 
ATOM   294  N  N   . LYS A 1 48  ? 10.336  -19.934 3.757   1.00 33.81 ? 29  LYS A N   1 
ATOM   295  C  CA  . LYS A 1 48  ? 11.771  -19.663 3.794   1.00 36.64 ? 29  LYS A CA  1 
ATOM   296  C  C   . LYS A 1 48  ? 12.149  -19.145 5.177   1.00 34.95 ? 29  LYS A C   1 
ATOM   297  O  O   . LYS A 1 48  ? 11.408  -18.369 5.757   1.00 32.54 ? 29  LYS A O   1 
ATOM   298  C  CB  . LYS A 1 48  ? 12.121  -18.603 2.759   1.00 36.85 ? 29  LYS A CB  1 
ATOM   299  C  CG  . LYS A 1 48  ? 11.812  -19.016 1.330   1.00 47.36 ? 29  LYS A CG  1 
ATOM   300  C  CD  . LYS A 1 48  ? 12.018  -17.841 0.380   1.00 52.59 ? 29  LYS A CD  1 
ATOM   301  C  CE  . LYS A 1 48  ? 10.863  -16.825 0.421   1.00 54.69 ? 29  LYS A CE  1 
ATOM   302  N  NZ  . LYS A 1 48  ? 9.664   -17.413 -0.217  1.00 47.72 ? 29  LYS A NZ  1 
ATOM   303  N  N   . PRO A 1 49  ? 13.314  -19.543 5.703   1.00 36.58 ? 30  PRO A N   1 
ATOM   304  C  CA  . PRO A 1 49  ? 13.760  -18.902 6.936   1.00 35.38 ? 30  PRO A CA  1 
ATOM   305  C  C   . PRO A 1 49  ? 14.114  -17.445 6.669   1.00 33.88 ? 30  PRO A C   1 
ATOM   306  O  O   . PRO A 1 49  ? 14.365  -17.071 5.514   1.00 32.39 ? 30  PRO A O   1 
ATOM   307  C  CB  . PRO A 1 49  ? 15.021  -19.691 7.304   1.00 38.04 ? 30  PRO A CB  1 
ATOM   308  C  CG  . PRO A 1 49  ? 15.517  -20.232 5.997   1.00 39.66 ? 30  PRO A CG  1 
ATOM   309  C  CD  . PRO A 1 49  ? 14.277  -20.553 5.223   1.00 38.77 ? 30  PRO A CD  1 
ATOM   310  N  N   . PHE A 1 50  ? 14.106  -16.624 7.714   1.00 31.78 ? 31  PHE A N   1 
ATOM   311  C  CA  . PHE A 1 50  ? 14.455  -15.231 7.548   1.00 30.34 ? 31  PHE A CA  1 
ATOM   312  C  C   . PHE A 1 50  ? 15.123  -14.718 8.798   1.00 29.47 ? 31  PHE A C   1 
ATOM   313  O  O   . PHE A 1 50  ? 14.951  -15.282 9.866   1.00 31.41 ? 31  PHE A O   1 
ATOM   314  C  CB  . PHE A 1 50  ? 13.220  -14.390 7.217   1.00 29.26 ? 31  PHE A CB  1 
ATOM   315  C  CG  . PHE A 1 50  ? 12.289  -14.200 8.377   1.00 29.99 ? 31  PHE A CG  1 
ATOM   316  C  CD1 . PHE A 1 50  ? 11.308  -15.134 8.645   1.00 27.01 ? 31  PHE A CD1 1 
ATOM   317  C  CD2 . PHE A 1 50  ? 12.391  -13.080 9.200   1.00 30.45 ? 31  PHE A CD2 1 
ATOM   318  C  CE1 . PHE A 1 50  ? 10.446  -14.967 9.711   1.00 31.92 ? 31  PHE A CE1 1 
ATOM   319  C  CE2 . PHE A 1 50  ? 11.524  -12.915 10.268  1.00 27.95 ? 31  PHE A CE2 1 
ATOM   320  C  CZ  . PHE A 1 50  ? 10.561  -13.855 10.516  1.00 28.95 ? 31  PHE A CZ  1 
ATOM   321  N  N   . ASP A 1 51  ? 15.877  -13.641 8.649   1.00 29.46 ? 32  ASP A N   1 
ATOM   322  C  CA  . ASP A 1 51  ? 16.511  -12.970 9.768   1.00 28.28 ? 32  ASP A CA  1 
ATOM   323  C  C   . ASP A 1 51  ? 15.799  -11.647 10.014  1.00 26.55 ? 32  ASP A C   1 
ATOM   324  O  O   . ASP A 1 51  ? 15.489  -10.893 9.056   1.00 25.89 ? 32  ASP A O   1 
ATOM   325  C  CB  . ASP A 1 51  ? 17.972  -12.678 9.439   1.00 27.65 ? 32  ASP A CB  1 
ATOM   326  C  CG  . ASP A 1 51  ? 18.686  -12.056 10.594  1.00 30.24 ? 32  ASP A CG  1 
ATOM   327  O  OD1 . ASP A 1 51  ? 19.112  -12.829 11.475  1.00 39.53 ? 32  ASP A OD1 1 
ATOM   328  O  OD2 . ASP A 1 51  ? 18.800  -10.815 10.665  1.00 28.54 ? 32  ASP A OD2 1 
ATOM   329  N  N   . PHE A 1 52  ? 15.505  -11.342 11.279  1.00 26.01 ? 33  PHE A N   1 
ATOM   330  C  CA  . PHE A 1 52  ? 14.756  -10.101 11.598  1.00 24.69 ? 33  PHE A CA  1 
ATOM   331  C  C   . PHE A 1 52  ? 15.465  -8.859  11.046  1.00 26.15 ? 33  PHE A C   1 
ATOM   332  O  O   . PHE A 1 52  ? 14.809  -7.951  10.510  1.00 26.83 ? 33  PHE A O   1 
ATOM   333  C  CB  . PHE A 1 52  ? 14.608  -9.948  13.120  1.00 26.21 ? 33  PHE A CB  1 
ATOM   334  C  CG  . PHE A 1 52  ? 13.819  -8.751  13.523  1.00 24.79 ? 33  PHE A CG  1 
ATOM   335  C  CD1 . PHE A 1 52  ? 12.440  -8.797  13.484  1.00 26.28 ? 33  PHE A CD1 1 
ATOM   336  C  CD2 . PHE A 1 52  ? 14.459  -7.564  13.903  1.00 24.97 ? 33  PHE A CD2 1 
ATOM   337  C  CE1 . PHE A 1 52  ? 11.690  -7.705  13.830  1.00 31.40 ? 33  PHE A CE1 1 
ATOM   338  C  CE2 . PHE A 1 52  ? 13.701  -6.445  14.257  1.00 28.07 ? 33  PHE A CE2 1 
ATOM   339  C  CZ  . PHE A 1 52  ? 12.302  -6.531  14.210  1.00 24.60 ? 33  PHE A CZ  1 
ATOM   340  N  N   . TYR A 1 53  ? 16.782  -8.765  11.267  1.00 24.26 ? 34  TYR A N   1 
ATOM   341  C  CA  . TYR A 1 53  ? 17.558  -7.577  10.859  1.00 26.13 ? 34  TYR A CA  1 
ATOM   342  C  C   . TYR A 1 53  ? 17.974  -7.580  9.386   1.00 25.86 ? 34  TYR A C   1 
ATOM   343  O  O   . TYR A 1 53  ? 17.975  -6.530  8.747   1.00 25.75 ? 34  TYR A O   1 
ATOM   344  C  CB  . TYR A 1 53  ? 18.766  -7.328  11.779  1.00 27.47 ? 34  TYR A CB  1 
ATOM   345  C  CG  . TYR A 1 53  ? 18.296  -6.987  13.171  1.00 24.67 ? 34  TYR A CG  1 
ATOM   346  C  CD1 . TYR A 1 53  ? 17.794  -5.724  13.457  1.00 26.79 ? 34  TYR A CD1 1 
ATOM   347  C  CD2 . TYR A 1 53  ? 18.290  -7.938  14.175  1.00 27.13 ? 34  TYR A CD2 1 
ATOM   348  C  CE1 . TYR A 1 53  ? 17.297  -5.415  14.728  1.00 29.03 ? 34  TYR A CE1 1 
ATOM   349  C  CE2 . TYR A 1 53  ? 17.811  -7.633  15.465  1.00 27.05 ? 34  TYR A CE2 1 
ATOM   350  C  CZ  . TYR A 1 53  ? 17.306  -6.373  15.725  1.00 26.21 ? 34  TYR A CZ  1 
ATOM   351  O  OH  . TYR A 1 53  ? 16.816  -6.056  16.967  1.00 28.64 ? 34  TYR A OH  1 
ATOM   352  N  N   . LYS A 1 54  ? 18.318  -8.741  8.847   1.00 26.81 ? 35  LYS A N   1 
ATOM   353  C  CA  . LYS A 1 54  ? 18.761  -8.813  7.456   1.00 28.54 ? 35  LYS A CA  1 
ATOM   354  C  C   . LYS A 1 54  ? 17.581  -8.766  6.510   1.00 30.59 ? 35  LYS A C   1 
ATOM   355  O  O   . LYS A 1 54  ? 17.688  -8.187  5.447   1.00 30.94 ? 35  LYS A O   1 
ATOM   356  C  CB  . LYS A 1 54  ? 19.585  -10.068 7.174   1.00 30.03 ? 35  LYS A CB  1 
ATOM   357  N  N   . ASP A 1 55  ? 16.448  -9.352  6.891   1.00 29.86 ? 36  ASP A N   1 
ATOM   358  C  CA  . ASP A 1 55  ? 15.338  -9.534  5.945   1.00 28.85 ? 36  ASP A CA  1 
ATOM   359  C  C   . ASP A 1 55  ? 14.059  -8.761  6.286   1.00 28.54 ? 36  ASP A C   1 
ATOM   360  O  O   . ASP A 1 55  ? 13.595  -7.950  5.485   1.00 28.98 ? 36  ASP A O   1 
ATOM   361  C  CB  . ASP A 1 55  ? 15.014  -11.024 5.839   1.00 28.11 ? 36  ASP A CB  1 
ATOM   362  C  CG  . ASP A 1 55  ? 16.220  -11.851 5.418   1.00 31.86 ? 36  ASP A CG  1 
ATOM   363  O  OD1 . ASP A 1 55  ? 16.895  -11.451 4.437   1.00 33.26 ? 36  ASP A OD1 1 
ATOM   364  O  OD2 . ASP A 1 55  ? 16.530  -12.869 6.076   1.00 28.26 ? 36  ASP A OD2 1 
HETATM 365  N  N   . MSE A 1 56  ? 13.503  -9.014  7.471   1.00 26.26 ? 37  MSE A N   1 
HETATM 366  C  CA  . MSE A 1 56  ? 12.217  -8.427  7.836   1.00 25.94 ? 37  MSE A CA  1 
HETATM 367  C  C   . MSE A 1 56  ? 12.281  -6.918  8.050   1.00 25.92 ? 37  MSE A C   1 
HETATM 368  O  O   . MSE A 1 56  ? 11.477  -6.203  7.445   1.00 27.55 ? 37  MSE A O   1 
HETATM 369  C  CB  . MSE A 1 56  ? 11.628  -9.085  9.090   1.00 26.45 ? 37  MSE A CB  1 
HETATM 370  C  CG  . MSE A 1 56  ? 10.242  -8.536  9.513   1.00 25.20 ? 37  MSE A CG  1 
HETATM 371  SE SE  . MSE A 1 56  ? 9.522   -9.458  11.050  0.75 27.41 ? 37  MSE A SE  1 
HETATM 372  C  CE  . MSE A 1 56  ? 8.581   -10.905 10.134  1.00 31.13 ? 37  MSE A CE  1 
ATOM   373  N  N   . LYS A 1 57  ? 13.162  -6.435  8.928   1.00 26.81 ? 38  LYS A N   1 
ATOM   374  C  CA  . LYS A 1 57  ? 13.171  -5.001  9.243   1.00 27.13 ? 38  LYS A CA  1 
ATOM   375  C  C   . LYS A 1 57  ? 13.320  -4.105  7.998   1.00 28.50 ? 38  LYS A C   1 
ATOM   376  O  O   . LYS A 1 57  ? 12.565  -3.150  7.832   1.00 29.08 ? 38  LYS A O   1 
ATOM   377  C  CB  . LYS A 1 57  ? 14.209  -4.676  10.310  1.00 29.77 ? 38  LYS A CB  1 
ATOM   378  C  CG  . LYS A 1 57  ? 14.205  -3.225  10.770  1.00 35.83 ? 38  LYS A CG  1 
ATOM   379  C  CD  . LYS A 1 57  ? 15.383  -2.955  11.680  1.00 40.44 ? 38  LYS A CD  1 
ATOM   380  C  CE  . LYS A 1 57  ? 15.421  -1.496  12.040  1.00 45.55 ? 38  LYS A CE  1 
ATOM   381  N  NZ  . LYS A 1 57  ? 15.836  -0.637  10.908  1.00 43.26 ? 38  LYS A NZ  1 
ATOM   382  N  N   . PRO A 1 58  ? 14.277  -4.406  7.129   1.00 28.97 ? 39  PRO A N   1 
ATOM   383  C  CA  . PRO A 1 58  ? 14.427  -3.591  5.917   1.00 27.52 ? 39  PRO A CA  1 
ATOM   384  C  C   . PRO A 1 58  ? 13.173  -3.611  5.024   1.00 29.24 ? 39  PRO A C   1 
ATOM   385  O  O   . PRO A 1 58  ? 12.806  -2.597  4.446   1.00 28.27 ? 39  PRO A O   1 
ATOM   386  C  CB  . PRO A 1 58  ? 15.610  -4.245  5.211   1.00 28.66 ? 39  PRO A CB  1 
ATOM   387  C  CG  . PRO A 1 58  ? 16.384  -4.898  6.360   1.00 30.92 ? 39  PRO A CG  1 
ATOM   388  C  CD  . PRO A 1 58  ? 15.334  -5.430  7.239   1.00 29.45 ? 39  PRO A CD  1 
ATOM   389  N  N   . PHE A 1 59  ? 12.548  -4.773  4.922   1.00 27.96 ? 40  PHE A N   1 
ATOM   390  C  CA  . PHE A 1 59  ? 11.329  -4.904  4.118   1.00 27.24 ? 40  PHE A CA  1 
ATOM   391  C  C   . PHE A 1 59  ? 10.205  -4.072  4.726   1.00 26.97 ? 40  PHE A C   1 
ATOM   392  O  O   . PHE A 1 59  ? 9.510   -3.328  4.025   1.00 28.73 ? 40  PHE A O   1 
ATOM   393  C  CB  . PHE A 1 59  ? 10.925  -6.369  3.994   1.00 27.34 ? 40  PHE A CB  1 
ATOM   394  C  CG  . PHE A 1 59  ? 9.807   -6.621  3.004   1.00 26.91 ? 40  PHE A CG  1 
ATOM   395  C  CD1 . PHE A 1 59  ? 10.086  -6.821  1.654   1.00 28.44 ? 40  PHE A CD1 1 
ATOM   396  C  CD2 . PHE A 1 59  ? 8.491   -6.670  3.420   1.00 28.51 ? 40  PHE A CD2 1 
ATOM   397  C  CE1 . PHE A 1 59  ? 9.080   -7.084  0.741   1.00 31.15 ? 40  PHE A CE1 1 
ATOM   398  C  CE2 . PHE A 1 59  ? 7.456   -6.937  2.500   1.00 28.96 ? 40  PHE A CE2 1 
ATOM   399  C  CZ  . PHE A 1 59  ? 7.748   -7.136  1.160   1.00 28.14 ? 40  PHE A CZ  1 
ATOM   400  N  N   . VAL A 1 60  ? 9.999   -4.220  6.029   1.00 24.92 ? 41  VAL A N   1 
ATOM   401  C  CA  . VAL A 1 60  ? 8.938   -3.505  6.723   1.00 26.05 ? 41  VAL A CA  1 
ATOM   402  C  C   . VAL A 1 60  ? 9.218   -1.985  6.727   1.00 28.07 ? 41  VAL A C   1 
ATOM   403  O  O   . VAL A 1 60  ? 8.310   -1.178  6.510   1.00 28.10 ? 41  VAL A O   1 
ATOM   404  C  CB  . VAL A 1 60  ? 8.705   -4.054  8.133   1.00 29.36 ? 41  VAL A CB  1 
ATOM   405  C  CG1 . VAL A 1 60  ? 7.674   -3.209  8.874   1.00 29.82 ? 41  VAL A CG1 1 
ATOM   406  C  CG2 . VAL A 1 60  ? 8.212   -5.519  8.043   1.00 26.79 ? 41  VAL A CG2 1 
ATOM   407  N  N   . ASP A 1 61  ? 10.482  -1.612  6.944   1.00 27.57 ? 42  ASP A N   1 
ATOM   408  C  CA  . ASP A 1 61  ? 10.877  -0.209  6.851   1.00 26.69 ? 42  ASP A CA  1 
ATOM   409  C  C   . ASP A 1 61  ? 10.574  0.417   5.477   1.00 26.06 ? 42  ASP A C   1 
ATOM   410  O  O   . ASP A 1 61  ? 10.090  1.519   5.405   1.00 29.36 ? 42  ASP A O   1 
ATOM   411  C  CB  . ASP A 1 61  ? 12.379  -0.038  7.103   1.00 27.78 ? 42  ASP A CB  1 
ATOM   412  C  CG  . ASP A 1 61  ? 12.788  -0.185  8.576   1.00 30.36 ? 42  ASP A CG  1 
ATOM   413  O  OD1 . ASP A 1 61  ? 11.926  -0.198  9.478   1.00 31.60 ? 42  ASP A OD1 1 
ATOM   414  O  OD2 . ASP A 1 61  ? 14.030  -0.216  8.801   1.00 34.12 ? 42  ASP A OD2 1 
ATOM   415  N  N   . GLU A 1 62  ? 10.895  -0.268  4.394   1.00 27.39 ? 43  GLU A N   1 
ATOM   416  C  CA  . GLU A 1 62  ? 10.596  0.249   3.060   1.00 30.43 ? 43  GLU A CA  1 
ATOM   417  C  C   . GLU A 1 62  ? 9.060   0.392   2.871   1.00 29.77 ? 43  GLU A C   1 
ATOM   418  O  O   . GLU A 1 62  ? 8.578   1.394   2.353   1.00 28.50 ? 43  GLU A O   1 
ATOM   419  C  CB  . GLU A 1 62  ? 11.232  -0.666  2.006   1.00 28.95 ? 43  GLU A CB  1 
ATOM   420  C  CG  . GLU A 1 62  ? 10.735  -0.524  0.561   1.00 29.48 ? 43  GLU A CG  1 
ATOM   421  C  CD  . GLU A 1 62  ? 11.039  0.814   -0.048  1.00 39.71 ? 43  GLU A CD  1 
ATOM   422  O  OE1 . GLU A 1 62  ? 11.862  1.571   0.537   1.00 36.27 ? 43  GLU A OE1 1 
ATOM   423  O  OE2 . GLU A 1 62  ? 10.440  1.124   -1.104  1.00 39.37 ? 43  GLU A OE2 1 
ATOM   424  N  N   . ALA A 1 63  ? 8.290   -0.608  3.302   1.00 28.85 ? 44  ALA A N   1 
ATOM   425  C  CA  . ALA A 1 63  ? 6.833   -0.479  3.288   1.00 28.25 ? 44  ALA A CA  1 
ATOM   426  C  C   . ALA A 1 63  ? 6.317   0.748   4.058   1.00 30.88 ? 44  ALA A C   1 
ATOM   427  O  O   . ALA A 1 63  ? 5.449   1.490   3.567   1.00 29.99 ? 44  ALA A O   1 
ATOM   428  C  CB  . ALA A 1 63  ? 6.168   -1.762  3.823   1.00 26.41 ? 44  ALA A CB  1 
ATOM   429  N  N   . LYS A 1 64  ? 6.887   0.993   5.228   1.00 31.27 ? 45  LYS A N   1 
ATOM   430  C  CA  . LYS A 1 64  ? 6.525   2.154   6.053   1.00 31.93 ? 45  LYS A CA  1 
ATOM   431  C  C   . LYS A 1 64  ? 6.888   3.473   5.348   1.00 30.10 ? 45  LYS A C   1 
ATOM   432  O  O   . LYS A 1 64  ? 6.123   4.425   5.394   1.00 31.15 ? 45  LYS A O   1 
ATOM   433  C  CB  A LYS A 1 64  ? 7.245   2.075   7.404   0.50 33.13 ? 45  LYS A CB  1 
ATOM   434  C  CB  B LYS A 1 64  ? 7.207   2.097   7.433   0.50 34.37 ? 45  LYS A CB  1 
ATOM   435  C  CG  A LYS A 1 64  ? 6.872   3.168   8.407   0.50 34.72 ? 45  LYS A CG  1 
ATOM   436  C  CG  B LYS A 1 64  ? 7.208   3.444   8.186   0.50 38.52 ? 45  LYS A CG  1 
ATOM   437  C  CD  A LYS A 1 64  ? 5.420   3.103   8.805   0.50 31.96 ? 45  LYS A CD  1 
ATOM   438  C  CD  B LYS A 1 64  ? 7.178   3.300   9.701   0.50 41.93 ? 45  LYS A CD  1 
ATOM   439  C  CE  A LYS A 1 64  ? 5.186   3.677   10.199  0.50 37.43 ? 45  LYS A CE  1 
ATOM   440  C  CE  B LYS A 1 64  ? 6.963   4.658   10.368  0.50 42.42 ? 45  LYS A CE  1 
ATOM   441  N  NZ  A LYS A 1 64  ? 4.050   3.040   10.944  0.50 32.34 ? 45  LYS A NZ  1 
ATOM   442  N  NZ  B LYS A 1 64  ? 5.584   5.182   10.110  0.50 39.89 ? 45  LYS A NZ  1 
ATOM   443  N  N   . ARG A 1 65  ? 8.055   3.521   4.720   1.00 32.81 ? 46  ARG A N   1 
ATOM   444  C  CA  . ARG A 1 65  ? 8.486   4.692   3.927   1.00 31.09 ? 46  ARG A CA  1 
ATOM   445  C  C   . ARG A 1 65  ? 7.467   4.959   2.808   1.00 28.90 ? 46  ARG A C   1 
ATOM   446  O  O   . ARG A 1 65  ? 7.053   6.091   2.616   1.00 30.28 ? 46  ARG A O   1 
ATOM   447  C  CB  . ARG A 1 65  ? 9.890   4.470   3.339   1.00 33.72 ? 46  ARG A CB  1 
ATOM   448  C  CG  . ARG A 1 65  ? 10.371  5.606   2.411   1.00 38.57 ? 46  ARG A CG  1 
ATOM   449  C  CD  . ARG A 1 65  ? 11.566  5.179   1.523   1.00 42.39 ? 46  ARG A CD  1 
ATOM   450  N  NE  . ARG A 1 65  ? 11.155  4.370   0.367   1.00 51.89 ? 46  ARG A NE  1 
ATOM   451  C  CZ  . ARG A 1 65  ? 10.820  4.853   -0.833  1.00 58.56 ? 46  ARG A CZ  1 
ATOM   452  N  NH1 . ARG A 1 65  ? 10.820  6.160   -1.084  1.00 62.44 ? 46  ARG A NH1 1 
ATOM   453  N  NH2 . ARG A 1 65  ? 10.475  4.015   -1.801  1.00 54.86 ? 46  ARG A NH2 1 
ATOM   454  N  N   . CYS A 1 66  ? 7.044   3.902   2.100   1.00 28.47 ? 47  CYS A N   1 
ATOM   455  C  CA  . CYS A 1 66  ? 6.071   4.040   1.038   1.00 27.04 ? 47  CYS A CA  1 
ATOM   456  C  C   . CYS A 1 66  ? 4.781   4.607   1.605   1.00 27.47 ? 47  CYS A C   1 
ATOM   457  O  O   . CYS A 1 66  ? 4.178   5.514   0.992   1.00 28.89 ? 47  CYS A O   1 
ATOM   458  C  CB  . CYS A 1 66  ? 5.787   2.704   0.315   1.00 27.01 ? 47  CYS A CB  1 
ATOM   459  S  SG  . CYS A 1 66  ? 7.194   2.054   -0.634  1.00 33.94 ? 47  CYS A SG  1 
ATOM   460  N  N   . ALA A 1 67  ? 4.330   4.076   2.742   1.00 26.17 ? 48  ALA A N   1 
ATOM   461  C  CA  . ALA A 1 67  ? 3.032   4.494   3.294   1.00 28.86 ? 48  ALA A CA  1 
ATOM   462  C  C   . ALA A 1 67  ? 3.085   5.924   3.769   1.00 28.23 ? 48  ALA A C   1 
ATOM   463  O  O   . ALA A 1 67  ? 2.188   6.729   3.478   1.00 28.36 ? 48  ALA A O   1 
ATOM   464  C  CB  . ALA A 1 67  ? 2.585   3.571   4.427   1.00 30.95 ? 48  ALA A CB  1 
ATOM   465  N  N   . ASP A 1 68  ? 4.154   6.277   4.480   1.00 29.42 ? 49  ASP A N   1 
ATOM   466  C  CA  . ASP A 1 68  ? 4.292   7.626   5.033   1.00 30.49 ? 49  ASP A CA  1 
ATOM   467  C  C   . ASP A 1 68  ? 4.404   8.672   3.915   1.00 29.87 ? 49  ASP A C   1 
ATOM   468  O  O   . ASP A 1 68  ? 3.809   9.737   4.008   1.00 30.41 ? 49  ASP A O   1 
ATOM   469  C  CB  . ASP A 1 68  ? 5.538   7.737   5.931   1.00 34.43 ? 49  ASP A CB  1 
ATOM   470  C  CG  . ASP A 1 68  ? 5.414   6.979   7.283   1.00 35.97 ? 49  ASP A CG  1 
ATOM   471  O  OD1 . ASP A 1 68  ? 4.329   6.552   7.696   1.00 36.82 ? 49  ASP A OD1 1 
ATOM   472  O  OD2 . ASP A 1 68  ? 6.471   6.841   7.935   1.00 43.34 ? 49  ASP A OD2 1 
ATOM   473  N  N   . ASP A 1 69  ? 5.178   8.356   2.869   1.00 28.06 ? 50  ASP A N   1 
ATOM   474  C  CA  . ASP A 1 69  ? 5.358   9.228   1.721   1.00 27.51 ? 50  ASP A CA  1 
ATOM   475  C  C   . ASP A 1 69  ? 4.008   9.460   1.045   1.00 24.65 ? 50  ASP A C   1 
ATOM   476  O  O   . ASP A 1 69  ? 3.662   10.587  0.694   1.00 26.34 ? 50  ASP A O   1 
ATOM   477  C  CB  . ASP A 1 69  ? 6.326   8.593   0.716   1.00 27.76 ? 50  ASP A CB  1 
ATOM   478  C  CG  . ASP A 1 69  ? 7.792   8.741   1.109   1.00 36.85 ? 50  ASP A CG  1 
ATOM   479  O  OD1 . ASP A 1 69  ? 8.088   9.232   2.225   1.00 38.46 ? 50  ASP A OD1 1 
ATOM   480  O  OD2 . ASP A 1 69  ? 8.645   8.308   0.295   1.00 40.57 ? 50  ASP A OD2 1 
ATOM   481  N  N   . PHE A 1 70  ? 3.224   8.394   0.898   1.00 26.84 ? 51  PHE A N   1 
ATOM   482  C  CA  . PHE A 1 70  ? 1.897   8.532   0.317   1.00 27.15 ? 51  PHE A CA  1 
ATOM   483  C  C   . PHE A 1 70  ? 0.993   9.422   1.159   1.00 28.42 ? 51  PHE A C   1 
ATOM   484  O  O   . PHE A 1 70  ? 0.380   10.359  0.647   1.00 27.03 ? 51  PHE A O   1 
ATOM   485  C  CB  . PHE A 1 70  ? 1.264   7.159   0.118   1.00 26.06 ? 51  PHE A CB  1 
ATOM   486  C  CG  . PHE A 1 70  ? -0.198  7.193   -0.233  1.00 23.78 ? 51  PHE A CG  1 
ATOM   487  C  CD1 . PHE A 1 70  ? -0.647  7.421   -1.566  1.00 24.69 ? 51  PHE A CD1 1 
ATOM   488  C  CD2 . PHE A 1 70  ? -1.152  6.951   0.745   1.00 26.96 ? 51  PHE A CD2 1 
ATOM   489  C  CE1 . PHE A 1 70  ? -1.996  7.402   -1.860  1.00 24.66 ? 51  PHE A CE1 1 
ATOM   490  C  CE2 . PHE A 1 70  ? -2.494  6.946   0.451   1.00 26.99 ? 51  PHE A CE2 1 
ATOM   491  C  CZ  . PHE A 1 70  ? -2.930  7.184   -0.839  1.00 24.96 ? 51  PHE A CZ  1 
ATOM   492  N  N   . LEU A 1 71  ? 0.921   9.148   2.450   1.00 27.99 ? 52  LEU A N   1 
ATOM   493  C  CA  . LEU A 1 71  ? 0.027   9.903   3.325   1.00 28.42 ? 52  LEU A CA  1 
ATOM   494  C  C   . LEU A 1 71  ? 0.387   11.374  3.421   1.00 27.60 ? 52  LEU A C   1 
ATOM   495  O  O   . LEU A 1 71  ? -0.499  12.217  3.526   1.00 27.28 ? 52  LEU A O   1 
ATOM   496  C  CB  . LEU A 1 71  ? -0.004  9.319   4.726   1.00 28.31 ? 52  LEU A CB  1 
ATOM   497  C  CG  . LEU A 1 71  ? -0.732  7.972   4.857   1.00 27.74 ? 52  LEU A CG  1 
ATOM   498  C  CD1 . LEU A 1 71  ? -0.500  7.464   6.270   1.00 34.65 ? 52  LEU A CD1 1 
ATOM   499  C  CD2 . LEU A 1 71  ? -2.212  8.103   4.529   1.00 31.33 ? 52  LEU A CD2 1 
ATOM   500  N  N   . GLU A 1 72  ? 1.678   11.679  3.388   1.00 29.41 ? 53  GLU A N   1 
ATOM   501  C  CA  . GLU A 1 72  ? 2.164   13.072  3.429   1.00 30.02 ? 53  GLU A CA  1 
ATOM   502  C  C   . GLU A 1 72  ? 1.447   13.959  2.426   1.00 27.88 ? 53  GLU A C   1 
ATOM   503  O  O   . GLU A 1 72  ? 1.112   15.088  2.742   1.00 27.24 ? 53  GLU A O   1 
ATOM   504  C  CB  . GLU A 1 72  ? 3.672   13.096  3.164   1.00 29.22 ? 53  GLU A CB  1 
ATOM   505  C  CG  . GLU A 1 72  ? 4.312   14.433  3.375   1.00 33.33 ? 53  GLU A CG  1 
ATOM   506  C  CD  . GLU A 1 72  ? 5.733   14.520  2.837   1.00 40.66 ? 53  GLU A CD  1 
ATOM   507  O  OE1 . GLU A 1 72  ? 6.291   13.495  2.360   1.00 48.17 ? 53  GLU A OE1 1 
ATOM   508  O  OE2 . GLU A 1 72  ? 6.284   15.642  2.903   1.00 55.57 ? 53  GLU A OE2 1 
ATOM   509  N  N   . LEU A 1 73  ? 1.215   13.436  1.226   1.00 25.37 ? 54  LEU A N   1 
ATOM   510  C  CA  . LEU A 1 73  ? 0.489   14.147  0.171   1.00 25.43 ? 54  LEU A CA  1 
ATOM   511  C  C   . LEU A 1 73  ? -0.992  13.807  0.069   1.00 22.65 ? 54  LEU A C   1 
ATOM   512  O  O   . LEU A 1 73  ? -1.821  14.672  -0.243  1.00 26.69 ? 54  LEU A O   1 
ATOM   513  C  CB  . LEU A 1 73  ? 1.143   13.856  -1.171  1.00 26.36 ? 54  LEU A CB  1 
ATOM   514  C  CG  . LEU A 1 73  ? 2.628   14.206  -1.291  1.00 34.86 ? 54  LEU A CG  1 
ATOM   515  C  CD1 . LEU A 1 73  ? 3.022   14.048  -2.734  1.00 36.74 ? 54  LEU A CD1 1 
ATOM   516  C  CD2 . LEU A 1 73  ? 2.888   15.629  -0.837  1.00 35.87 ? 54  LEU A CD2 1 
ATOM   517  N  N   . ALA A 1 74  ? -1.347  12.566  0.397   1.00 24.68 ? 55  ALA A N   1 
ATOM   518  C  CA  . ALA A 1 74  ? -2.702  12.074  0.214   1.00 24.42 ? 55  ALA A CA  1 
ATOM   519  C  C   . ALA A 1 74  ? -3.680  12.683  1.203   1.00 24.94 ? 55  ALA A C   1 
ATOM   520  O  O   . ALA A 1 74  ? -4.837  12.911  0.852   1.00 25.80 ? 55  ALA A O   1 
ATOM   521  C  CB  . ALA A 1 74  ? -2.745  10.514  0.361   1.00 24.90 ? 55  ALA A CB  1 
ATOM   522  N  N   . ILE A 1 75  ? -3.266  12.874  2.452   1.00 25.40 ? 56  ILE A N   1 
ATOM   523  C  CA  . ILE A 1 75  ? -4.176  13.467  3.437   1.00 26.57 ? 56  ILE A CA  1 
ATOM   524  C  C   . ILE A 1 75  ? -4.558  14.910  3.096   1.00 28.01 ? 56  ILE A C   1 
ATOM   525  O  O   . ILE A 1 75  ? -5.758  15.210  3.010   1.00 28.34 ? 56  ILE A O   1 
ATOM   526  C  CB  . ILE A 1 75  ? -3.691  13.292  4.894   1.00 30.23 ? 56  ILE A CB  1 
ATOM   527  C  CG1 . ILE A 1 75  ? -3.486  11.822  5.226   1.00 33.50 ? 56  ILE A CG1 1 
ATOM   528  C  CG2 . ILE A 1 75  ? -4.714  13.918  5.877   1.00 32.30 ? 56  ILE A CG2 1 
ATOM   529  C  CD1 . ILE A 1 75  ? -4.640  10.919  4.851   1.00 37.53 ? 56  ILE A CD1 1 
ATOM   530  N  N   . PRO A 1 76  ? -3.573  15.806  2.871   1.00 29.11 ? 57  PRO A N   1 
ATOM   531  C  CA  . PRO A 1 76  ? -3.931  17.158  2.404   1.00 28.50 ? 57  PRO A CA  1 
ATOM   532  C  C   . PRO A 1 76  ? -4.780  17.133  1.120   1.00 28.50 ? 57  PRO A C   1 
ATOM   533  O  O   . PRO A 1 76  ? -5.750  17.891  0.986   1.00 28.48 ? 57  PRO A O   1 
ATOM   534  C  CB  . PRO A 1 76  ? -2.567  17.793  2.125   1.00 32.19 ? 57  PRO A CB  1 
ATOM   535  C  CG  . PRO A 1 76  ? -1.611  17.037  2.983   1.00 34.01 ? 57  PRO A CG  1 
ATOM   536  C  CD  . PRO A 1 76  ? -2.124  15.663  3.106   1.00 29.85 ? 57  PRO A CD  1 
ATOM   537  N  N   . TRP A 1 77  ? -4.434  16.251  0.188   1.00 27.34 ? 58  TRP A N   1 
ATOM   538  C  CA  . TRP A 1 77  ? -5.219  16.121  -1.037  1.00 24.06 ? 58  TRP A CA  1 
ATOM   539  C  C   . TRP A 1 77  ? -6.655  15.713  -0.749  1.00 26.59 ? 58  TRP A C   1 
ATOM   540  O  O   . TRP A 1 77  ? -7.586  16.333  -1.252  1.00 25.70 ? 58  TRP A O   1 
ATOM   541  C  CB  . TRP A 1 77  ? -4.571  15.118  -1.990  1.00 25.48 ? 58  TRP A CB  1 
ATOM   542  C  CG  . TRP A 1 77  ? -5.419  14.685  -3.146  1.00 24.40 ? 58  TRP A CG  1 
ATOM   543  C  CD1 . TRP A 1 77  ? -5.660  15.384  -4.283  1.00 27.69 ? 58  TRP A CD1 1 
ATOM   544  C  CD2 . TRP A 1 77  ? -6.089  13.423  -3.304  1.00 27.01 ? 58  TRP A CD2 1 
ATOM   545  N  NE1 . TRP A 1 77  ? -6.468  14.655  -5.117  1.00 30.27 ? 58  TRP A NE1 1 
ATOM   546  C  CE2 . TRP A 1 77  ? -6.730  13.445  -4.546  1.00 27.53 ? 58  TRP A CE2 1 
ATOM   547  C  CE3 . TRP A 1 77  ? -6.200  12.281  -2.517  1.00 26.48 ? 58  TRP A CE3 1 
ATOM   548  C  CZ2 . TRP A 1 77  ? -7.473  12.364  -5.021  1.00 28.36 ? 58  TRP A CZ2 1 
ATOM   549  C  CZ3 . TRP A 1 77  ? -6.936  11.229  -2.988  1.00 26.05 ? 58  TRP A CZ3 1 
ATOM   550  C  CH2 . TRP A 1 77  ? -7.569  11.279  -4.224  1.00 28.89 ? 58  TRP A CH2 1 
ATOM   551  N  N   . VAL A 1 78  ? -6.854  14.701  0.090   1.00 27.02 ? 59  VAL A N   1 
ATOM   552  C  CA  . VAL A 1 78  ? -8.209  14.156  0.237   1.00 29.66 ? 59  VAL A CA  1 
ATOM   553  C  C   . VAL A 1 78  ? -9.110  15.178  0.921   1.00 32.80 ? 59  VAL A C   1 
ATOM   554  O  O   . VAL A 1 78  ? -10.320 15.230  0.635   1.00 33.37 ? 59  VAL A O   1 
ATOM   555  C  CB  . VAL A 1 78  ? -8.247  12.761  0.956   1.00 31.79 ? 59  VAL A CB  1 
ATOM   556  C  CG1 . VAL A 1 78  ? -8.212  12.924  2.441   1.00 34.99 ? 59  VAL A CG1 1 
ATOM   557  C  CG2 . VAL A 1 78  ? -9.470  11.961  0.501   1.00 32.16 ? 59  VAL A CG2 1 
ATOM   558  N  N   . ASN A 1 79  ? -8.528  16.011  1.787   1.00 33.87 ? 60  ASN A N   1 
ATOM   559  C  CA  . ASN A 1 79  ? -9.305  16.964  2.552   1.00 36.15 ? 60  ASN A CA  1 
ATOM   560  C  C   . ASN A 1 79  ? -9.501  18.278  1.784   1.00 39.67 ? 60  ASN A C   1 
ATOM   561  O  O   . ASN A 1 79  ? -10.429 19.029  2.075   1.00 41.11 ? 60  ASN A O   1 
ATOM   562  C  CB  . ASN A 1 79  ? -8.686  17.195  3.944   1.00 36.85 ? 60  ASN A CB  1 
ATOM   563  C  CG  . ASN A 1 79  ? -8.797  15.976  4.856   1.00 34.71 ? 60  ASN A CG  1 
ATOM   564  O  OD1 . ASN A 1 79  ? -9.788  15.241  4.830   1.00 41.49 ? 60  ASN A OD1 1 
ATOM   565  N  ND2 . ASN A 1 79  ? -7.772  15.739  5.660   1.00 43.17 ? 60  ASN A ND2 1 
ATOM   566  N  N   . THR A 1 80  ? -8.671  18.555  0.782   1.00 39.03 ? 61  THR A N   1 
ATOM   567  C  CA  . THR A 1 80  ? -8.873  19.749  -0.025  1.00 38.68 ? 61  THR A CA  1 
ATOM   568  C  C   . THR A 1 80  ? -9.642  19.448  -1.302  1.00 38.35 ? 61  THR A C   1 
ATOM   569  O  O   . THR A 1 80  ? -10.556 20.193  -1.654  1.00 37.54 ? 61  THR A O   1 
ATOM   570  C  CB  . THR A 1 80  ? -7.571  20.453  -0.367  1.00 40.01 ? 61  THR A CB  1 
ATOM   571  O  OG1 . THR A 1 80  ? -6.781  19.605  -1.202  1.00 51.20 ? 61  THR A OG1 1 
ATOM   572  C  CG2 . THR A 1 80  ? -6.783  20.798  0.900   1.00 41.24 ? 61  THR A CG2 1 
ATOM   573  N  N   . GLU A 1 81  ? -9.308  18.379  -2.008  1.00 35.36 ? 62  GLU A N   1 
ATOM   574  C  CA  . GLU A 1 81  ? -9.972  18.096  -3.285  1.00 34.50 ? 62  GLU A CA  1 
ATOM   575  C  C   . GLU A 1 81  ? -11.308 17.393  -3.115  1.00 36.57 ? 62  GLU A C   1 
ATOM   576  O  O   . GLU A 1 81  ? -12.149 17.441  -4.011  1.00 35.59 ? 62  GLU A O   1 
ATOM   577  C  CB  . GLU A 1 81  ? -9.075  17.271  -4.206  1.00 35.25 ? 62  GLU A CB  1 
ATOM   578  C  CG  . GLU A 1 81  ? -7.745  17.939  -4.540  1.00 42.61 ? 62  GLU A CG  1 
ATOM   579  C  CD  . GLU A 1 81  ? -7.891  19.318  -5.182  1.00 54.48 ? 62  GLU A CD  1 
ATOM   580  O  OE1 . GLU A 1 81  ? -8.845  19.509  -5.973  1.00 52.85 ? 62  GLU A OE1 1 
ATOM   581  O  OE2 . GLU A 1 81  ? -7.043  20.201  -4.893  1.00 58.13 ? 62  GLU A OE2 1 
ATOM   582  N  N   . ARG A 1 82  ? -11.495 16.732  -1.974  1.00 35.29 ? 63  ARG A N   1 
ATOM   583  C  CA  . ARG A 1 82  ? -12.713 16.001  -1.646  1.00 35.20 ? 63  ARG A CA  1 
ATOM   584  C  C   . ARG A 1 82  ? -13.132 15.090  -2.782  1.00 32.63 ? 63  ARG A C   1 
ATOM   585  O  O   . ARG A 1 82  ? -14.234 15.229  -3.321  1.00 31.32 ? 63  ARG A O   1 
ATOM   586  C  CB  . ARG A 1 82  ? -13.838 16.975  -1.298  1.00 35.32 ? 63  ARG A CB  1 
ATOM   587  C  CG  . ARG A 1 82  ? -13.540 17.884  -0.112  1.00 40.23 ? 63  ARG A CG  1 
ATOM   588  C  CD  . ARG A 1 82  ? -13.633 17.149  1.217   1.00 47.95 ? 63  ARG A CD  1 
ATOM   589  N  N   . PRO A 1 83  ? -12.260 14.150  -3.156  1.00 31.95 ? 64  PRO A N   1 
ATOM   590  C  CA  . PRO A 1 83  ? -12.608 13.211  -4.202  1.00 31.70 ? 64  PRO A CA  1 
ATOM   591  C  C   . PRO A 1 83  ? -13.806 12.382  -3.818  1.00 33.83 ? 64  PRO A C   1 
ATOM   592  O  O   . PRO A 1 83  ? -14.021 12.119  -2.645  1.00 34.19 ? 64  PRO A O   1 
ATOM   593  C  CB  . PRO A 1 83  ? -11.353 12.356  -4.336  1.00 29.08 ? 64  PRO A CB  1 
ATOM   594  C  CG  . PRO A 1 83  ? -10.716 12.455  -3.009  1.00 33.02 ? 64  PRO A CG  1 
ATOM   595  C  CD  . PRO A 1 83  ? -10.917 13.873  -2.623  1.00 33.68 ? 64  PRO A CD  1 
ATOM   596  N  N   . PRO A 1 84  ? -14.603 11.969  -4.805  1.00 36.31 ? 65  PRO A N   1 
ATOM   597  C  CA  . PRO A 1 84  ? -15.843 11.274  -4.457  1.00 34.37 ? 65  PRO A CA  1 
ATOM   598  C  C   . PRO A 1 84  ? -15.673 10.021  -3.595  1.00 32.01 ? 65  PRO A C   1 
ATOM   599  O  O   . PRO A 1 84  ? -14.801 9.191   -3.861  1.00 29.89 ? 65  PRO A O   1 
ATOM   600  C  CB  . PRO A 1 84  ? -16.430 10.916  -5.820  1.00 38.13 ? 65  PRO A CB  1 
ATOM   601  C  CG  . PRO A 1 84  ? -15.814 11.942  -6.778  1.00 36.03 ? 65  PRO A CG  1 
ATOM   602  C  CD  . PRO A 1 84  ? -14.432 12.129  -6.260  1.00 39.22 ? 65  PRO A CD  1 
ATOM   603  N  N   . TYR A 1 85  ? -16.492 9.934   -2.550  1.00 30.24 ? 66  TYR A N   1 
ATOM   604  C  CA  . TYR A 1 85  ? -16.618 8.748   -1.703  1.00 30.17 ? 66  TYR A CA  1 
ATOM   605  C  C   . TYR A 1 85  ? -15.301 8.349   -1.024  1.00 26.89 ? 66  TYR A C   1 
ATOM   606  O  O   . TYR A 1 85  ? -15.061 7.179   -0.755  1.00 30.61 ? 66  TYR A O   1 
ATOM   607  C  CB  . TYR A 1 85  ? -17.150 7.535   -2.493  1.00 29.82 ? 66  TYR A CB  1 
ATOM   608  C  CG  . TYR A 1 85  ? -18.399 7.803   -3.301  1.00 36.97 ? 66  TYR A CG  1 
ATOM   609  C  CD1 . TYR A 1 85  ? -19.627 8.046   -2.672  1.00 37.29 ? 66  TYR A CD1 1 
ATOM   610  C  CD2 . TYR A 1 85  ? -18.359 7.800   -4.695  1.00 39.31 ? 66  TYR A CD2 1 
ATOM   611  C  CE1 . TYR A 1 85  ? -20.784 8.287   -3.406  1.00 32.17 ? 66  TYR A CE1 1 
ATOM   612  C  CE2 . TYR A 1 85  ? -19.505 8.040   -5.446  1.00 34.29 ? 66  TYR A CE2 1 
ATOM   613  C  CZ  . TYR A 1 85  ? -20.712 8.287   -4.808  1.00 37.00 ? 66  TYR A CZ  1 
ATOM   614  O  OH  . TYR A 1 85  ? -21.851 8.514   -5.547  1.00 35.20 ? 66  TYR A OH  1 
ATOM   615  N  N   . LEU A 1 86  ? -14.450 9.321   -0.724  1.00 30.02 ? 67  LEU A N   1 
ATOM   616  C  CA  . LEU A 1 86  ? -13.135 8.984   -0.159  1.00 27.81 ? 67  LEU A CA  1 
ATOM   617  C  C   . LEU A 1 86  ? -12.684 10.013  0.848   1.00 29.53 ? 67  LEU A C   1 
ATOM   618  O  O   . LEU A 1 86  ? -12.774 11.226  0.588   1.00 29.84 ? 67  LEU A O   1 
ATOM   619  C  CB  . LEU A 1 86  ? -12.080 8.892   -1.237  1.00 27.71 ? 67  LEU A CB  1 
ATOM   620  C  CG  . LEU A 1 86  ? -10.684 8.416   -0.840  1.00 32.67 ? 67  LEU A CG  1 
ATOM   621  C  CD1 . LEU A 1 86  ? -10.661 6.990   -0.332  1.00 30.52 ? 67  LEU A CD1 1 
ATOM   622  C  CD2 . LEU A 1 86  ? -9.811  8.525   -2.067  1.00 33.46 ? 67  LEU A CD2 1 
ATOM   623  N  N   . GLY A 1 87  ? -12.241 9.509   1.996   1.00 27.50 ? 68  GLY A N   1 
ATOM   624  C  CA  . GLY A 1 87  ? -11.730 10.354  3.061   1.00 27.12 ? 68  GLY A CA  1 
ATOM   625  C  C   . GLY A 1 87  ? -10.477 9.838   3.742   1.00 26.51 ? 68  GLY A C   1 
ATOM   626  O  O   . GLY A 1 87  ? -9.859  8.850   3.341   1.00 27.95 ? 68  GLY A O   1 
ATOM   627  N  N   . GLU A 1 88  ? -10.120 10.520  4.827   1.00 26.57 ? 69  GLU A N   1 
ATOM   628  C  CA  . GLU A 1 88  ? -8.863  10.293  5.511   1.00 24.30 ? 69  GLU A CA  1 
ATOM   629  C  C   . GLU A 1 88  ? -8.731  8.892   6.119   1.00 23.53 ? 69  GLU A C   1 
ATOM   630  O  O   . GLU A 1 88  ? -7.710  8.249   5.971   1.00 26.63 ? 69  GLU A O   1 
ATOM   631  C  CB  . GLU A 1 88  ? -8.718  11.337  6.628   1.00 25.24 ? 69  GLU A CB  1 
ATOM   632  C  CG  . GLU A 1 88  ? -7.492  11.201  7.392   1.00 27.53 ? 69  GLU A CG  1 
ATOM   633  C  CD  . GLU A 1 88  ? -7.101  12.427  8.222   1.00 26.48 ? 69  GLU A CD  1 
ATOM   634  O  OE1 . GLU A 1 88  ? -7.589  13.557  7.978   1.00 27.41 ? 69  GLU A OE1 1 
ATOM   635  O  OE2 . GLU A 1 88  ? -6.301  12.206  9.141   1.00 29.87 ? 69  GLU A OE2 1 
ATOM   636  N  N   . LEU A 1 89  ? -9.754  8.456   6.849   1.00 24.44 ? 70  LEU A N   1 
ATOM   637  C  CA  . LEU A 1 89  ? -9.696  7.166   7.542   1.00 23.86 ? 70  LEU A CA  1 
ATOM   638  C  C   . LEU A 1 89  ? -9.504  6.041   6.534   1.00 25.15 ? 70  LEU A C   1 
ATOM   639  O  O   . LEU A 1 89  ? -8.708  5.159   6.744   1.00 24.99 ? 70  LEU A O   1 
ATOM   640  C  CB  . LEU A 1 89  ? -10.914 6.922   8.419   1.00 24.75 ? 70  LEU A CB  1 
ATOM   641  C  CG  . LEU A 1 89  ? -10.842 5.615   9.224   1.00 22.43 ? 70  LEU A CG  1 
ATOM   642  C  CD1 . LEU A 1 89  ? -9.630  5.511   10.156  1.00 29.99 ? 70  LEU A CD1 1 
ATOM   643  C  CD2 . LEU A 1 89  ? -12.130 5.420   9.993   1.00 27.70 ? 70  LEU A CD2 1 
ATOM   644  N  N   . GLN A 1 90  ? -10.224 6.086   5.433   1.00 26.06 ? 71  GLN A N   1 
ATOM   645  C  CA  . GLN A 1 90  ? -10.084 5.039   4.408   1.00 26.65 ? 71  GLN A CA  1 
ATOM   646  C  C   . GLN A 1 90  ? -8.650  4.929   3.913   1.00 27.10 ? 71  GLN A C   1 
ATOM   647  O  O   . GLN A 1 90  ? -8.108  3.846   3.725   1.00 27.04 ? 71  GLN A O   1 
ATOM   648  C  CB  . GLN A 1 90  ? -11.019 5.375   3.222   1.00 24.35 ? 71  GLN A CB  1 
ATOM   649  C  CG  . GLN A 1 90  ? -12.522 5.055   3.427   1.00 28.10 ? 71  GLN A CG  1 
ATOM   650  C  CD  . GLN A 1 90  ? -13.433 5.877   2.535   1.00 31.25 ? 71  GLN A CD  1 
ATOM   651  O  OE1 . GLN A 1 90  ? -13.577 7.100   2.705   1.00 29.25 ? 71  GLN A OE1 1 
ATOM   652  N  NE2 . GLN A 1 90  ? -14.020 5.228   1.546   1.00 30.76 ? 71  GLN A NE2 1 
ATOM   653  N  N   . LEU A 1 91  ? -8.021  6.074   3.679   1.00 26.10 ? 72  LEU A N   1 
ATOM   654  C  CA  . LEU A 1 91  ? -6.648  6.082   3.210   1.00 26.11 ? 72  LEU A CA  1 
ATOM   655  C  C   . LEU A 1 91  ? -5.704  5.596   4.284   1.00 25.92 ? 72  LEU A C   1 
ATOM   656  O  O   . LEU A 1 91  ? -4.778  4.839   3.988   1.00 26.01 ? 72  LEU A O   1 
ATOM   657  C  CB  . LEU A 1 91  ? -6.251  7.481   2.759   1.00 27.48 ? 72  LEU A CB  1 
ATOM   658  C  CG  . LEU A 1 91  ? -6.942  7.983   1.500   1.00 28.79 ? 72  LEU A CG  1 
ATOM   659  C  CD1 . LEU A 1 91  ? -6.468  9.382   1.134   1.00 29.99 ? 72  LEU A CD1 1 
ATOM   660  C  CD2 . LEU A 1 91  ? -6.733  6.971   0.369   1.00 30.53 ? 72  LEU A CD2 1 
ATOM   661  N  N   . ARG A 1 92  ? -5.922  5.998   5.537   1.00 26.86 ? 73  ARG A N   1 
ATOM   662  C  CA  . ARG A 1 92  ? -5.053  5.535   6.616   1.00 27.22 ? 73  ARG A CA  1 
ATOM   663  C  C   . ARG A 1 92  ? -5.149  4.022   6.811   1.00 26.87 ? 73  ARG A C   1 
ATOM   664  O  O   . ARG A 1 92  ? -4.136  3.357   7.056   1.00 26.15 ? 73  ARG A O   1 
ATOM   665  C  CB  . ARG A 1 92  ? -5.354  6.265   7.920   1.00 27.91 ? 73  ARG A CB  1 
ATOM   666  C  CG  . ARG A 1 92  ? -4.945  7.735   7.930   1.00 27.13 ? 73  ARG A CG  1 
ATOM   667  C  CD  . ARG A 1 92  ? -5.109  8.375   9.260   1.00 30.20 ? 73  ARG A CD  1 
ATOM   668  N  NE  . ARG A 1 92  ? -4.772  9.800   9.262   1.00 29.53 ? 73  ARG A NE  1 
ATOM   669  C  CZ  . ARG A 1 92  ? -3.549  10.305  9.238   1.00 36.49 ? 73  ARG A CZ  1 
ATOM   670  N  NH1 . ARG A 1 92  ? -2.496  9.519   9.212   1.00 35.46 ? 73  ARG A NH1 1 
ATOM   671  N  NH2 . ARG A 1 92  ? -3.387  11.628  9.215   1.00 35.29 ? 73  ARG A NH2 1 
ATOM   672  N  N   . GLN A 1 93  ? -6.356  3.485   6.688   1.00 25.93 ? 74  GLN A N   1 
ATOM   673  C  CA  . GLN A 1 93  ? -6.567  2.051   6.842   1.00 27.70 ? 74  GLN A CA  1 
ATOM   674  C  C   . GLN A 1 93  ? -5.911  1.277   5.710   1.00 26.81 ? 74  GLN A C   1 
ATOM   675  O  O   . GLN A 1 93  ? -5.297  0.224   5.962   1.00 26.04 ? 74  GLN A O   1 
ATOM   676  C  CB  . GLN A 1 93  ? -8.057  1.700   7.030   1.00 27.02 ? 74  GLN A CB  1 
ATOM   677  C  CG  . GLN A 1 93  ? -8.591  2.206   8.332   1.00 29.47 ? 74  GLN A CG  1 
ATOM   678  C  CD  . GLN A 1 93  ? -10.034 1.902   8.496   1.00 37.79 ? 74  GLN A CD  1 
ATOM   679  O  OE1 . GLN A 1 93  ? -10.788 1.934   7.546   1.00 38.54 ? 74  GLN A OE1 1 
ATOM   680  N  NE2 . GLN A 1 93  ? -10.434 1.640   9.688   1.00 30.42 ? 74  GLN A NE2 1 
ATOM   681  N  N   . ALA A 1 94  ? -5.975  1.808   4.493   1.00 26.41 ? 75  ALA A N   1 
ATOM   682  C  CA  . ALA A 1 94  ? -5.293  1.206   3.347   1.00 27.51 ? 75  ALA A CA  1 
ATOM   683  C  C   . ALA A 1 94  ? -3.795  1.081   3.634   1.00 29.21 ? 75  ALA A C   1 
ATOM   684  O  O   . ALA A 1 94  ? -3.174  0.017   3.380   1.00 30.85 ? 75  ALA A O   1 
ATOM   685  C  CB  . ALA A 1 94  ? -5.550  2.004   2.078   1.00 28.91 ? 75  ALA A CB  1 
ATOM   686  N  N   . CYS A 1 95  ? -3.223  2.122   4.239   1.00 27.54 ? 76  CYS A N   1 
ATOM   687  C  CA  . CYS A 1 95  ? -1.805  2.138   4.632   1.00 27.71 ? 76  CYS A CA  1 
ATOM   688  C  C   . CYS A 1 95  ? -1.480  1.198   5.796   1.00 29.05 ? 76  CYS A C   1 
ATOM   689  O  O   . CYS A 1 95  ? -0.474  0.500   5.779   1.00 28.50 ? 76  CYS A O   1 
ATOM   690  C  CB  . CYS A 1 95  ? -1.369  3.570   4.965   1.00 30.35 ? 76  CYS A CB  1 
ATOM   691  S  SG  . CYS A 1 95  ? -1.310  4.612   3.457   1.00 31.80 ? 76  CYS A SG  1 
ATOM   692  N  N   . ASP A 1 96  ? -2.340  1.183   6.809   1.00 26.47 ? 77  ASP A N   1 
ATOM   693  C  CA  . ASP A 1 96  ? -2.188  0.240   7.921   1.00 27.25 ? 77  ASP A CA  1 
ATOM   694  C  C   . ASP A 1 96  ? -2.098  -1.172  7.383   1.00 26.95 ? 77  ASP A C   1 
ATOM   695  O  O   . ASP A 1 96  ? -1.261  -1.987  7.850   1.00 25.49 ? 77  ASP A O   1 
ATOM   696  C  CB  . ASP A 1 96  ? -3.359  0.298   8.889   1.00 25.98 ? 77  ASP A CB  1 
ATOM   697  C  CG  . ASP A 1 96  ? -3.428  1.573   9.694   1.00 32.50 ? 77  ASP A CG  1 
ATOM   698  O  OD1 . ASP A 1 96  ? -2.407  2.296   9.823   1.00 34.24 ? 77  ASP A OD1 1 
ATOM   699  O  OD2 . ASP A 1 96  ? -4.542  1.845   10.212  1.00 32.07 ? 77  ASP A OD2 1 
ATOM   700  N  N   . ASN A 1 97  ? -2.947  -1.488  6.402   1.00 25.75 ? 78  ASN A N   1 
ATOM   701  C  CA  . ASN A 1 97  ? -2.969  -2.843  5.827   1.00 27.31 ? 78  ASN A CA  1 
ATOM   702  C  C   . ASN A 1 97  ? -1.631  -3.231  5.234   1.00 27.72 ? 78  ASN A C   1 
ATOM   703  O  O   . ASN A 1 97  ? -1.214  -4.380  5.303   1.00 27.49 ? 78  ASN A O   1 
ATOM   704  C  CB  . ASN A 1 97  ? -4.014  -2.956  4.707   1.00 28.44 ? 78  ASN A CB  1 
ATOM   705  C  CG  . ASN A 1 97  ? -5.444  -2.791  5.197   1.00 26.39 ? 78  ASN A CG  1 
ATOM   706  O  OD1 . ASN A 1 97  ? -5.719  -2.924  6.383   1.00 26.85 ? 78  ASN A OD1 1 
ATOM   707  N  ND2 . ASN A 1 97  ? -6.359  -2.468  4.284   1.00 27.30 ? 78  ASN A ND2 1 
ATOM   708  N  N   . VAL A 1 98  ? -0.996  -2.278  4.555   1.00 27.11 ? 79  VAL A N   1 
ATOM   709  C  CA  . VAL A 1 98  ? 0.291   -2.535  3.923   1.00 26.14 ? 79  VAL A CA  1 
ATOM   710  C  C   . VAL A 1 98  ? 1.344   -2.871  4.973   1.00 27.60 ? 79  VAL A C   1 
ATOM   711  O  O   . VAL A 1 98  ? 2.161   -3.760  4.771   1.00 29.75 ? 79  VAL A O   1 
ATOM   712  C  CB  . VAL A 1 98  ? 0.738   -1.340  3.109   1.00 25.10 ? 79  VAL A CB  1 
ATOM   713  C  CG1 . VAL A 1 98  ? 2.142   -1.564  2.531   1.00 27.84 ? 79  VAL A CG1 1 
ATOM   714  C  CG2 . VAL A 1 98  ? -0.234  -1.092  1.942   1.00 28.64 ? 79  VAL A CG2 1 
ATOM   715  N  N   . GLN A 1 99  ? 1.319   -2.189  6.116   1.00 29.07 ? 80  GLN A N   1 
ATOM   716  C  CA  . GLN A 1 99  ? 2.291   -2.497  7.157   1.00 30.35 ? 80  GLN A CA  1 
ATOM   717  C  C   . GLN A 1 99  ? 2.016   -3.889  7.754   1.00 29.32 ? 80  GLN A C   1 
ATOM   718  O  O   . GLN A 1 99  ? 2.947   -4.688  7.941   1.00 29.58 ? 80  GLN A O   1 
ATOM   719  C  CB  . GLN A 1 99  ? 2.318   -1.434  8.253   1.00 30.80 ? 80  GLN A CB  1 
ATOM   720  C  CG  . GLN A 1 99  ? 3.245   -1.832  9.426   1.00 37.34 ? 80  GLN A CG  1 
ATOM   721  C  CD  . GLN A 1 99  ? 3.650   -0.665  10.301  1.00 36.15 ? 80  GLN A CD  1 
ATOM   722  O  OE1 . GLN A 1 99  ? 4.161   0.338   9.804   1.00 44.64 ? 80  GLN A OE1 1 
ATOM   723  N  NE2 . GLN A 1 99  ? 3.389   -0.775  11.612  1.00 34.03 ? 80  GLN A NE2 1 
HETATM 724  N  N   . MSE A 1 100 ? 0.748   -4.192  8.049   1.00 28.56 ? 81  MSE A N   1 
HETATM 725  C  CA  . MSE A 1 100 ? 0.382   -5.483  8.616   1.00 28.36 ? 81  MSE A CA  1 
HETATM 726  C  C   . MSE A 1 100 ? 0.779   -6.656  7.715   1.00 29.30 ? 81  MSE A C   1 
HETATM 727  O  O   . MSE A 1 100 ? 1.329   -7.669  8.186   1.00 29.27 ? 81  MSE A O   1 
HETATM 728  C  CB  . MSE A 1 100 ? -1.118  -5.574  8.859   1.00 33.05 ? 81  MSE A CB  1 
HETATM 729  C  CG  . MSE A 1 100 ? -1.630  -4.732  9.945   1.00 36.32 ? 81  MSE A CG  1 
HETATM 730  SE SE  . MSE A 1 100 ? -3.655  -4.954  9.769   0.75 41.25 ? 81  MSE A SE  1 
HETATM 731  C  CE  . MSE A 1 100 ? -3.931  -3.492  9.466   1.00 31.93 ? 81  MSE A CE  1 
ATOM   732  N  N   . THR A 1 101 ? 0.450   -6.541  6.442   1.00 29.85 ? 82  THR A N   1 
ATOM   733  C  CA  . THR A 1 101 ? 0.752   -7.585  5.462   1.00 29.88 ? 82  THR A CA  1 
ATOM   734  C  C   . THR A 1 101 ? 2.262   -7.686  5.166   1.00 29.47 ? 82  THR A C   1 
ATOM   735  O  O   . THR A 1 101 ? 2.763   -8.780  4.881   1.00 29.42 ? 82  THR A O   1 
ATOM   736  C  CB  . THR A 1 101 ? -0.075  -7.446  4.171   1.00 29.24 ? 82  THR A CB  1 
ATOM   737  O  OG1 . THR A 1 101 ? 0.084   -6.154  3.583   1.00 25.77 ? 82  THR A OG1 1 
ATOM   738  C  CG2 . THR A 1 101 ? -1.571  -7.729  4.454   1.00 31.59 ? 82  THR A CG2 1 
ATOM   739  N  N   . ALA A 1 102 ? 2.991   -6.591  5.307   1.00 26.80 ? 83  ALA A N   1 
ATOM   740  C  CA  . ALA A 1 102 ? 4.450   -6.669  5.160   1.00 26.85 ? 83  ALA A CA  1 
ATOM   741  C  C   . ALA A 1 102 ? 5.081   -7.540  6.217   1.00 28.95 ? 83  ALA A C   1 
ATOM   742  O  O   . ALA A 1 102 ? 5.981   -8.356  5.927   1.00 28.18 ? 83  ALA A O   1 
ATOM   743  C  CB  . ALA A 1 102 ? 5.042   -5.274  5.186   1.00 23.67 ? 83  ALA A CB  1 
ATOM   744  N  N   . VAL A 1 103 ? 4.594   -7.413  7.442   1.00 27.95 ? 84  VAL A N   1 
ATOM   745  C  CA  . VAL A 1 103 ? 5.058   -8.292  8.539   1.00 28.04 ? 84  VAL A CA  1 
ATOM   746  C  C   . VAL A 1 103 ? 4.574   -9.743  8.370   1.00 27.88 ? 84  VAL A C   1 
ATOM   747  O  O   . VAL A 1 103 ? 5.353   -10.678 8.456   1.00 27.83 ? 84  VAL A O   1 
ATOM   748  C  CB  . VAL A 1 103 ? 4.614   -7.737  9.883   1.00 29.24 ? 84  VAL A CB  1 
ATOM   749  C  CG1 . VAL A 1 103 ? 5.007   -8.659  10.992  1.00 29.84 ? 84  VAL A CG1 1 
ATOM   750  C  CG2 . VAL A 1 103 ? 5.184   -6.344  10.083  1.00 30.44 ? 84  VAL A CG2 1 
ATOM   751  N  N   . SER A 1 104 ? 3.285   -9.920  8.061   1.00 26.69 ? 85  SER A N   1 
ATOM   752  C  CA  . SER A 1 104 ? 2.690   -11.263 7.894   1.00 28.65 ? 85  SER A CA  1 
ATOM   753  C  C   . SER A 1 104 ? 3.235   -12.033 6.690   1.00 26.53 ? 85  SER A C   1 
ATOM   754  O  O   . SER A 1 104 ? 3.200   -13.256 6.687   1.00 26.99 ? 85  SER A O   1 
ATOM   755  C  CB  . SER A 1 104 ? 1.170   -11.132 7.757   1.00 28.54 ? 85  SER A CB  1 
ATOM   756  O  OG  . SER A 1 104 ? 0.623   -10.657 8.973   1.00 30.03 ? 85  SER A OG  1 
ATOM   757  N  N   . ALA A 1 105 ? 3.735   -11.314 5.673   1.00 24.93 ? 86  ALA A N   1 
ATOM   758  C  CA  . ALA A 1 105 ? 4.229   -11.961 4.468   1.00 25.90 ? 86  ALA A CA  1 
ATOM   759  C  C   . ALA A 1 105 ? 5.381   -12.969 4.742   1.00 27.66 ? 86  ALA A C   1 
ATOM   760  O  O   . ALA A 1 105 ? 5.598   -13.881 3.987   1.00 28.32 ? 86  ALA A O   1 
ATOM   761  C  CB  . ALA A 1 105 ? 4.695   -10.939 3.507   1.00 27.34 ? 86  ALA A CB  1 
ATOM   762  N  N   . PHE A 1 106 ? 6.127   -12.754 5.816   1.00 26.70 ? 87  PHE A N   1 
ATOM   763  C  CA  . PHE A 1 106 ? 7.223   -13.664 6.162   1.00 26.30 ? 87  PHE A CA  1 
ATOM   764  C  C   . PHE A 1 106 ? 6.760   -14.991 6.741   1.00 28.41 ? 87  PHE A C   1 
ATOM   765  O  O   . PHE A 1 106 ? 7.581   -15.885 6.941   1.00 28.28 ? 87  PHE A O   1 
ATOM   766  C  CB  . PHE A 1 106 ? 8.177   -12.960 7.134   1.00 27.02 ? 87  PHE A CB  1 
ATOM   767  C  CG  . PHE A 1 106 ? 8.964   -11.864 6.476   1.00 26.99 ? 87  PHE A CG  1 
ATOM   768  C  CD1 . PHE A 1 106 ? 8.440   -10.586 6.352   1.00 27.86 ? 87  PHE A CD1 1 
ATOM   769  C  CD2 . PHE A 1 106 ? 10.192  -12.146 5.886   1.00 30.05 ? 87  PHE A CD2 1 
ATOM   770  C  CE1 . PHE A 1 106 ? 9.155   -9.587  5.701   1.00 26.54 ? 87  PHE A CE1 1 
ATOM   771  C  CE2 . PHE A 1 106 ? 10.912  -11.145 5.213   1.00 27.99 ? 87  PHE A CE2 1 
ATOM   772  C  CZ  . PHE A 1 106 ? 10.387  -9.870  5.132   1.00 28.55 ? 87  PHE A CZ  1 
ATOM   773  N  N   . ASN A 1 107 ? 5.451   -15.122 6.986   1.00 27.01 ? 88  ASN A N   1 
ATOM   774  C  CA  . ASN A 1 107 ? 4.868   -16.315 7.540   1.00 28.48 ? 88  ASN A CA  1 
ATOM   775  C  C   . ASN A 1 107 ? 3.806   -16.849 6.588   1.00 26.27 ? 88  ASN A C   1 
ATOM   776  O  O   . ASN A 1 107 ? 2.685   -16.317 6.519   1.00 27.07 ? 88  ASN A O   1 
ATOM   777  C  CB  . ASN A 1 107 ? 4.249   -16.002 8.890   1.00 26.12 ? 88  ASN A CB  1 
ATOM   778  C  CG  . ASN A 1 107 ? 3.567   -17.212 9.514   1.00 25.34 ? 88  ASN A CG  1 
ATOM   779  O  OD1 . ASN A 1 107 ? 3.703   -18.343 9.046   1.00 28.70 ? 88  ASN A OD1 1 
ATOM   780  N  ND2 . ASN A 1 107 ? 2.828   -16.971 10.588  1.00 30.14 ? 88  ASN A ND2 1 
ATOM   781  N  N   . GLY A 1 108 ? 4.170   -17.880 5.843   1.00 27.68 ? 89  GLY A N   1 
ATOM   782  C  CA  . GLY A 1 108 ? 3.259   -18.507 4.902   1.00 26.87 ? 89  GLY A CA  1 
ATOM   783  C  C   . GLY A 1 108 ? 2.030   -19.138 5.512   1.00 27.79 ? 89  GLY A C   1 
ATOM   784  O  O   . GLY A 1 108 ? 1.093   -19.451 4.797   1.00 30.94 ? 89  GLY A O   1 
ATOM   785  N  N   . ARG A 1 109 ? 2.037   -19.341 6.827   1.00 25.74 ? 90  ARG A N   1 
ATOM   786  C  CA  . ARG A 1 109 ? 0.882   -19.881 7.532   1.00 26.92 ? 90  ARG A CA  1 
ATOM   787  C  C   . ARG A 1 109 ? -0.048  -18.787 8.041   1.00 25.85 ? 90  ARG A C   1 
ATOM   788  O  O   . ARG A 1 109 ? -1.048  -19.099 8.693   1.00 26.91 ? 90  ARG A O   1 
ATOM   789  C  CB  . ARG A 1 109 ? 1.331   -20.828 8.656   1.00 27.51 ? 90  ARG A CB  1 
ATOM   790  C  CG  . ARG A 1 109 ? 1.982   -22.077 8.099   1.00 30.86 ? 90  ARG A CG  1 
ATOM   791  C  CD  . ARG A 1 109 ? 2.413   -23.040 9.178   1.00 44.55 ? 90  ARG A CD  1 
ATOM   792  N  NE  . ARG A 1 109 ? 3.111   -24.204 8.608   1.00 53.50 ? 90  ARG A NE  1 
ATOM   793  C  CZ  . ARG A 1 109 ? 4.398   -24.228 8.231   1.00 55.79 ? 90  ARG A CZ  1 
ATOM   794  N  NH1 . ARG A 1 109 ? 5.174   -23.141 8.327   1.00 58.07 ? 90  ARG A NH1 1 
ATOM   795  N  NH2 . ARG A 1 109 ? 4.914   -25.355 7.741   1.00 55.48 ? 90  ARG A NH2 1 
ATOM   796  N  N   . SER A 1 110 ? 0.248   -17.517 7.733   1.00 27.01 ? 91  SER A N   1 
ATOM   797  C  CA  . SER A 1 110 ? -0.702  -16.456 8.019   1.00 27.35 ? 91  SER A CA  1 
ATOM   798  C  C   . SER A 1 110 ? -2.045  -16.831 7.384   1.00 27.48 ? 91  SER A C   1 
ATOM   799  O  O   . SER A 1 110 ? -2.088  -17.450 6.302   1.00 27.75 ? 91  SER A O   1 
ATOM   800  C  CB  . SER A 1 110 ? -0.238  -15.096 7.504   1.00 29.98 ? 91  SER A CB  1 
ATOM   801  O  OG  . SER A 1 110 ? 0.937   -14.692 8.173   1.00 35.08 ? 91  SER A OG  1 
ATOM   802  N  N   . PHE A 1 111 ? -3.126  -16.502 8.087   1.00 28.93 ? 92  PHE A N   1 
ATOM   803  C  CA  . PHE A 1 111 ? -4.452  -16.923 7.661   1.00 27.52 ? 92  PHE A CA  1 
ATOM   804  C  C   . PHE A 1 111 ? -4.749  -16.324 6.284   1.00 26.11 ? 92  PHE A C   1 
ATOM   805  O  O   . PHE A 1 111 ? -4.653  -15.105 6.101   1.00 26.76 ? 92  PHE A O   1 
ATOM   806  C  CB  . PHE A 1 111 ? -5.519  -16.506 8.675   1.00 32.26 ? 92  PHE A CB  1 
ATOM   807  C  CG  . PHE A 1 111 ? -5.517  -17.315 9.956   1.00 37.28 ? 92  PHE A CG  1 
ATOM   808  C  CD1 . PHE A 1 111 ? -5.231  -18.675 9.954   1.00 46.79 ? 92  PHE A CD1 1 
ATOM   809  C  CD2 . PHE A 1 111 ? -5.845  -16.714 11.165  1.00 50.71 ? 92  PHE A CD2 1 
ATOM   810  C  CE1 . PHE A 1 111 ? -5.242  -19.414 11.133  1.00 50.41 ? 92  PHE A CE1 1 
ATOM   811  C  CE2 . PHE A 1 111 ? -5.857  -17.453 12.348  1.00 52.15 ? 92  PHE A CE2 1 
ATOM   812  C  CZ  . PHE A 1 111 ? -5.554  -18.805 12.321  1.00 44.62 ? 92  PHE A CZ  1 
ATOM   813  N  N   . TYR A 1 112 ? -5.077  -17.192 5.325   1.00 26.95 ? 93  TYR A N   1 
ATOM   814  C  CA  . TYR A 1 112 ? -5.151  -16.797 3.928   1.00 25.51 ? 93  TYR A CA  1 
ATOM   815  C  C   . TYR A 1 112 ? -6.253  -15.757 3.619   1.00 25.78 ? 93  TYR A C   1 
ATOM   816  O  O   . TYR A 1 112 ? -5.968  -14.735 2.987   1.00 24.83 ? 93  TYR A O   1 
ATOM   817  C  CB  . TYR A 1 112 ? -5.338  -18.021 3.049   1.00 27.63 ? 93  TYR A CB  1 
ATOM   818  C  CG  . TYR A 1 112 ? -5.406  -17.657 1.602   1.00 26.39 ? 93  TYR A CG  1 
ATOM   819  C  CD1 . TYR A 1 112 ? -4.249  -17.494 0.857   1.00 29.44 ? 93  TYR A CD1 1 
ATOM   820  C  CD2 . TYR A 1 112 ? -6.623  -17.433 0.983   1.00 29.96 ? 93  TYR A CD2 1 
ATOM   821  C  CE1 . TYR A 1 112 ? -4.306  -17.145 -0.459  1.00 27.32 ? 93  TYR A CE1 1 
ATOM   822  C  CE2 . TYR A 1 112 ? -6.690  -17.078 -0.339  1.00 32.80 ? 93  TYR A CE2 1 
ATOM   823  C  CZ  . TYR A 1 112 ? -5.533  -16.936 -1.048  1.00 31.47 ? 93  TYR A CZ  1 
ATOM   824  O  OH  . TYR A 1 112 ? -5.601  -16.603 -2.369  1.00 31.70 ? 93  TYR A OH  1 
ATOM   825  N  N   . LYS A 1 113 ? -7.488  -16.026 4.034   1.00 25.73 ? 94  LYS A N   1 
ATOM   826  C  CA  . LYS A 1 113 ? -8.577  -15.086 3.733   1.00 28.25 ? 94  LYS A CA  1 
ATOM   827  C  C   . LYS A 1 113 ? -8.329  -13.711 4.333   1.00 26.10 ? 94  LYS A C   1 
ATOM   828  O  O   . LYS A 1 113 ? -8.537  -12.693 3.657   1.00 27.12 ? 94  LYS A O   1 
ATOM   829  C  CB  . LYS A 1 113 ? -9.960  -15.650 4.122   1.00 26.85 ? 94  LYS A CB  1 
ATOM   830  C  CG  . LYS A 1 113 ? -11.144 -14.721 3.785   1.00 26.10 ? 94  LYS A CG  1 
ATOM   831  C  CD  . LYS A 1 113 ? -12.478 -15.358 4.123   1.00 30.44 ? 94  LYS A CD  1 
ATOM   832  C  CE  . LYS A 1 113 ? -13.657 -14.417 3.847   1.00 35.76 ? 94  LYS A CE  1 
ATOM   833  N  NZ  . LYS A 1 113 ? -13.496 -13.133 4.617   1.00 27.24 ? 94  LYS A NZ  1 
ATOM   834  N  N   . HIS A 1 114 ? -7.848  -13.652 5.574   1.00 24.61 ? 95  HIS A N   1 
ATOM   835  C  CA  . HIS A 1 114 ? -7.534  -12.363 6.195   1.00 26.16 ? 95  HIS A CA  1 
ATOM   836  C  C   . HIS A 1 114 ? -6.486  -11.606 5.368   1.00 26.71 ? 95  HIS A C   1 
ATOM   837  O  O   . HIS A 1 114 ? -6.639  -10.414 5.058   1.00 26.12 ? 95  HIS A O   1 
ATOM   838  C  CB  . HIS A 1 114 ? -7.046  -12.536 7.638   1.00 29.31 ? 95  HIS A CB  1 
ATOM   839  C  CG  . HIS A 1 114 ? -8.117  -12.969 8.587   1.00 35.06 ? 95  HIS A CG  1 
ATOM   840  N  ND1 . HIS A 1 114 ? -9.465  -12.887 8.284   1.00 45.63 ? 95  HIS A ND1 1 
ATOM   841  C  CD2 . HIS A 1 114 ? -8.045  -13.509 9.829   1.00 41.43 ? 95  HIS A CD2 1 
ATOM   842  C  CE1 . HIS A 1 114 ? -10.173 -13.347 9.301   1.00 46.73 ? 95  HIS A CE1 1 
ATOM   843  N  NE2 . HIS A 1 114 ? -9.338  -13.734 10.251  1.00 48.97 ? 95  HIS A NE2 1 
ATOM   844  N  N   . PHE A 1 115 ? -5.430  -12.306 4.965   1.00 26.62 ? 96  PHE A N   1 
ATOM   845  C  CA  . PHE A 1 115 ? -4.377  -11.679 4.152   1.00 25.82 ? 96  PHE A CA  1 
ATOM   846  C  C   . PHE A 1 115 ? -4.928  -11.171 2.823   1.00 25.45 ? 96  PHE A C   1 
ATOM   847  O  O   . PHE A 1 115 ? -4.747  -10.011 2.465   1.00 26.91 ? 96  PHE A O   1 
ATOM   848  C  CB  . PHE A 1 115 ? -3.220  -12.666 3.945   1.00 27.11 ? 96  PHE A CB  1 
ATOM   849  C  CG  . PHE A 1 115 ? -1.903  -11.997 3.652   1.00 24.07 ? 96  PHE A CG  1 
ATOM   850  C  CD1 . PHE A 1 115 ? -1.750  -11.204 2.505   1.00 26.50 ? 96  PHE A CD1 1 
ATOM   851  C  CD2 . PHE A 1 115 ? -0.807  -12.192 4.459   1.00 27.12 ? 96  PHE A CD2 1 
ATOM   852  C  CE1 . PHE A 1 115 ? -0.547  -10.571 2.205   1.00 29.47 ? 96  PHE A CE1 1 
ATOM   853  C  CE2 . PHE A 1 115 ? 0.406   -11.542 4.164   1.00 26.03 ? 96  PHE A CE2 1 
ATOM   854  C  CZ  . PHE A 1 115 ? 0.550   -10.778 3.027   1.00 25.75 ? 96  PHE A CZ  1 
ATOM   855  N  N   . LEU A 1 116 ? -5.597  -12.053 2.100   1.00 25.69 ? 97  LEU A N   1 
ATOM   856  C  CA  . LEU A 1 116 ? -6.271  -11.712 0.850   1.00 26.51 ? 97  LEU A CA  1 
ATOM   857  C  C   . LEU A 1 116 ? -7.135  -10.458 1.007   1.00 25.88 ? 97  LEU A C   1 
ATOM   858  O  O   . LEU A 1 116 ? -7.088  -9.580  0.172   1.00 25.97 ? 97  LEU A O   1 
ATOM   859  C  CB  . LEU A 1 116 ? -7.161  -12.856 0.432   1.00 25.99 ? 97  LEU A CB  1 
ATOM   860  C  CG  . LEU A 1 116 ? -8.048  -12.621 -0.796  1.00 25.91 ? 97  LEU A CG  1 
ATOM   861  C  CD1 . LEU A 1 116 ? -7.187  -12.485 -2.022  1.00 30.53 ? 97  LEU A CD1 1 
ATOM   862  C  CD2 . LEU A 1 116 ? -9.042  -13.732 -0.952  1.00 31.22 ? 97  LEU A CD2 1 
ATOM   863  N  N   . ASP A 1 117 ? -7.967  -10.429 2.058   1.00 27.12 ? 98  ASP A N   1 
ATOM   864  C  CA  . ASP A 1 117 ? -8.894  -9.317  2.248   1.00 25.99 ? 98  ASP A CA  1 
ATOM   865  C  C   . ASP A 1 117 ? -8.172  -8.005  2.482   1.00 26.76 ? 98  ASP A C   1 
ATOM   866  O  O   . ASP A 1 117 ? -8.607  -6.965  1.993   1.00 25.98 ? 98  ASP A O   1 
ATOM   867  C  CB  . ASP A 1 117 ? -9.890  -9.595  3.369   1.00 27.39 ? 98  ASP A CB  1 
ATOM   868  C  CG  . ASP A 1 117 ? -10.945 -10.651 3.003   1.00 29.12 ? 98  ASP A CG  1 
ATOM   869  O  OD1 . ASP A 1 117 ? -11.132 -11.040 1.816   1.00 24.30 ? 98  ASP A OD1 1 
ATOM   870  O  OD2 . ASP A 1 117 ? -11.636 -11.106 3.946   1.00 26.44 ? 98  ASP A OD2 1 
ATOM   871  N  N   . HIS A 1 118 ? -7.064  -8.073  3.220   1.00 23.62 ? 99  HIS A N   1 
ATOM   872  C  CA  . HIS A 1 118 ? -6.194  -6.888  3.431   1.00 26.30 ? 99  HIS A CA  1 
ATOM   873  C  C   . HIS A 1 118 ? -5.497  -6.447  2.174   1.00 27.35 ? 99  HIS A C   1 
ATOM   874  O  O   . HIS A 1 118 ? -5.436  -5.236  1.868   1.00 28.40 ? 99  HIS A O   1 
ATOM   875  C  CB  . HIS A 1 118 ? -5.240  -7.160  4.554   1.00 25.63 ? 99  HIS A CB  1 
ATOM   876  C  CG  . HIS A 1 118 ? -5.902  -7.081  5.889   1.00 27.29 ? 99  HIS A CG  1 
ATOM   877  N  ND1 . HIS A 1 118 ? -6.780  -8.054  6.330   1.00 30.13 ? 99  HIS A ND1 1 
ATOM   878  C  CD2 . HIS A 1 118 ? -5.961  -6.075  6.801   1.00 29.72 ? 99  HIS A CD2 1 
ATOM   879  C  CE1 . HIS A 1 118 ? -7.278  -7.692  7.507   1.00 34.35 ? 99  HIS A CE1 1 
ATOM   880  N  NE2 . HIS A 1 118 ? -6.797  -6.496  7.816   1.00 30.32 ? 99  HIS A NE2 1 
ATOM   881  N  N   . TYR A 1 119 ? -4.939  -7.411  1.451   1.00 25.55 ? 100 TYR A N   1 
ATOM   882  C  CA  . TYR A 1 119 ? -4.282  -7.112  0.173   1.00 25.04 ? 100 TYR A CA  1 
ATOM   883  C  C   . TYR A 1 119 ? -5.271  -6.461  -0.797  1.00 25.63 ? 100 TYR A C   1 
ATOM   884  O  O   . TYR A 1 119 ? -4.976  -5.434  -1.425  1.00 25.57 ? 100 TYR A O   1 
ATOM   885  C  CB  . TYR A 1 119 ? -3.708  -8.414  -0.439  1.00 26.22 ? 100 TYR A CB  1 
ATOM   886  C  CG  . TYR A 1 119 ? -3.433  -8.358  -1.944  1.00 25.08 ? 100 TYR A CG  1 
ATOM   887  C  CD1 . TYR A 1 119 ? -2.415  -7.553  -2.466  1.00 25.92 ? 100 TYR A CD1 1 
ATOM   888  C  CD2 . TYR A 1 119 ? -4.156  -9.137  -2.825  1.00 28.65 ? 100 TYR A CD2 1 
ATOM   889  C  CE1 . TYR A 1 119 ? -2.159  -7.527  -3.836  1.00 27.48 ? 100 TYR A CE1 1 
ATOM   890  C  CE2 . TYR A 1 119 ? -3.914  -9.105  -4.178  1.00 29.94 ? 100 TYR A CE2 1 
ATOM   891  C  CZ  . TYR A 1 119 ? -2.919  -8.280  -4.677  1.00 28.59 ? 100 TYR A CZ  1 
ATOM   892  O  OH  . TYR A 1 119 ? -2.713  -8.276  -6.034  1.00 28.41 ? 100 TYR A OH  1 
ATOM   893  N  N   . GLN A 1 120 ? -6.450  -7.052  -0.941  1.00 24.67 ? 101 GLN A N   1 
ATOM   894  C  CA  . GLN A 1 120 ? -7.414  -6.548  -1.932  1.00 23.12 ? 101 GLN A CA  1 
ATOM   895  C  C   . GLN A 1 120 ? -7.996  -5.197  -1.545  1.00 25.25 ? 101 GLN A C   1 
ATOM   896  O  O   . GLN A 1 120 ? -8.196  -4.332  -2.409  1.00 24.93 ? 101 GLN A O   1 
ATOM   897  C  CB  . GLN A 1 120 ? -8.534  -7.560  -2.153  1.00 24.17 ? 101 GLN A CB  1 
ATOM   898  C  CG  . GLN A 1 120 ? -8.037  -8.778  -2.905  1.00 23.26 ? 101 GLN A CG  1 
ATOM   899  C  CD  . GLN A 1 120 ? -9.104  -9.738  -3.381  1.00 27.20 ? 101 GLN A CD  1 
ATOM   900  O  OE1 . GLN A 1 120 ? -10.080 -10.045 -2.670  1.00 29.70 ? 101 GLN A OE1 1 
ATOM   901  N  NE2 . GLN A 1 120 ? -8.885  -10.292 -4.583  1.00 26.24 ? 101 GLN A NE2 1 
ATOM   902  N  N   . SER A 1 121 ? -8.262  -4.999  -0.256  1.00 23.68 ? 102 SER A N   1 
ATOM   903  C  CA  . SER A 1 121 ? -8.821  -3.734  0.215   1.00 22.71 ? 102 SER A CA  1 
ATOM   904  C  C   . SER A 1 121 ? -7.881  -2.582  -0.167  1.00 24.50 ? 102 SER A C   1 
ATOM   905  O  O   . SER A 1 121 ? -8.305  -1.566  -0.715  1.00 25.86 ? 102 SER A O   1 
ATOM   906  C  CB  . SER A 1 121 ? -9.036  -3.769  1.732   1.00 24.98 ? 102 SER A CB  1 
ATOM   907  O  OG  . SER A 1 121 ? -9.486  -2.512  2.202   1.00 26.75 ? 102 SER A OG  1 
ATOM   908  N  N   . THR A 1 122 ? -6.599  -2.729  0.140   1.00 24.70 ? 103 THR A N   1 
ATOM   909  C  CA  . THR A 1 122 ? -5.616  -1.736  -0.261  1.00 25.35 ? 103 THR A CA  1 
ATOM   910  C  C   . THR A 1 122 ? -5.550  -1.521  -1.748  1.00 27.61 ? 103 THR A C   1 
ATOM   911  O  O   . THR A 1 122 ? -5.519  -0.375  -2.226  1.00 24.33 ? 103 THR A O   1 
ATOM   912  C  CB  . THR A 1 122 ? -4.225  -2.119  0.276   1.00 27.54 ? 103 THR A CB  1 
ATOM   913  O  OG1 . THR A 1 122 ? -4.281  -2.113  1.709   1.00 29.04 ? 103 THR A OG1 1 
ATOM   914  C  CG2 . THR A 1 122 ? -3.199  -1.113  -0.175  1.00 27.12 ? 103 THR A CG2 1 
ATOM   915  N  N   . LYS A 1 123 ? -5.546  -2.616  -2.491  1.00 26.05 ? 104 LYS A N   1 
ATOM   916  C  CA  . LYS A 1 123 ? -5.467  -2.530  -3.926  1.00 26.39 ? 104 LYS A CA  1 
ATOM   917  C  C   . LYS A 1 123 ? -6.650  -1.748  -4.488  1.00 24.81 ? 104 LYS A C   1 
ATOM   918  O  O   . LYS A 1 123 ? -6.470  -0.897  -5.348  1.00 23.85 ? 104 LYS A O   1 
ATOM   919  C  CB  . LYS A 1 123 ? -5.394  -3.930  -4.549  1.00 26.18 ? 104 LYS A CB  1 
ATOM   920  C  CG  . LYS A 1 123 ? -5.282  -3.922  -6.088  1.00 27.21 ? 104 LYS A CG  1 
ATOM   921  C  CD  . LYS A 1 123 ? -4.810  -5.270  -6.703  1.00 31.53 ? 104 LYS A CD  1 
ATOM   922  C  CE  . LYS A 1 123 ? -5.731  -6.434  -6.421  1.00 39.96 ? 104 LYS A CE  1 
ATOM   923  N  NZ  . LYS A 1 123 ? -5.319  -7.703  -7.174  1.00 37.44 ? 104 LYS A NZ  1 
ATOM   924  N  N   . TYR A 1 124 ? -7.839  -2.024  -3.984  1.00 24.44 ? 105 TYR A N   1 
ATOM   925  C  CA  . TYR A 1 124 ? -9.070  -1.322  -4.390  1.00 24.09 ? 105 TYR A CA  1 
ATOM   926  C  C   . TYR A 1 124 ? -9.009  0.170   -4.130  1.00 25.35 ? 105 TYR A C   1 
ATOM   927  O  O   . TYR A 1 124 ? -9.224  0.982   -5.033  1.00 26.62 ? 105 TYR A O   1 
ATOM   928  C  CB  . TYR A 1 124 ? -10.313 -1.974  -3.780  1.00 28.03 ? 105 TYR A CB  1 
ATOM   929  C  CG  . TYR A 1 124 ? -10.534 -3.421  -4.195  1.00 28.94 ? 105 TYR A CG  1 
ATOM   930  C  CD1 . TYR A 1 124 ? -9.949  -3.958  -5.372  1.00 31.29 ? 105 TYR A CD1 1 
ATOM   931  C  CD2 . TYR A 1 124 ? -11.306 -4.266  -3.426  1.00 23.10 ? 105 TYR A CD2 1 
ATOM   932  C  CE1 . TYR A 1 124 ? -10.122 -5.304  -5.722  1.00 33.97 ? 105 TYR A CE1 1 
ATOM   933  C  CE2 . TYR A 1 124 ? -11.515 -5.596  -3.783  1.00 26.66 ? 105 TYR A CE2 1 
ATOM   934  C  CZ  . TYR A 1 124 ? -10.920 -6.112  -4.926  1.00 31.23 ? 105 TYR A CZ  1 
ATOM   935  O  OH  . TYR A 1 124 ? -11.161 -7.435  -5.214  1.00 33.71 ? 105 TYR A OH  1 
ATOM   936  N  N   . THR A 1 125 ? -8.649  0.537   -2.926  1.00 23.01 ? 106 THR A N   1 
ATOM   937  C  CA  . THR A 1 125 ? -8.609  1.942   -2.530  1.00 26.40 ? 106 THR A CA  1 
ATOM   938  C  C   . THR A 1 125 ? -7.561  2.708   -3.336  1.00 25.92 ? 106 THR A C   1 
ATOM   939  O  O   . THR A 1 125 ? -7.820  3.809   -3.828  1.00 26.12 ? 106 THR A O   1 
ATOM   940  C  CB  . THR A 1 125 ? -8.323  2.048   -1.035  1.00 27.41 ? 106 THR A CB  1 
ATOM   941  O  OG1 . THR A 1 125 ? -9.395  1.424   -0.295  1.00 30.00 ? 106 THR A OG1 1 
ATOM   942  C  CG2 . THR A 1 125 ? -8.160  3.520   -0.594  1.00 27.46 ? 106 THR A CG2 1 
ATOM   943  N  N   . LEU A 1 126 ? -6.367  2.135   -3.463  1.00 24.48 ? 107 LEU A N   1 
ATOM   944  C  CA  . LEU A 1 126 ? -5.269  2.860   -4.109  1.00 24.40 ? 107 LEU A CA  1 
ATOM   945  C  C   . LEU A 1 126 ? -5.435  2.884   -5.621  1.00 23.68 ? 107 LEU A C   1 
ATOM   946  O  O   . LEU A 1 126 ? -5.019  3.858   -6.289  1.00 26.25 ? 107 LEU A O   1 
ATOM   947  C  CB  . LEU A 1 126 ? -3.909  2.243   -3.720  1.00 24.39 ? 107 LEU A CB  1 
ATOM   948  C  CG  . LEU A 1 126 ? -3.539  2.353   -2.244  1.00 26.31 ? 107 LEU A CG  1 
ATOM   949  C  CD1 . LEU A 1 126 ? -2.191  1.765   -2.011  1.00 27.93 ? 107 LEU A CD1 1 
ATOM   950  C  CD2 . LEU A 1 126 ? -3.626  3.756   -1.718  1.00 27.58 ? 107 LEU A CD2 1 
ATOM   951  N  N   . THR A 1 127 ? -6.021  1.834   -6.197  1.00 24.83 ? 108 THR A N   1 
ATOM   952  C  CA  . THR A 1 127 ? -6.290  1.876   -7.635  1.00 25.70 ? 108 THR A CA  1 
ATOM   953  C  C   . THR A 1 127 ? -7.345  2.955   -7.938  1.00 25.75 ? 108 THR A C   1 
ATOM   954  O  O   . THR A 1 127 ? -7.265  3.622   -8.957  1.00 28.26 ? 108 THR A O   1 
ATOM   955  C  CB  . THR A 1 127 ? -6.670  0.510   -8.249  1.00 26.89 ? 108 THR A CB  1 
ATOM   956  O  OG1 . THR A 1 127 ? -7.845  -0.012  -7.625  1.00 35.83 ? 108 THR A OG1 1 
ATOM   957  C  CG2 . THR A 1 127 ? -5.572  -0.471  -8.124  1.00 26.51 ? 108 THR A CG2 1 
ATOM   958  N  N   . ARG A 1 128 ? -8.298  3.157   -7.026  1.00 26.49 ? 109 ARG A N   1 
ATOM   959  C  CA  . ARG A 1 128 ? -9.314  4.189   -7.219  1.00 30.05 ? 109 ARG A CA  1 
ATOM   960  C  C   . ARG A 1 128 ? -8.616  5.561   -7.253  1.00 29.13 ? 109 ARG A C   1 
ATOM   961  O  O   . ARG A 1 128 ? -8.917  6.385   -8.115  1.00 27.26 ? 109 ARG A O   1 
ATOM   962  C  CB  . ARG A 1 128 ? -10.402 4.107   -6.158  1.00 28.54 ? 109 ARG A CB  1 
ATOM   963  C  CG  . ARG A 1 128 ? -11.383 5.291   -6.140  1.00 38.04 ? 109 ARG A CG  1 
ATOM   964  C  CD  . ARG A 1 128 ? -12.641 4.972   -5.311  1.00 38.82 ? 109 ARG A CD  1 
ATOM   965  N  NE  . ARG A 1 128 ? -13.557 4.075   -6.012  1.00 54.45 ? 109 ARG A NE  1 
ATOM   966  N  N   . VAL A 1 129 ? -7.655  5.771   -6.347  1.00 25.08 ? 110 VAL A N   1 
ATOM   967  C  CA  . VAL A 1 129 ? -6.897  7.017   -6.277  1.00 26.70 ? 110 VAL A CA  1 
ATOM   968  C  C   . VAL A 1 129 ? -6.051  7.205   -7.558  1.00 25.23 ? 110 VAL A C   1 
ATOM   969  O  O   . VAL A 1 129 ? -6.068  8.253   -8.184  1.00 27.36 ? 110 VAL A O   1 
ATOM   970  C  CB  . VAL A 1 129 ? -5.971  7.053   -5.045  1.00 26.60 ? 110 VAL A CB  1 
ATOM   971  C  CG1 . VAL A 1 129 ? -5.038  8.256   -5.090  1.00 26.25 ? 110 VAL A CG1 1 
ATOM   972  C  CG2 . VAL A 1 129 ? -6.779  7.097   -3.746  1.00 29.11 ? 110 VAL A CG2 1 
ATOM   973  N  N   . ARG A 1 130 ? -5.337  6.159   -7.937  1.00 25.49 ? 111 ARG A N   1 
ATOM   974  C  CA  . ARG A 1 130 ? -4.516  6.188   -9.126  1.00 26.96 ? 111 ARG A CA  1 
ATOM   975  C  C   . ARG A 1 130 ? -5.330  6.538   -10.359 1.00 28.46 ? 111 ARG A C   1 
ATOM   976  O  O   . ARG A 1 130 ? -4.953  7.411   -11.152 1.00 29.34 ? 111 ARG A O   1 
ATOM   977  C  CB  . ARG A 1 130 ? -3.881  4.845   -9.338  1.00 27.67 ? 111 ARG A CB  1 
ATOM   978  C  CG  . ARG A 1 130 ? -2.927  4.793   -10.535 1.00 31.67 ? 111 ARG A CG  1 
ATOM   979  C  CD  . ARG A 1 130 ? -2.582  3.348   -10.860 1.00 36.53 ? 111 ARG A CD  1 
ATOM   980  N  NE  . ARG A 1 130 ? -3.755  2.652   -11.373 1.00 35.32 ? 111 ARG A NE  1 
ATOM   981  C  CZ  . ARG A 1 130 ? -3.847  1.336   -11.554 1.00 43.45 ? 111 ARG A CZ  1 
ATOM   982  N  NH1 . ARG A 1 130 ? -2.835  0.538   -11.245 1.00 45.39 ? 111 ARG A NH1 1 
ATOM   983  N  NH2 . ARG A 1 130 ? -4.970  0.813   -12.042 1.00 43.76 ? 111 ARG A NH2 1 
ATOM   984  N  N   . ASP A 1 131 ? -6.433  5.822   -10.529 1.00 30.19 ? 112 ASP A N   1 
ATOM   985  C  CA  . ASP A 1 131 ? -7.253  5.992   -11.726 1.00 30.51 ? 112 ASP A CA  1 
ATOM   986  C  C   . ASP A 1 131 ? -7.848  7.408   -11.778 1.00 29.82 ? 112 ASP A C   1 
ATOM   987  O  O   . ASP A 1 131 ? -7.915  8.031   -12.840 1.00 32.39 ? 112 ASP A O   1 
ATOM   988  C  CB  . ASP A 1 131 ? -8.342  4.915   -11.773 1.00 30.61 ? 112 ASP A CB  1 
ATOM   989  C  CG  . ASP A 1 131 ? -7.792  3.519   -12.042 1.00 29.03 ? 112 ASP A CG  1 
ATOM   990  O  OD1 . ASP A 1 131 ? -6.600  3.377   -12.394 1.00 31.80 ? 112 ASP A OD1 1 
ATOM   991  O  OD2 . ASP A 1 131 ? -8.559  2.535   -11.874 1.00 39.36 ? 112 ASP A OD2 1 
ATOM   992  N  N   . PHE A 1 132 ? -8.254  7.923   -10.630 1.00 30.26 ? 113 PHE A N   1 
ATOM   993  C  CA  . PHE A 1 132 ? -8.810  9.277   -10.528 1.00 29.35 ? 113 PHE A CA  1 
ATOM   994  C  C   . PHE A 1 132 ? -7.782  10.320  -10.953 1.00 28.54 ? 113 PHE A C   1 
ATOM   995  O  O   . PHE A 1 132 ? -8.066  11.247  -11.722 1.00 29.75 ? 113 PHE A O   1 
ATOM   996  C  CB  . PHE A 1 132 ? -9.234  9.539   -9.086  1.00 30.12 ? 113 PHE A CB  1 
ATOM   997  C  CG  . PHE A 1 132 ? -9.739  10.942  -8.828  1.00 28.60 ? 113 PHE A CG  1 
ATOM   998  C  CD1 . PHE A 1 132 ? -8.862  11.966  -8.498  1.00 34.55 ? 113 PHE A CD1 1 
ATOM   999  C  CD2 . PHE A 1 132 ? -11.098 11.227  -8.893  1.00 36.59 ? 113 PHE A CD2 1 
ATOM   1000 C  CE1 . PHE A 1 132 ? -9.326  13.252  -8.264  1.00 33.26 ? 113 PHE A CE1 1 
ATOM   1001 C  CE2 . PHE A 1 132 ? -11.569 12.508  -8.647  1.00 30.32 ? 113 PHE A CE2 1 
ATOM   1002 C  CZ  . PHE A 1 132 ? -10.689 13.518  -8.345  1.00 36.70 ? 113 PHE A CZ  1 
ATOM   1003 N  N   . LEU A 1 133 ? -6.579  10.174  -10.427 1.00 26.25 ? 114 LEU A N   1 
ATOM   1004 C  CA  . LEU A 1 133 ? -5.451  11.078  -10.724 1.00 28.36 ? 114 LEU A CA  1 
ATOM   1005 C  C   . LEU A 1 133 ? -4.966  10.992  -12.164 1.00 30.23 ? 114 LEU A C   1 
ATOM   1006 O  O   . LEU A 1 133 ? -4.670  12.035  -12.803 1.00 29.19 ? 114 LEU A O   1 
ATOM   1007 C  CB  . LEU A 1 133 ? -4.320  10.774  -9.741  1.00 27.65 ? 114 LEU A CB  1 
ATOM   1008 C  CG  . LEU A 1 133 ? -4.578  11.178  -8.289  1.00 30.62 ? 114 LEU A CG  1 
ATOM   1009 C  CD1 . LEU A 1 133 ? -3.394  10.732  -7.441  1.00 29.85 ? 114 LEU A CD1 1 
ATOM   1010 C  CD2 . LEU A 1 133 ? -4.812  12.688  -8.146  1.00 29.46 ? 114 LEU A CD2 1 
ATOM   1011 N  N   . LYS A 1 134 ? -4.916  9.781   -12.712 1.00 31.65 ? 115 LYS A N   1 
ATOM   1012 C  CA  . LYS A 1 134 ? -4.565  9.637   -14.142 1.00 36.68 ? 115 LYS A CA  1 
ATOM   1013 C  C   . LYS A 1 134 ? -5.596  10.338  -15.027 1.00 36.62 ? 115 LYS A C   1 
ATOM   1014 O  O   . LYS A 1 134 ? -5.230  11.003  -16.013 1.00 36.59 ? 115 LYS A O   1 
ATOM   1015 C  CB  . LYS A 1 134 ? -4.428  8.167   -14.537 1.00 36.60 ? 115 LYS A CB  1 
ATOM   1016 C  CG  . LYS A 1 134 ? -3.129  7.553   -14.075 1.00 40.80 ? 115 LYS A CG  1 
ATOM   1017 C  CD  . LYS A 1 134 ? -2.912  6.141   -14.617 1.00 44.23 ? 115 LYS A CD  1 
ATOM   1018 C  CE  . LYS A 1 134 ? -1.443  5.709   -14.452 1.00 56.78 ? 115 LYS A CE  1 
ATOM   1019 N  NZ  . LYS A 1 134 ? -1.269  4.231   -14.228 1.00 64.43 ? 115 LYS A NZ  1 
ATOM   1020 N  N   . ARG A 1 135 ? -6.872  10.216  -14.680 1.00 39.50 ? 116 ARG A N   1 
ATOM   1021 C  CA  . ARG A 1 135 ? -7.935  10.916  -15.409 1.00 44.03 ? 116 ARG A CA  1 
ATOM   1022 C  C   . ARG A 1 135 ? -7.777  12.425  -15.328 1.00 46.62 ? 116 ARG A C   1 
ATOM   1023 O  O   . ARG A 1 135 ? -7.912  13.116  -16.346 1.00 46.35 ? 116 ARG A O   1 
ATOM   1024 C  CB  . ARG A 1 135 ? -9.322  10.533  -14.907 1.00 43.14 ? 116 ARG A CB  1 
ATOM   1025 C  CG  . ARG A 1 135 ? -9.915  9.329   -15.611 1.00 50.05 ? 116 ARG A CG  1 
ATOM   1026 C  CD  . ARG A 1 135 ? -11.394 9.047   -15.248 1.00 51.23 ? 116 ARG A CD  1 
ATOM   1027 N  NE  . ARG A 1 135 ? -12.086 10.173  -14.597 1.00 59.48 ? 116 ARG A NE  1 
ATOM   1028 C  CZ  . ARG A 1 135 ? -12.343 10.273  -13.284 1.00 64.64 ? 116 ARG A CZ  1 
ATOM   1029 N  NH1 . ARG A 1 135 ? -11.973 9.317   -12.421 1.00 68.10 ? 116 ARG A NH1 1 
ATOM   1030 N  NH2 . ARG A 1 135 ? -12.978 11.349  -12.819 1.00 63.02 ? 116 ARG A NH2 1 
ATOM   1031 N  N   . LYS A 1 136 ? -7.504  12.930  -14.128 1.00 48.40 ? 117 LYS A N   1 
ATOM   1032 C  CA  . LYS A 1 136 ? -7.277  14.360  -13.916 1.00 51.30 ? 117 LYS A CA  1 
ATOM   1033 C  C   . LYS A 1 136 ? -6.039  14.833  -14.678 1.00 54.60 ? 117 LYS A C   1 
ATOM   1034 O  O   . LYS A 1 136 ? -6.033  15.933  -15.229 1.00 55.65 ? 117 LYS A O   1 
ATOM   1035 C  CB  . LYS A 1 136 ? -7.147  14.687  -12.418 1.00 50.95 ? 117 LYS A CB  1 
ATOM   1036 C  CG  . LYS A 1 136 ? -8.470  14.957  -11.720 1.00 51.25 ? 117 LYS A CG  1 
ATOM   1037 N  N   . GLU A 1 137 ? -5.005  13.993  -14.712 1.00 57.79 ? 118 GLU A N   1 
ATOM   1038 C  CA  . GLU A 1 137 ? -3.798  14.250  -15.505 1.00 60.47 ? 118 GLU A CA  1 
ATOM   1039 C  C   . GLU A 1 137 ? -4.150  14.393  -16.977 1.00 63.07 ? 118 GLU A C   1 
ATOM   1040 O  O   . GLU A 1 137 ? -3.797  15.381  -17.621 1.00 64.12 ? 118 GLU A O   1 
ATOM   1041 C  CB  . GLU A 1 137 ? -2.773  13.108  -15.342 1.00 60.13 ? 118 GLU A CB  1 
ATOM   1042 C  CG  . GLU A 1 137 ? -1.713  13.050  -16.458 1.00 61.92 ? 118 GLU A CG  1 
ATOM   1043 C  CD  . GLU A 1 137 ? -0.865  11.782  -16.465 1.00 62.34 ? 118 GLU A CD  1 
ATOM   1044 O  OE1 . GLU A 1 137 ? -1.218  10.781  -15.811 1.00 54.81 ? 118 GLU A OE1 1 
ATOM   1045 O  OE2 . GLU A 1 137 ? 0.171   11.790  -17.162 1.00 71.68 ? 118 GLU A OE2 1 
ATOM   1046 N  N   . GLU A 1 138 ? -4.830  13.382  -17.506 1.00 65.67 ? 119 GLU A N   1 
ATOM   1047 C  CA  . GLU A 1 138 ? -5.155  13.324  -18.920 1.00 68.32 ? 119 GLU A CA  1 
ATOM   1048 C  C   . GLU A 1 138 ? -6.455  14.088  -19.200 1.00 70.67 ? 119 GLU A C   1 
ATOM   1049 O  O   . GLU A 1 138 ? -7.405  13.526  -19.751 1.00 72.32 ? 119 GLU A O   1 
ATOM   1050 C  CB  . GLU A 1 138 ? -5.268  11.860  -19.370 1.00 68.23 ? 119 GLU A CB  1 
ATOM   1051 N  N   . SER A 1 139 ? -6.487  15.367  -18.814 1.00 71.58 ? 120 SER A N   1 
ATOM   1052 C  CA  . SER A 1 139 ? -7.643  16.241  -19.044 1.00 71.93 ? 120 SER A CA  1 
ATOM   1053 C  C   . SER A 1 139 ? -7.256  17.714  -18.905 1.00 72.59 ? 120 SER A C   1 
ATOM   1054 O  O   . SER A 1 139 ? -6.114  18.043  -18.573 1.00 73.08 ? 120 SER A O   1 
ATOM   1055 C  CB  . SER A 1 139 ? -8.789  15.910  -18.077 1.00 72.33 ? 120 SER A CB  1 
ATOM   1056 O  OG  . SER A 1 139 ? -8.477  16.270  -16.738 1.00 71.92 ? 120 SER A OG  1 
HETATM 1057 O  O   . HOH B 2 .   ? -11.225 -6.977  1.071   1.00 22.12 ? 122 HOH A O   1 
HETATM 1058 O  O   . HOH B 2 .   ? -12.420 7.948   5.073   1.00 22.45 ? 123 HOH A O   1 
HETATM 1059 O  O   . HOH B 2 .   ? -2.380  -4.598  2.226   1.00 25.22 ? 124 HOH A O   1 
HETATM 1060 O  O   . HOH B 2 .   ? -11.468 13.059  5.392   1.00 24.21 ? 125 HOH A O   1 
HETATM 1061 O  O   . HOH B 2 .   ? -7.094  -1.922  8.472   1.00 25.32 ? 126 HOH A O   1 
HETATM 1062 O  O   . HOH B 2 .   ? -11.724 2.800   0.649   1.00 23.69 ? 127 HOH A O   1 
HETATM 1063 O  O   . HOH B 2 .   ? 4.687   5.817   -1.635  1.00 26.68 ? 128 HOH A O   1 
HETATM 1064 O  O   . HOH B 2 .   ? -7.492  -4.571  9.585   1.00 28.61 ? 129 HOH A O   1 
HETATM 1065 O  O   . HOH B 2 .   ? 9.489   -3.540  1.137   1.00 27.97 ? 130 HOH A O   1 
HETATM 1066 O  O   . HOH B 2 .   ? -11.395 -9.327  -0.351  1.00 25.50 ? 131 HOH A O   1 
HETATM 1067 O  O   . HOH B 2 .   ? -6.299  -0.165  10.323  1.00 25.47 ? 132 HOH A O   1 
HETATM 1068 O  O   . HOH B 2 .   ? -8.404  -0.087  1.805   1.00 28.63 ? 133 HOH A O   1 
HETATM 1069 O  O   . HOH B 2 .   ? -1.555  -3.679  -5.046  1.00 26.35 ? 134 HOH A O   1 
HETATM 1070 O  O   . HOH B 2 .   ? -3.383  -13.261 7.533   1.00 26.29 ? 135 HOH A O   1 
HETATM 1071 O  O   . HOH B 2 .   ? 10.145  -16.030 5.626   1.00 33.75 ? 136 HOH A O   1 
HETATM 1072 O  O   . HOH B 2 .   ? 1.346   -18.960 12.119  0.50 35.16 ? 137 HOH A O   1 
HETATM 1073 O  O   . HOH B 2 .   ? 8.700   -0.829  -2.192  1.00 33.31 ? 138 HOH A O   1 
HETATM 1074 O  O   . HOH B 2 .   ? -6.250  15.729  8.556   1.00 33.09 ? 139 HOH A O   1 
HETATM 1075 O  O   . HOH B 2 .   ? -2.860  -15.126 10.520  1.00 45.10 ? 140 HOH A O   1 
HETATM 1076 O  O   . HOH B 2 .   ? -11.747 1.358   5.526   0.50 20.72 ? 141 HOH A O   1 
HETATM 1077 O  O   . HOH B 2 .   ? 14.608  -0.565  3.954   1.00 34.47 ? 142 HOH A O   1 
HETATM 1078 O  O   . HOH B 2 .   ? -9.661  1.574   3.561   1.00 27.04 ? 143 HOH A O   1 
HETATM 1079 O  O   . HOH B 2 .   ? -12.850 -12.505 0.761   1.00 34.47 ? 144 HOH A O   1 
HETATM 1080 O  O   . HOH B 2 .   ? -1.384  -18.881 11.446  1.00 37.56 ? 145 HOH A O   1 
HETATM 1081 O  O   . HOH B 2 .   ? -13.182 2.765   7.666   1.00 27.92 ? 146 HOH A O   1 
HETATM 1082 O  O   . HOH B 2 .   ? -0.539  -7.240  0.740   1.00 28.79 ? 147 HOH A O   1 
HETATM 1083 O  O   . HOH B 2 .   ? 5.320   -12.813 10.208  1.00 28.85 ? 148 HOH A O   1 
HETATM 1084 O  O   . HOH B 2 .   ? -7.009  15.950  -7.684  1.00 40.65 ? 149 HOH A O   1 
HETATM 1085 O  O   . HOH B 2 .   ? -8.372  -18.562 5.380   1.00 36.59 ? 150 HOH A O   1 
HETATM 1086 O  O   . HOH B 2 .   ? -5.132  -20.101 6.056   1.00 39.05 ? 151 HOH A O   1 
HETATM 1087 O  O   . HOH B 2 .   ? -11.916 -12.203 -2.882  1.00 41.81 ? 152 HOH A O   1 
HETATM 1088 O  O   . HOH B 2 .   ? 10.755  -14.927 3.364   1.00 39.75 ? 153 HOH A O   1 
HETATM 1089 O  O   . HOH B 2 .   ? -2.079  6.827   9.792   1.00 36.79 ? 154 HOH A O   1 
HETATM 1090 O  O   . HOH B 2 .   ? -7.065  -9.631  -6.585  1.00 39.35 ? 155 HOH A O   1 
HETATM 1091 O  O   . HOH B 2 .   ? 2.251   0.211   -9.234  1.00 35.20 ? 156 HOH A O   1 
HETATM 1092 O  O   . HOH B 2 .   ? 13.140  0.828   11.771  1.00 42.18 ? 157 HOH A O   1 
HETATM 1093 O  O   . HOH B 2 .   ? 0.936   16.142  5.110   1.00 39.02 ? 158 HOH A O   1 
HETATM 1094 O  O   . HOH B 2 .   ? 8.010   -9.814  -2.957  1.00 40.12 ? 159 HOH A O   1 
HETATM 1095 O  O   . HOH B 2 .   ? 1.928   1.649   7.179   1.00 45.94 ? 160 HOH A O   1 
HETATM 1096 O  O   . HOH B 2 .   ? -1.887  4.662   8.298   1.00 37.71 ? 161 HOH A O   1 
HETATM 1097 O  O   . HOH B 2 .   ? -2.799  17.960  -3.992  1.00 59.01 ? 162 HOH A O   1 
HETATM 1098 O  O   . HOH B 2 .   ? 0.301   -13.092 10.253  1.00 50.25 ? 163 HOH A O   1 
HETATM 1099 O  O   . HOH B 2 .   ? 1.142   -8.277  11.083  1.00 37.54 ? 164 HOH A O   1 
HETATM 1100 O  O   . HOH B 2 .   ? 14.359  -7.606  2.996   1.00 40.42 ? 165 HOH A O   1 
HETATM 1101 O  O   . HOH B 2 .   ? 1.452   -2.422  -9.045  1.00 47.57 ? 166 HOH A O   1 
HETATM 1102 O  O   . HOH B 2 .   ? 4.735   -15.429 -5.280  1.00 46.65 ? 167 HOH A O   1 
HETATM 1103 O  O   . HOH B 2 .   ? -13.329 -8.618  -4.027  1.00 36.05 ? 168 HOH A O   1 
HETATM 1104 O  O   . HOH B 2 .   ? 13.833  -5.150  1.645   1.00 48.47 ? 169 HOH A O   1 
HETATM 1105 O  O   . HOH B 2 .   ? -12.565 -15.201 0.320   1.00 43.47 ? 170 HOH A O   1 
HETATM 1106 O  O   . HOH B 2 .   ? -5.938  4.103   10.892  1.00 45.08 ? 171 HOH A O   1 
HETATM 1107 O  O   . HOH B 2 .   ? 20.334  -10.690 12.979  1.00 49.57 ? 172 HOH A O   1 
HETATM 1108 O  O   . HOH B 2 .   ? -1.102  16.982  -1.643  1.00 38.97 ? 173 HOH A O   1 
HETATM 1109 O  O   . HOH B 2 .   ? 5.539   -20.267 9.273   1.00 50.35 ? 174 HOH A O   1 
HETATM 1110 O  O   . HOH B 2 .   ? -8.534  -15.970 7.364   1.00 39.37 ? 175 HOH A O   1 
HETATM 1111 O  O   . HOH B 2 .   ? 1.126   -19.942 -2.488  1.00 43.20 ? 176 HOH A O   1 
HETATM 1112 O  O   . HOH B 2 .   ? -0.430  -1.267  11.132  1.00 51.66 ? 177 HOH A O   1 
HETATM 1113 O  O   . HOH B 2 .   ? 0.238   1.324   -10.567 1.00 49.17 ? 178 HOH A O   1 
HETATM 1114 O  O   . HOH B 2 .   ? -9.345  -2.053  -8.722  1.00 41.37 ? 179 HOH A O   1 
HETATM 1115 O  O   . HOH B 2 .   ? -4.676  -1.287  12.376  1.00 52.63 ? 180 HOH A O   1 
HETATM 1116 O  O   . HOH B 2 .   ? -3.784  5.949   11.654  1.00 57.97 ? 181 HOH A O   1 
HETATM 1117 O  O   . HOH B 2 .   ? 0.175   1.127   10.549  1.00 51.32 ? 182 HOH A O   1 
HETATM 1118 O  O   . HOH B 2 .   ? 18.548  -14.443 5.878   1.00 49.67 ? 183 HOH A O   1 
HETATM 1119 O  O   . HOH B 2 .   ? 15.680  -0.363  6.947   1.00 52.39 ? 184 HOH A O   1 
HETATM 1120 O  O   . HOH B 2 .   ? -2.232  -21.540 11.905  1.00 49.29 ? 185 HOH A O   1 
HETATM 1121 O  O   . HOH B 2 .   ? 3.318   10.898  6.315   1.00 41.63 ? 186 HOH A O   1 
HETATM 1122 O  O   . HOH B 2 .   ? -10.432 -16.833 0.693   1.00 51.02 ? 187 HOH A O   1 
HETATM 1123 O  O   . HOH B 2 .   ? 12.837  -18.142 10.219  1.00 51.24 ? 188 HOH A O   1 
HETATM 1124 O  O   . HOH B 2 .   ? 9.710   -19.955 -0.792  1.00 58.74 ? 189 HOH A O   1 
HETATM 1125 O  O   . HOH B 2 .   ? 11.190  8.539   0.938   1.00 56.44 ? 190 HOH A O   1 
HETATM 1126 O  O   . HOH B 2 .   ? -10.165 17.406  -7.147  1.00 55.28 ? 191 HOH A O   1 
HETATM 1127 O  O   . HOH B 2 .   ? 1.273   -9.234  -6.834  1.00 52.25 ? 192 HOH A O   1 
HETATM 1128 O  O   . HOH B 2 .   ? -10.273 12.535  -12.138 1.00 53.12 ? 193 HOH A O   1 
HETATM 1129 O  O   . HOH B 2 .   ? 2.952   -13.729 11.124  1.00 50.42 ? 194 HOH A O   1 
HETATM 1130 O  O   . HOH B 2 .   ? -11.348 6.354   -9.927  1.00 49.98 ? 195 HOH A O   1 
HETATM 1131 O  O   . HOH B 2 .   ? 18.134  -4.208  9.826   1.00 46.06 ? 196 HOH A O   1 
HETATM 1132 O  O   . HOH B 2 .   ? -12.293 4.005   -2.148  1.00 44.97 ? 197 HOH A O   1 
HETATM 1133 O  O   . HOH B 2 .   ? -5.590  -11.912 -6.471  1.00 53.85 ? 198 HOH A O   1 
HETATM 1134 O  O   . HOH B 2 .   ? -14.566 13.305  -0.476  1.00 55.76 ? 199 HOH A O   1 
HETATM 1135 O  O   . HOH B 2 .   ? -8.077  0.050   -12.835 1.00 57.95 ? 200 HOH A O   1 
HETATM 1136 O  O   . HOH B 2 .   ? -12.758 13.700  1.245   1.00 43.63 ? 201 HOH A O   1 
HETATM 1137 O  O   . HOH B 2 .   ? 6.629   -25.146 3.313   1.00 60.63 ? 202 HOH A O   1 
HETATM 1138 O  O   . HOH B 2 .   ? 4.721   -20.800 12.093  1.00 51.29 ? 203 HOH A O   1 
HETATM 1139 O  O   . HOH B 2 .   ? 13.295  -13.623 3.148   1.00 60.60 ? 204 HOH A O   1 
HETATM 1140 O  O   . HOH B 2 .   ? 11.203  -4.472  -0.547  1.00 39.05 ? 205 HOH A O   1 
HETATM 1141 O  O   . HOH B 2 .   ? 7.175   6.657   -2.082  1.00 44.30 ? 206 HOH A O   1 
HETATM 1142 O  O   . HOH B 2 .   ? -3.877  14.380  9.895   1.00 50.48 ? 207 HOH A O   1 
HETATM 1143 O  O   . HOH B 2 .   ? -7.997  -16.677 -3.634  1.00 44.24 ? 208 HOH A O   1 
HETATM 1144 O  O   . HOH B 2 .   ? -8.031  6.515   -15.160 1.00 50.16 ? 209 HOH A O   1 
HETATM 1145 O  O   . HOH B 2 .   ? 15.722  -13.407 13.326  1.00 32.15 ? 210 HOH A O   1 
HETATM 1146 O  O   . HOH B 2 .   ? 13.610  -14.390 12.902  1.00 36.57 ? 211 HOH A O   1 
HETATM 1147 O  O   . HOH B 2 .   ? -3.406  17.630  5.758   1.00 62.21 ? 212 HOH A O   1 
HETATM 1148 O  O   . HOH B 2 .   ? 7.336   0.010   -4.179  1.00 48.30 ? 213 HOH A O   1 
HETATM 1149 O  O   . HOH B 2 .   ? 4.400   -21.507 5.235   1.00 53.08 ? 214 HOH A O   1 
HETATM 1150 O  O   . HOH B 2 .   ? -6.009  17.414  5.856   1.00 42.30 ? 215 HOH A O   1 
HETATM 1151 O  O   . HOH B 2 .   ? 7.124   11.412  3.955   1.00 56.31 ? 216 HOH A O   1 
HETATM 1152 O  O   . HOH B 2 .   ? 12.724  -10.168 1.845   1.00 58.13 ? 217 HOH A O   1 
HETATM 1153 O  O   . HOH B 2 .   ? 11.699  -10.069 -0.260  1.00 57.26 ? 218 HOH A O   1 
# 
